data_6AUO
# 
_entry.id   6AUO 
# 
_audit_conform.dict_name       mmcif_pdbx.dic 
_audit_conform.dict_version    5.379 
_audit_conform.dict_location   http://mmcif.pdb.org/dictionaries/ascii/mmcif_pdbx.dic 
# 
loop_
_database_2.database_id 
_database_2.database_code 
_database_2.pdbx_database_accession 
_database_2.pdbx_DOI 
PDB   6AUO         pdb_00006auo 10.2210/pdb6auo/pdb 
WWPDB D_1000229885 ?            ?                   
# 
_pdbx_database_status.status_code                     REL 
_pdbx_database_status.status_code_sf                  REL 
_pdbx_database_status.status_code_mr                  ? 
_pdbx_database_status.entry_id                        6AUO 
_pdbx_database_status.recvd_initial_deposition_date   2017-09-01 
_pdbx_database_status.SG_entry                        N 
_pdbx_database_status.deposit_site                    RCSB 
_pdbx_database_status.process_site                    RCSB 
_pdbx_database_status.status_code_cs                  ? 
_pdbx_database_status.methods_development_category    ? 
_pdbx_database_status.pdb_format_compatible           Y 
_pdbx_database_status.status_code_nmr_data            ? 
# 
loop_
_audit_author.name 
_audit_author.pdbx_ordinal 
_audit_author.identifier_ORCID 
'Olshansky, L.'      1 ? 
'Vallapurakal, J.'   2 ? 
'Huerta-Lavorie, R.' 3 ? 
'Nguyen, A.I.'       4 ? 
'Tilley, T.D.'       5 ? 
'Borovik, A.S.'      6 ? 
# 
_citation.abstract                  ? 
_citation.abstract_id_CAS           ? 
_citation.book_id_ISBN              ? 
_citation.book_publisher            ? 
_citation.book_publisher_city       ? 
_citation.book_title                ? 
_citation.coordinate_linkage        ? 
_citation.country                   US 
_citation.database_id_Medline       ? 
_citation.details                   ? 
_citation.id                        primary 
_citation.journal_abbrev            'J. Am. Chem. Soc.' 
_citation.journal_id_ASTM           JACSAT 
_citation.journal_id_CSD            ? 
_citation.journal_id_ISSN           1520-5126 
_citation.journal_full              ? 
_citation.journal_issue             ? 
_citation.journal_volume            140 
_citation.language                  ? 
_citation.page_first                2739 
_citation.page_last                 2742 
_citation.title                     'Artificial Metalloproteins Containing Co' 
_citation.year                      2018 
_citation.database_id_CSD           ? 
_citation.pdbx_database_id_DOI      10.1021/jacs.7b13052 
_citation.pdbx_database_id_PubMed   29401385 
_citation.unpublished_flag          ? 
# 
loop_
_citation_author.citation_id 
_citation_author.name 
_citation_author.ordinal 
_citation_author.identifier_ORCID 
primary 'Olshansky, L.'      1 ? 
primary 'Huerta-Lavorie, R.' 2 ? 
primary 'Nguyen, A.I.'       3 ? 
primary 'Vallapurackal, J.'  4 ? 
primary 'Furst, A.'          5 ? 
primary 'Tilley, T.D.'       6 ? 
primary 'Borovik, A.S.'      7 ? 
# 
_cell.angle_alpha                  90.00 
_cell.angle_alpha_esd              ? 
_cell.angle_beta                   90.00 
_cell.angle_beta_esd               ? 
_cell.angle_gamma                  90.00 
_cell.angle_gamma_esd              ? 
_cell.entry_id                     6AUO 
_cell.details                      ? 
_cell.formula_units_Z              ? 
_cell.length_a                     57.555 
_cell.length_a_esd                 ? 
_cell.length_b                     57.555 
_cell.length_b_esd                 ? 
_cell.length_c                     183.719 
_cell.length_c_esd                 ? 
_cell.volume                       ? 
_cell.volume_esd                   ? 
_cell.Z_PDB                        16 
_cell.reciprocal_angle_alpha       ? 
_cell.reciprocal_angle_beta        ? 
_cell.reciprocal_angle_gamma       ? 
_cell.reciprocal_angle_alpha_esd   ? 
_cell.reciprocal_angle_beta_esd    ? 
_cell.reciprocal_angle_gamma_esd   ? 
_cell.reciprocal_length_a          ? 
_cell.reciprocal_length_b          ? 
_cell.reciprocal_length_c          ? 
_cell.reciprocal_length_a_esd      ? 
_cell.reciprocal_length_b_esd      ? 
_cell.reciprocal_length_c_esd      ? 
_cell.pdbx_unique_axis             ? 
# 
_symmetry.entry_id                         6AUO 
_symmetry.cell_setting                     ? 
_symmetry.Int_Tables_number                98 
_symmetry.space_group_name_Hall            ? 
_symmetry.space_group_name_H-M             'I 41 2 2' 
_symmetry.pdbx_full_space_group_name_H-M   ? 
# 
loop_
_entity.id 
_entity.type 
_entity.src_method 
_entity.pdbx_description 
_entity.formula_weight 
_entity.pdbx_number_of_molecules 
_entity.pdbx_ec 
_entity.pdbx_mutation 
_entity.pdbx_fragment 
_entity.details 
1 polymer     man Streptavidin                                     16571.025 1  ? 'E101Q, S112F, K121A' ? ? 
2 non-polymer syn 'N-biotin-C-Co4(mu3-O)4(Py)3(H2O)4-beta-alanine' 916.416   1  ? ?                     ? ? 
3 water       nat water                                            18.015    36 ? ?                     ? ? 
# 
_entity_poly.entity_id                      1 
_entity_poly.type                           'polypeptide(L)' 
_entity_poly.nstd_linkage                   no 
_entity_poly.nstd_monomer                   no 
_entity_poly.pdbx_seq_one_letter_code       
;MASMTGGQQMGRDEAGITGTWYNQLGSTFIVTAGADGALTGTYESAVGNAESRYVLTGRYDSAPATDGSGTALGWTVAWK
NNYRNAHSATTWSGQYVGGAQARINTQWLLTFGTTEANAWASTLVGHDTFTKVKPSAASIDAAKKAGVNNGNPLDAVQQ
;
_entity_poly.pdbx_seq_one_letter_code_can   
;MASMTGGQQMGRDEAGITGTWYNQLGSTFIVTAGADGALTGTYESAVGNAESRYVLTGRYDSAPATDGSGTALGWTVAWK
NNYRNAHSATTWSGQYVGGAQARINTQWLLTFGTTEANAWASTLVGHDTFTKVKPSAASIDAAKKAGVNNGNPLDAVQQ
;
_entity_poly.pdbx_strand_id                 A 
_entity_poly.pdbx_target_identifier         ? 
# 
loop_
_entity_poly_seq.entity_id 
_entity_poly_seq.num 
_entity_poly_seq.mon_id 
_entity_poly_seq.hetero 
1 1   MET n 
1 2   ALA n 
1 3   SER n 
1 4   MET n 
1 5   THR n 
1 6   GLY n 
1 7   GLY n 
1 8   GLN n 
1 9   GLN n 
1 10  MET n 
1 11  GLY n 
1 12  ARG n 
1 13  ASP n 
1 14  GLU n 
1 15  ALA n 
1 16  GLY n 
1 17  ILE n 
1 18  THR n 
1 19  GLY n 
1 20  THR n 
1 21  TRP n 
1 22  TYR n 
1 23  ASN n 
1 24  GLN n 
1 25  LEU n 
1 26  GLY n 
1 27  SER n 
1 28  THR n 
1 29  PHE n 
1 30  ILE n 
1 31  VAL n 
1 32  THR n 
1 33  ALA n 
1 34  GLY n 
1 35  ALA n 
1 36  ASP n 
1 37  GLY n 
1 38  ALA n 
1 39  LEU n 
1 40  THR n 
1 41  GLY n 
1 42  THR n 
1 43  TYR n 
1 44  GLU n 
1 45  SER n 
1 46  ALA n 
1 47  VAL n 
1 48  GLY n 
1 49  ASN n 
1 50  ALA n 
1 51  GLU n 
1 52  SER n 
1 53  ARG n 
1 54  TYR n 
1 55  VAL n 
1 56  LEU n 
1 57  THR n 
1 58  GLY n 
1 59  ARG n 
1 60  TYR n 
1 61  ASP n 
1 62  SER n 
1 63  ALA n 
1 64  PRO n 
1 65  ALA n 
1 66  THR n 
1 67  ASP n 
1 68  GLY n 
1 69  SER n 
1 70  GLY n 
1 71  THR n 
1 72  ALA n 
1 73  LEU n 
1 74  GLY n 
1 75  TRP n 
1 76  THR n 
1 77  VAL n 
1 78  ALA n 
1 79  TRP n 
1 80  LYS n 
1 81  ASN n 
1 82  ASN n 
1 83  TYR n 
1 84  ARG n 
1 85  ASN n 
1 86  ALA n 
1 87  HIS n 
1 88  SER n 
1 89  ALA n 
1 90  THR n 
1 91  THR n 
1 92  TRP n 
1 93  SER n 
1 94  GLY n 
1 95  GLN n 
1 96  TYR n 
1 97  VAL n 
1 98  GLY n 
1 99  GLY n 
1 100 ALA n 
1 101 GLN n 
1 102 ALA n 
1 103 ARG n 
1 104 ILE n 
1 105 ASN n 
1 106 THR n 
1 107 GLN n 
1 108 TRP n 
1 109 LEU n 
1 110 LEU n 
1 111 THR n 
1 112 PHE n 
1 113 GLY n 
1 114 THR n 
1 115 THR n 
1 116 GLU n 
1 117 ALA n 
1 118 ASN n 
1 119 ALA n 
1 120 TRP n 
1 121 ALA n 
1 122 SER n 
1 123 THR n 
1 124 LEU n 
1 125 VAL n 
1 126 GLY n 
1 127 HIS n 
1 128 ASP n 
1 129 THR n 
1 130 PHE n 
1 131 THR n 
1 132 LYS n 
1 133 VAL n 
1 134 LYS n 
1 135 PRO n 
1 136 SER n 
1 137 ALA n 
1 138 ALA n 
1 139 SER n 
1 140 ILE n 
1 141 ASP n 
1 142 ALA n 
1 143 ALA n 
1 144 LYS n 
1 145 LYS n 
1 146 ALA n 
1 147 GLY n 
1 148 VAL n 
1 149 ASN n 
1 150 ASN n 
1 151 GLY n 
1 152 ASN n 
1 153 PRO n 
1 154 LEU n 
1 155 ASP n 
1 156 ALA n 
1 157 VAL n 
1 158 GLN n 
1 159 GLN n 
# 
_entity_src_gen.entity_id                          1 
_entity_src_gen.pdbx_src_id                        1 
_entity_src_gen.pdbx_alt_source_flag               sample 
_entity_src_gen.pdbx_seq_type                      'Biological sequence' 
_entity_src_gen.pdbx_beg_seq_num                   1 
_entity_src_gen.pdbx_end_seq_num                   159 
_entity_src_gen.gene_src_common_name               ? 
_entity_src_gen.gene_src_genus                     ? 
_entity_src_gen.pdbx_gene_src_gene                 ? 
_entity_src_gen.gene_src_species                   ? 
_entity_src_gen.gene_src_strain                    ? 
_entity_src_gen.gene_src_tissue                    ? 
_entity_src_gen.gene_src_tissue_fraction           ? 
_entity_src_gen.gene_src_details                   ? 
_entity_src_gen.pdbx_gene_src_fragment             ? 
_entity_src_gen.pdbx_gene_src_scientific_name      'Streptomyces avidinii' 
_entity_src_gen.pdbx_gene_src_ncbi_taxonomy_id     1895 
_entity_src_gen.pdbx_gene_src_variant              ? 
_entity_src_gen.pdbx_gene_src_cell_line            ? 
_entity_src_gen.pdbx_gene_src_atcc                 ? 
_entity_src_gen.pdbx_gene_src_organ                ? 
_entity_src_gen.pdbx_gene_src_organelle            ? 
_entity_src_gen.pdbx_gene_src_cell                 ? 
_entity_src_gen.pdbx_gene_src_cellular_location    ? 
_entity_src_gen.host_org_common_name               ? 
_entity_src_gen.pdbx_host_org_scientific_name      'Escherichia coli' 
_entity_src_gen.pdbx_host_org_ncbi_taxonomy_id     562 
_entity_src_gen.host_org_genus                     ? 
_entity_src_gen.pdbx_host_org_gene                 ? 
_entity_src_gen.pdbx_host_org_organ                ? 
_entity_src_gen.host_org_species                   ? 
_entity_src_gen.pdbx_host_org_tissue               ? 
_entity_src_gen.pdbx_host_org_tissue_fraction      ? 
_entity_src_gen.pdbx_host_org_strain               ? 
_entity_src_gen.pdbx_host_org_variant              ? 
_entity_src_gen.pdbx_host_org_cell_line            ? 
_entity_src_gen.pdbx_host_org_atcc                 ? 
_entity_src_gen.pdbx_host_org_culture_collection   ? 
_entity_src_gen.pdbx_host_org_cell                 ? 
_entity_src_gen.pdbx_host_org_organelle            ? 
_entity_src_gen.pdbx_host_org_cellular_location    ? 
_entity_src_gen.pdbx_host_org_vector_type          ? 
_entity_src_gen.pdbx_host_org_vector               ? 
_entity_src_gen.host_org_details                   ? 
_entity_src_gen.expression_system_id               ? 
_entity_src_gen.plasmid_name                       ? 
_entity_src_gen.plasmid_details                    ? 
_entity_src_gen.pdbx_description                   ? 
# 
_struct_ref.id                         1 
_struct_ref.db_name                    UNP 
_struct_ref.db_code                    SAV_STRAV 
_struct_ref.pdbx_db_accession          P22629 
_struct_ref.pdbx_db_isoform            ? 
_struct_ref.entity_id                  1 
_struct_ref.pdbx_seq_one_letter_code   
;EAGITGTWYNQLGSTFIVTAGADGALTGTYESAVGNAESRYVLTGRYDSAPATDGSGTALGWTVAWKNNYRNAHSATTWS
GQYVGGAEARINTQWLLTSGTTEANAWKSTLVGHDTFTKVKPSAASIDAAKKAGVNNGNPLDAVQQ
;
_struct_ref.pdbx_align_begin           38 
# 
_struct_ref_seq.align_id                      1 
_struct_ref_seq.ref_id                        1 
_struct_ref_seq.pdbx_PDB_id_code              6AUO 
_struct_ref_seq.pdbx_strand_id                A 
_struct_ref_seq.seq_align_beg                 14 
_struct_ref_seq.pdbx_seq_align_beg_ins_code   ? 
_struct_ref_seq.seq_align_end                 159 
_struct_ref_seq.pdbx_seq_align_end_ins_code   ? 
_struct_ref_seq.pdbx_db_accession             P22629 
_struct_ref_seq.db_align_beg                  38 
_struct_ref_seq.pdbx_db_align_beg_ins_code    ? 
_struct_ref_seq.db_align_end                  183 
_struct_ref_seq.pdbx_db_align_end_ins_code    ? 
_struct_ref_seq.pdbx_auth_seq_align_beg       14 
_struct_ref_seq.pdbx_auth_seq_align_end       159 
# 
loop_
_struct_ref_seq_dif.align_id 
_struct_ref_seq_dif.pdbx_pdb_id_code 
_struct_ref_seq_dif.mon_id 
_struct_ref_seq_dif.pdbx_pdb_strand_id 
_struct_ref_seq_dif.seq_num 
_struct_ref_seq_dif.pdbx_pdb_ins_code 
_struct_ref_seq_dif.pdbx_seq_db_name 
_struct_ref_seq_dif.pdbx_seq_db_accession_code 
_struct_ref_seq_dif.db_mon_id 
_struct_ref_seq_dif.pdbx_seq_db_seq_num 
_struct_ref_seq_dif.details 
_struct_ref_seq_dif.pdbx_auth_seq_num 
_struct_ref_seq_dif.pdbx_ordinal 
1 6AUO MET A 1   ? UNP P22629 ?   ?   'expression tag'      1   1  
1 6AUO ALA A 2   ? UNP P22629 ?   ?   'expression tag'      2   2  
1 6AUO SER A 3   ? UNP P22629 ?   ?   'expression tag'      3   3  
1 6AUO MET A 4   ? UNP P22629 ?   ?   'expression tag'      4   4  
1 6AUO THR A 5   ? UNP P22629 ?   ?   'expression tag'      5   5  
1 6AUO GLY A 6   ? UNP P22629 ?   ?   'expression tag'      6   6  
1 6AUO GLY A 7   ? UNP P22629 ?   ?   'expression tag'      7   7  
1 6AUO GLN A 8   ? UNP P22629 ?   ?   'expression tag'      8   8  
1 6AUO GLN A 9   ? UNP P22629 ?   ?   'expression tag'      9   9  
1 6AUO MET A 10  ? UNP P22629 ?   ?   'expression tag'      10  10 
1 6AUO GLY A 11  ? UNP P22629 ?   ?   'expression tag'      11  11 
1 6AUO ARG A 12  ? UNP P22629 ?   ?   'expression tag'      12  12 
1 6AUO ASP A 13  ? UNP P22629 ?   ?   'expression tag'      13  13 
1 6AUO GLN A 101 ? UNP P22629 GLU 125 'engineered mutation' 101 14 
1 6AUO PHE A 112 ? UNP P22629 SER 136 'engineered mutation' 112 15 
1 6AUO ALA A 121 ? UNP P22629 LYS 145 'engineered mutation' 121 16 
# 
loop_
_chem_comp.id 
_chem_comp.type 
_chem_comp.mon_nstd_flag 
_chem_comp.name 
_chem_comp.pdbx_synonyms 
_chem_comp.formula 
_chem_comp.formula_weight 
ALA 'L-peptide linking' y ALANINE                                          ? 'C3 H7 N O2'           89.093  
ARG 'L-peptide linking' y ARGININE                                         ? 'C6 H15 N4 O2 1'       175.209 
ASN 'L-peptide linking' y ASPARAGINE                                       ? 'C4 H8 N2 O3'          132.118 
ASP 'L-peptide linking' y 'ASPARTIC ACID'                                  ? 'C4 H7 N O4'           133.103 
GLN 'L-peptide linking' y GLUTAMINE                                        ? 'C5 H10 N2 O3'         146.144 
GLU 'L-peptide linking' y 'GLUTAMIC ACID'                                  ? 'C5 H9 N O4'           147.129 
GLY 'peptide linking'   y GLYCINE                                          ? 'C2 H5 N O2'           75.067  
HIS 'L-peptide linking' y HISTIDINE                                        ? 'C6 H10 N3 O2 1'       156.162 
HOH non-polymer         . WATER                                            ? 'H2 O'                 18.015  
ILE 'L-peptide linking' y ISOLEUCINE                                       ? 'C6 H13 N O2'          131.173 
LEU 'L-peptide linking' y LEUCINE                                          ? 'C6 H13 N O2'          131.173 
LYS 'L-peptide linking' y LYSINE                                           ? 'C6 H15 N2 O2 1'       147.195 
MET 'L-peptide linking' y METHIONINE                                       ? 'C5 H11 N O2 S'        149.211 
OL4 non-polymer         . 'N-biotin-C-Co4(mu3-O)4(Py)3(H2O)4-beta-alanine' ? 'C28 H36 Co4 N6 O12 S' 916.416 
PHE 'L-peptide linking' y PHENYLALANINE                                    ? 'C9 H11 N O2'          165.189 
PRO 'L-peptide linking' y PROLINE                                          ? 'C5 H9 N O2'           115.130 
SER 'L-peptide linking' y SERINE                                           ? 'C3 H7 N O3'           105.093 
THR 'L-peptide linking' y THREONINE                                        ? 'C4 H9 N O3'           119.119 
TRP 'L-peptide linking' y TRYPTOPHAN                                       ? 'C11 H12 N2 O2'        204.225 
TYR 'L-peptide linking' y TYROSINE                                         ? 'C9 H11 N O3'          181.189 
VAL 'L-peptide linking' y VALINE                                           ? 'C5 H11 N O2'          117.146 
# 
_exptl.absorpt_coefficient_mu     ? 
_exptl.absorpt_correction_T_max   ? 
_exptl.absorpt_correction_T_min   ? 
_exptl.absorpt_correction_type    ? 
_exptl.absorpt_process_details    ? 
_exptl.entry_id                   6AUO 
_exptl.crystals_number            1 
_exptl.details                    ? 
_exptl.method                     'X-RAY DIFFRACTION' 
_exptl.method_details             ? 
# 
_exptl_crystal.colour                      ? 
_exptl_crystal.density_diffrn              ? 
_exptl_crystal.density_Matthews            2.30 
_exptl_crystal.density_method              ? 
_exptl_crystal.density_percent_sol         46.41 
_exptl_crystal.description                 ? 
_exptl_crystal.F_000                       ? 
_exptl_crystal.id                          1 
_exptl_crystal.preparation                 ? 
_exptl_crystal.size_max                    ? 
_exptl_crystal.size_mid                    ? 
_exptl_crystal.size_min                    ? 
_exptl_crystal.size_rad                    ? 
_exptl_crystal.colour_lustre               ? 
_exptl_crystal.colour_modifier             ? 
_exptl_crystal.colour_primary              ? 
_exptl_crystal.density_meas                ? 
_exptl_crystal.density_meas_esd            ? 
_exptl_crystal.density_meas_gt             ? 
_exptl_crystal.density_meas_lt             ? 
_exptl_crystal.density_meas_temp           ? 
_exptl_crystal.density_meas_temp_esd       ? 
_exptl_crystal.density_meas_temp_gt        ? 
_exptl_crystal.density_meas_temp_lt        ? 
_exptl_crystal.pdbx_crystal_image_url      ? 
_exptl_crystal.pdbx_crystal_image_format   ? 
_exptl_crystal.pdbx_mosaicity              ? 
_exptl_crystal.pdbx_mosaicity_esd          ? 
# 
_exptl_crystal_grow.apparatus       ? 
_exptl_crystal_grow.atmosphere      ? 
_exptl_crystal_grow.crystal_id      1 
_exptl_crystal_grow.details         ? 
_exptl_crystal_grow.method          'VAPOR DIFFUSION, SITTING DROP' 
_exptl_crystal_grow.method_ref      ? 
_exptl_crystal_grow.pH              ? 
_exptl_crystal_grow.pressure        ? 
_exptl_crystal_grow.pressure_esd    ? 
_exptl_crystal_grow.seeding         ? 
_exptl_crystal_grow.seeding_ref     ? 
_exptl_crystal_grow.temp            298 
_exptl_crystal_grow.temp_details    ? 
_exptl_crystal_grow.temp_esd        ? 
_exptl_crystal_grow.time            ? 
_exptl_crystal_grow.pdbx_details    '2.6 M ammonium sulfate, 0.1 M sodium acetate, pH 4.0' 
_exptl_crystal_grow.pdbx_pH_range   ? 
# 
_diffrn.ambient_environment    ? 
_diffrn.ambient_temp           100 
_diffrn.ambient_temp_details   ? 
_diffrn.ambient_temp_esd       ? 
_diffrn.crystal_id             1 
_diffrn.crystal_support        ? 
_diffrn.crystal_treatment      ? 
_diffrn.details                ? 
_diffrn.id                     1 
_diffrn.ambient_pressure       ? 
_diffrn.ambient_pressure_esd   ? 
_diffrn.ambient_pressure_gt    ? 
_diffrn.ambient_pressure_lt    ? 
_diffrn.ambient_temp_gt        ? 
_diffrn.ambient_temp_lt        ? 
# 
_diffrn_detector.details                      ? 
_diffrn_detector.detector                     PIXEL 
_diffrn_detector.diffrn_id                    1 
_diffrn_detector.type                         'DECTRIS PILATUS3 6M' 
_diffrn_detector.area_resol_mean              ? 
_diffrn_detector.dtime                        ? 
_diffrn_detector.pdbx_frames_total            ? 
_diffrn_detector.pdbx_collection_time_total   ? 
_diffrn_detector.pdbx_collection_date         2017-08-01 
# 
_diffrn_radiation.collimation                      ? 
_diffrn_radiation.diffrn_id                        1 
_diffrn_radiation.filter_edge                      ? 
_diffrn_radiation.inhomogeneity                    ? 
_diffrn_radiation.monochromator                    ? 
_diffrn_radiation.polarisn_norm                    ? 
_diffrn_radiation.polarisn_ratio                   ? 
_diffrn_radiation.probe                            ? 
_diffrn_radiation.type                             ? 
_diffrn_radiation.xray_symbol                      ? 
_diffrn_radiation.wavelength_id                    1 
_diffrn_radiation.pdbx_monochromatic_or_laue_m_l   M 
_diffrn_radiation.pdbx_wavelength_list             ? 
_diffrn_radiation.pdbx_wavelength                  ? 
_diffrn_radiation.pdbx_diffrn_protocol             'SINGLE WAVELENGTH' 
_diffrn_radiation.pdbx_analyzer                    ? 
_diffrn_radiation.pdbx_scattering_type             x-ray 
# 
_diffrn_radiation_wavelength.id           1 
_diffrn_radiation_wavelength.wavelength   1 
_diffrn_radiation_wavelength.wt           1.0 
# 
_diffrn_source.current                     ? 
_diffrn_source.details                     ? 
_diffrn_source.diffrn_id                   1 
_diffrn_source.power                       ? 
_diffrn_source.size                        ? 
_diffrn_source.source                      SYNCHROTRON 
_diffrn_source.target                      ? 
_diffrn_source.type                        'ALS BEAMLINE 5.0.2' 
_diffrn_source.voltage                     ? 
_diffrn_source.take-off_angle              ? 
_diffrn_source.pdbx_wavelength_list        1 
_diffrn_source.pdbx_wavelength             ? 
_diffrn_source.pdbx_synchrotron_beamline   5.0.2 
_diffrn_source.pdbx_synchrotron_site       ALS 
# 
_reflns.B_iso_Wilson_estimate            ? 
_reflns.entry_id                         6AUO 
_reflns.data_reduction_details           ? 
_reflns.data_reduction_method            ? 
_reflns.d_resolution_high                1.70 
_reflns.d_resolution_low                 54.92 
_reflns.details                          ? 
_reflns.limit_h_max                      ? 
_reflns.limit_h_min                      ? 
_reflns.limit_k_max                      ? 
_reflns.limit_k_min                      ? 
_reflns.limit_l_max                      ? 
_reflns.limit_l_min                      ? 
_reflns.number_all                       ? 
_reflns.number_obs                       27797 
_reflns.observed_criterion               ? 
_reflns.observed_criterion_F_max         ? 
_reflns.observed_criterion_F_min         ? 
_reflns.observed_criterion_I_max         ? 
_reflns.observed_criterion_I_min         ? 
_reflns.observed_criterion_sigma_F       ? 
_reflns.observed_criterion_sigma_I       ? 
_reflns.percent_possible_obs             100 
_reflns.R_free_details                   ? 
_reflns.Rmerge_F_all                     ? 
_reflns.Rmerge_F_obs                     ? 
_reflns.Friedel_coverage                 ? 
_reflns.number_gt                        ? 
_reflns.threshold_expression             ? 
_reflns.pdbx_redundancy                  24.8 
_reflns.pdbx_Rmerge_I_obs                ? 
_reflns.pdbx_Rmerge_I_all                ? 
_reflns.pdbx_Rsym_value                  ? 
_reflns.pdbx_netI_over_av_sigmaI         ? 
_reflns.pdbx_netI_over_sigmaI            16.5 
_reflns.pdbx_res_netI_over_av_sigmaI_2   ? 
_reflns.pdbx_res_netI_over_sigmaI_2      ? 
_reflns.pdbx_chi_squared                 ? 
_reflns.pdbx_scaling_rejects             ? 
_reflns.pdbx_d_res_high_opt              ? 
_reflns.pdbx_d_res_low_opt               ? 
_reflns.pdbx_d_res_opt_method            ? 
_reflns.phase_calculation_details        ? 
_reflns.pdbx_Rrim_I_all                  ? 
_reflns.pdbx_Rpim_I_all                  ? 
_reflns.pdbx_d_opt                       ? 
_reflns.pdbx_number_measured_all         ? 
_reflns.pdbx_diffrn_id                   1 
_reflns.pdbx_ordinal                     1 
_reflns.pdbx_CC_half                     0.995 
_reflns.pdbx_R_split                     ? 
# 
_reflns_shell.d_res_high                  1.70 
_reflns_shell.d_res_low                   1.73 
_reflns_shell.meanI_over_sigI_all         ? 
_reflns_shell.meanI_over_sigI_obs         ? 
_reflns_shell.number_measured_all         ? 
_reflns_shell.number_measured_obs         ? 
_reflns_shell.number_possible             ? 
_reflns_shell.number_unique_all           ? 
_reflns_shell.number_unique_obs           ? 
_reflns_shell.percent_possible_all        ? 
_reflns_shell.percent_possible_obs        ? 
_reflns_shell.Rmerge_F_all                ? 
_reflns_shell.Rmerge_F_obs                ? 
_reflns_shell.Rmerge_I_all                ? 
_reflns_shell.Rmerge_I_obs                ? 
_reflns_shell.meanI_over_sigI_gt          ? 
_reflns_shell.meanI_over_uI_all           ? 
_reflns_shell.meanI_over_uI_gt            ? 
_reflns_shell.number_measured_gt          ? 
_reflns_shell.number_unique_gt            ? 
_reflns_shell.percent_possible_gt         ? 
_reflns_shell.Rmerge_F_gt                 ? 
_reflns_shell.Rmerge_I_gt                 ? 
_reflns_shell.pdbx_redundancy             ? 
_reflns_shell.pdbx_Rsym_value             ? 
_reflns_shell.pdbx_chi_squared            ? 
_reflns_shell.pdbx_netI_over_sigmaI_all   ? 
_reflns_shell.pdbx_netI_over_sigmaI_obs   ? 
_reflns_shell.pdbx_Rrim_I_all             ? 
_reflns_shell.pdbx_Rpim_I_all             ? 
_reflns_shell.pdbx_rejects                ? 
_reflns_shell.pdbx_ordinal                1 
_reflns_shell.pdbx_diffrn_id              1 
_reflns_shell.pdbx_CC_half                ? 
_reflns_shell.pdbx_R_split                ? 
# 
_refine.aniso_B[1][1]                            -0.16 
_refine.aniso_B[1][2]                            -0.00 
_refine.aniso_B[1][3]                            -0.00 
_refine.aniso_B[2][2]                            -0.16 
_refine.aniso_B[2][3]                            -0.00 
_refine.aniso_B[3][3]                            0.33 
_refine.B_iso_max                                ? 
_refine.B_iso_mean                               20.305 
_refine.B_iso_min                                ? 
_refine.correlation_coeff_Fo_to_Fc               0.950 
_refine.correlation_coeff_Fo_to_Fc_free          0.926 
_refine.details                                  'HYDROGENS HAVE BEEN ADDED IN THE RIDING POSITIONS' 
_refine.diff_density_max                         ? 
_refine.diff_density_max_esd                     ? 
_refine.diff_density_min                         ? 
_refine.diff_density_min_esd                     ? 
_refine.diff_density_rms                         ? 
_refine.diff_density_rms_esd                     ? 
_refine.entry_id                                 6AUO 
_refine.pdbx_refine_id                           'X-RAY DIFFRACTION' 
_refine.ls_abs_structure_details                 ? 
_refine.ls_abs_structure_Flack                   ? 
_refine.ls_abs_structure_Flack_esd               ? 
_refine.ls_abs_structure_Rogers                  ? 
_refine.ls_abs_structure_Rogers_esd              ? 
_refine.ls_d_res_high                            1.70 
_refine.ls_d_res_low                             54.92 
_refine.ls_extinction_coef                       ? 
_refine.ls_extinction_coef_esd                   ? 
_refine.ls_extinction_expression                 ? 
_refine.ls_extinction_method                     ? 
_refine.ls_goodness_of_fit_all                   ? 
_refine.ls_goodness_of_fit_all_esd               ? 
_refine.ls_goodness_of_fit_obs                   ? 
_refine.ls_goodness_of_fit_obs_esd               ? 
_refine.ls_hydrogen_treatment                    ? 
_refine.ls_matrix_type                           ? 
_refine.ls_number_constraints                    ? 
_refine.ls_number_parameters                     ? 
_refine.ls_number_reflns_all                     ? 
_refine.ls_number_reflns_obs                     16601 
_refine.ls_number_reflns_R_free                  874 
_refine.ls_number_reflns_R_work                  ? 
_refine.ls_number_restraints                     ? 
_refine.ls_percent_reflns_obs                    99.62 
_refine.ls_percent_reflns_R_free                 5.0 
_refine.ls_R_factor_all                          ? 
_refine.ls_R_factor_obs                          0.19109 
_refine.ls_R_factor_R_free                       0.22178 
_refine.ls_R_factor_R_free_error                 ? 
_refine.ls_R_factor_R_free_error_details         ? 
_refine.ls_R_factor_R_work                       0.18950 
_refine.ls_R_Fsqd_factor_obs                     ? 
_refine.ls_R_I_factor_obs                        ? 
_refine.ls_redundancy_reflns_all                 ? 
_refine.ls_redundancy_reflns_obs                 ? 
_refine.ls_restrained_S_all                      ? 
_refine.ls_restrained_S_obs                      ? 
_refine.ls_shift_over_esd_max                    ? 
_refine.ls_shift_over_esd_mean                   ? 
_refine.ls_structure_factor_coef                 ? 
_refine.ls_weighting_details                     ? 
_refine.ls_weighting_scheme                      ? 
_refine.ls_wR_factor_all                         ? 
_refine.ls_wR_factor_obs                         ? 
_refine.ls_wR_factor_R_free                      ? 
_refine.ls_wR_factor_R_work                      ? 
_refine.occupancy_max                            ? 
_refine.occupancy_min                            ? 
_refine.solvent_model_details                    MASK 
_refine.solvent_model_param_bsol                 ? 
_refine.solvent_model_param_ksol                 ? 
_refine.ls_R_factor_gt                           ? 
_refine.ls_goodness_of_fit_gt                    ? 
_refine.ls_goodness_of_fit_ref                   ? 
_refine.ls_shift_over_su_max                     ? 
_refine.ls_shift_over_su_max_lt                  ? 
_refine.ls_shift_over_su_mean                    ? 
_refine.ls_shift_over_su_mean_lt                 ? 
_refine.pdbx_ls_sigma_I                          ? 
_refine.pdbx_ls_sigma_F                          ? 
_refine.pdbx_ls_sigma_Fsqd                       ? 
_refine.pdbx_data_cutoff_high_absF               ? 
_refine.pdbx_data_cutoff_high_rms_absF           ? 
_refine.pdbx_data_cutoff_low_absF                ? 
_refine.pdbx_isotropic_thermal_model             ? 
_refine.pdbx_ls_cross_valid_method               THROUGHOUT 
_refine.pdbx_method_to_determine_struct          'MOLECULAR REPLACEMENT' 
_refine.pdbx_starting_model                      2QCB 
_refine.pdbx_stereochemistry_target_values       'MAXIMUM LIKELIHOOD' 
_refine.pdbx_R_Free_selection_details            RANDOM 
_refine.pdbx_stereochem_target_val_spec_case     ? 
_refine.pdbx_overall_ESU_R                       0.093 
_refine.pdbx_overall_ESU_R_Free                  0.095 
_refine.pdbx_solvent_vdw_probe_radii             1.20 
_refine.pdbx_solvent_ion_probe_radii             0.80 
_refine.pdbx_solvent_shrinkage_radii             0.80 
_refine.pdbx_real_space_R                        ? 
_refine.pdbx_density_correlation                 ? 
_refine.pdbx_pd_number_of_powder_patterns        ? 
_refine.pdbx_pd_number_of_points                 ? 
_refine.pdbx_pd_meas_number_of_points            ? 
_refine.pdbx_pd_proc_ls_prof_R_factor            ? 
_refine.pdbx_pd_proc_ls_prof_wR_factor           ? 
_refine.pdbx_pd_Marquardt_correlation_coeff      ? 
_refine.pdbx_pd_Fsqrd_R_factor                   ? 
_refine.pdbx_pd_ls_matrix_band_width             ? 
_refine.pdbx_overall_phase_error                 ? 
_refine.pdbx_overall_SU_R_free_Cruickshank_DPI   ? 
_refine.pdbx_overall_SU_R_free_Blow_DPI          ? 
_refine.pdbx_overall_SU_R_Blow_DPI               ? 
_refine.pdbx_TLS_residual_ADP_flag               ? 
_refine.pdbx_diffrn_id                           1 
_refine.overall_SU_B                             1.661 
_refine.overall_SU_ML                            0.056 
_refine.overall_SU_R_Cruickshank_DPI             ? 
_refine.overall_SU_R_free                        ? 
_refine.overall_FOM_free_R_set                   ? 
_refine.overall_FOM_work_R_set                   ? 
_refine.pdbx_average_fsc_overall                 ? 
_refine.pdbx_average_fsc_work                    ? 
_refine.pdbx_average_fsc_free                    ? 
# 
_refine_hist.pdbx_refine_id                   'X-RAY DIFFRACTION' 
_refine_hist.cycle_id                         1 
_refine_hist.pdbx_number_atoms_protein        916 
_refine_hist.pdbx_number_atoms_nucleic_acid   0 
_refine_hist.pdbx_number_atoms_ligand         44 
_refine_hist.number_atoms_solvent             36 
_refine_hist.number_atoms_total               996 
_refine_hist.d_res_high                       1.70 
_refine_hist.d_res_low                        54.92 
# 
loop_
_refine_ls_restr.pdbx_refine_id 
_refine_ls_restr.criterion 
_refine_ls_restr.dev_ideal 
_refine_ls_restr.dev_ideal_target 
_refine_ls_restr.number 
_refine_ls_restr.rejects 
_refine_ls_restr.type 
_refine_ls_restr.weight 
_refine_ls_restr.pdbx_restraint_function 
'X-RAY DIFFRACTION' ? 0.033  0.020  1002 ? r_bond_refined_d             ? ? 
'X-RAY DIFFRACTION' ? 0.003  0.020  833  ? r_bond_other_d               ? ? 
'X-RAY DIFFRACTION' ? 5.074  2.811  1464 ? r_angle_refined_deg          ? ? 
'X-RAY DIFFRACTION' ? 2.220  3.000  1896 ? r_angle_other_deg            ? ? 
'X-RAY DIFFRACTION' ? 6.813  5.000  121  ? r_dihedral_angle_1_deg       ? ? 
'X-RAY DIFFRACTION' ? 28.425 23.409 44   ? r_dihedral_angle_2_deg       ? ? 
'X-RAY DIFFRACTION' ? 13.001 15.000 126  ? r_dihedral_angle_3_deg       ? ? 
'X-RAY DIFFRACTION' ? 18.719 15.000 6    ? r_dihedral_angle_4_deg       ? ? 
'X-RAY DIFFRACTION' ? 0.232  0.200  150  ? r_chiral_restr               ? ? 
'X-RAY DIFFRACTION' ? 0.014  0.020  1155 ? r_gen_planes_refined         ? ? 
'X-RAY DIFFRACTION' ? 0.001  0.020  251  ? r_gen_planes_other           ? ? 
'X-RAY DIFFRACTION' ? ?      ?      ?    ? r_nbd_refined                ? ? 
'X-RAY DIFFRACTION' ? ?      ?      ?    ? r_nbd_other                  ? ? 
'X-RAY DIFFRACTION' ? ?      ?      ?    ? r_nbtor_refined              ? ? 
'X-RAY DIFFRACTION' ? ?      ?      ?    ? r_nbtor_other                ? ? 
'X-RAY DIFFRACTION' ? ?      ?      ?    ? r_xyhbond_nbd_refined        ? ? 
'X-RAY DIFFRACTION' ? ?      ?      ?    ? r_xyhbond_nbd_other          ? ? 
'X-RAY DIFFRACTION' ? ?      ?      ?    ? r_metal_ion_refined          ? ? 
'X-RAY DIFFRACTION' ? ?      ?      ?    ? r_metal_ion_other            ? ? 
'X-RAY DIFFRACTION' ? ?      ?      ?    ? r_symmetry_vdw_refined       ? ? 
'X-RAY DIFFRACTION' ? ?      ?      ?    ? r_symmetry_vdw_other         ? ? 
'X-RAY DIFFRACTION' ? ?      ?      ?    ? r_symmetry_hbond_refined     ? ? 
'X-RAY DIFFRACTION' ? ?      ?      ?    ? r_symmetry_hbond_other       ? ? 
'X-RAY DIFFRACTION' ? ?      ?      ?    ? r_symmetry_metal_ion_refined ? ? 
'X-RAY DIFFRACTION' ? ?      ?      ?    ? r_symmetry_metal_ion_other   ? ? 
'X-RAY DIFFRACTION' ? 2.504  1.801  487  ? r_mcbond_it                  ? ? 
'X-RAY DIFFRACTION' ? 2.486  1.797  486  ? r_mcbond_other               ? ? 
'X-RAY DIFFRACTION' ? 3.613  2.689  607  ? r_mcangle_it                 ? ? 
'X-RAY DIFFRACTION' ? 3.610  2.693  608  ? r_mcangle_other              ? ? 
'X-RAY DIFFRACTION' ? 4.404  2.295  515  ? r_scbond_it                  ? ? 
'X-RAY DIFFRACTION' ? 3.488  2.094  463  ? r_scbond_other               ? ? 
'X-RAY DIFFRACTION' ? ?      ?      ?    ? r_scangle_it                 ? ? 
'X-RAY DIFFRACTION' ? 5.209  2.989  692  ? r_scangle_other              ? ? 
'X-RAY DIFFRACTION' ? 6.985  22.315 1108 ? r_long_range_B_refined       ? ? 
'X-RAY DIFFRACTION' ? 6.513  21.124 1068 ? r_long_range_B_other         ? ? 
'X-RAY DIFFRACTION' ? ?      ?      ?    ? r_rigid_bond_restr           ? ? 
'X-RAY DIFFRACTION' ? ?      ?      ?    ? r_sphericity_free            ? ? 
'X-RAY DIFFRACTION' ? ?      ?      ?    ? r_sphericity_bonded          ? ? 
# 
_refine_ls_shell.pdbx_refine_id                   'X-RAY DIFFRACTION' 
_refine_ls_shell.d_res_high                       1.700 
_refine_ls_shell.d_res_low                        1.744 
_refine_ls_shell.number_reflns_all                ? 
_refine_ls_shell.number_reflns_obs                ? 
_refine_ls_shell.number_reflns_R_free             77 
_refine_ls_shell.number_reflns_R_work             1183 
_refine_ls_shell.percent_reflns_obs               100.00 
_refine_ls_shell.percent_reflns_R_free            ? 
_refine_ls_shell.R_factor_all                     ? 
_refine_ls_shell.R_factor_obs                     ? 
_refine_ls_shell.R_factor_R_free                  0.232 
_refine_ls_shell.R_factor_R_free_error            ? 
_refine_ls_shell.R_factor_R_work                  0.228 
_refine_ls_shell.redundancy_reflns_all            ? 
_refine_ls_shell.redundancy_reflns_obs            ? 
_refine_ls_shell.wR_factor_all                    ? 
_refine_ls_shell.wR_factor_obs                    ? 
_refine_ls_shell.wR_factor_R_free                 ? 
_refine_ls_shell.wR_factor_R_work                 ? 
_refine_ls_shell.pdbx_total_number_of_bins_used   20 
_refine_ls_shell.pdbx_phase_error                 ? 
_refine_ls_shell.pdbx_fsc_work                    ? 
_refine_ls_shell.pdbx_fsc_free                    ? 
# 
_struct.entry_id                     6AUO 
_struct.title                        'Artificial Metalloproteins Containing a Co4O4 Active Site - 2xm-S112F' 
_struct.pdbx_model_details           ? 
_struct.pdbx_formula_weight          ? 
_struct.pdbx_formula_weight_method   ? 
_struct.pdbx_model_type_details      ? 
_struct.pdbx_CASP_flag               N 
# 
_struct_keywords.entry_id        6AUO 
_struct_keywords.text            
'streptavidin, biotin, artificial metalloprotein, Co4O4, photosynthesis, water oxidation, biomimetic, METAL BINDING PROTEIN' 
_struct_keywords.pdbx_keywords   'METAL BINDING PROTEIN' 
# 
loop_
_struct_asym.id 
_struct_asym.pdbx_blank_PDB_chainid_flag 
_struct_asym.pdbx_modified 
_struct_asym.entity_id 
_struct_asym.details 
A N N 1 ? 
B N N 2 ? 
C N N 3 ? 
# 
loop_
_struct_conf.conf_type_id 
_struct_conf.id 
_struct_conf.pdbx_PDB_helix_id 
_struct_conf.beg_label_comp_id 
_struct_conf.beg_label_asym_id 
_struct_conf.beg_label_seq_id 
_struct_conf.pdbx_beg_PDB_ins_code 
_struct_conf.end_label_comp_id 
_struct_conf.end_label_asym_id 
_struct_conf.end_label_seq_id 
_struct_conf.pdbx_end_PDB_ins_code 
_struct_conf.beg_auth_comp_id 
_struct_conf.beg_auth_asym_id 
_struct_conf.beg_auth_seq_id 
_struct_conf.end_auth_comp_id 
_struct_conf.end_auth_asym_id 
_struct_conf.end_auth_seq_id 
_struct_conf.pdbx_PDB_helix_class 
_struct_conf.details 
_struct_conf.pdbx_PDB_helix_length 
HELX_P HELX_P1 AA1 ASP A 13  ? THR A 18  ? ASP A 13  THR A 18  1 ? 6 
HELX_P HELX_P2 AA2 THR A 115 ? ALA A 121 ? THR A 115 ALA A 121 5 ? 7 
# 
_struct_conf_type.id          HELX_P 
_struct_conf_type.criteria    ? 
_struct_conf_type.reference   ? 
# 
_struct_sheet.id               AA1 
_struct_sheet.type             ? 
_struct_sheet.number_strands   9 
_struct_sheet.details          ? 
# 
loop_
_struct_sheet_order.sheet_id 
_struct_sheet_order.range_id_1 
_struct_sheet_order.range_id_2 
_struct_sheet_order.offset 
_struct_sheet_order.sense 
AA1 1 2 ? anti-parallel 
AA1 2 3 ? anti-parallel 
AA1 3 4 ? anti-parallel 
AA1 4 5 ? anti-parallel 
AA1 5 6 ? anti-parallel 
AA1 6 7 ? anti-parallel 
AA1 7 8 ? anti-parallel 
AA1 8 9 ? anti-parallel 
# 
loop_
_struct_sheet_range.sheet_id 
_struct_sheet_range.id 
_struct_sheet_range.beg_label_comp_id 
_struct_sheet_range.beg_label_asym_id 
_struct_sheet_range.beg_label_seq_id 
_struct_sheet_range.pdbx_beg_PDB_ins_code 
_struct_sheet_range.end_label_comp_id 
_struct_sheet_range.end_label_asym_id 
_struct_sheet_range.end_label_seq_id 
_struct_sheet_range.pdbx_end_PDB_ins_code 
_struct_sheet_range.beg_auth_comp_id 
_struct_sheet_range.beg_auth_asym_id 
_struct_sheet_range.beg_auth_seq_id 
_struct_sheet_range.end_auth_comp_id 
_struct_sheet_range.end_auth_asym_id 
_struct_sheet_range.end_auth_seq_id 
AA1 1 GLY A 19  ? ASN A 23  ? GLY A 19  ASN A 23  
AA1 2 THR A 28  ? ALA A 33  ? THR A 28  ALA A 33  
AA1 3 ALA A 38  ? GLU A 44  ? ALA A 38  GLU A 44  
AA1 4 TYR A 54  ? TYR A 60  ? TYR A 54  TYR A 60  
AA1 5 THR A 71  ? LYS A 80  ? THR A 71  LYS A 80  
AA1 6 ASN A 85  ? VAL A 97  ? ASN A 85  VAL A 97  
AA1 7 ARG A 103 ? PHE A 112 ? ARG A 103 PHE A 112 
AA1 8 THR A 123 ? THR A 131 ? THR A 123 THR A 131 
AA1 9 GLY A 19  ? ASN A 23  ? GLY A 19  ASN A 23  
# 
loop_
_pdbx_struct_sheet_hbond.sheet_id 
_pdbx_struct_sheet_hbond.range_id_1 
_pdbx_struct_sheet_hbond.range_id_2 
_pdbx_struct_sheet_hbond.range_1_label_atom_id 
_pdbx_struct_sheet_hbond.range_1_label_comp_id 
_pdbx_struct_sheet_hbond.range_1_label_asym_id 
_pdbx_struct_sheet_hbond.range_1_label_seq_id 
_pdbx_struct_sheet_hbond.range_1_PDB_ins_code 
_pdbx_struct_sheet_hbond.range_1_auth_atom_id 
_pdbx_struct_sheet_hbond.range_1_auth_comp_id 
_pdbx_struct_sheet_hbond.range_1_auth_asym_id 
_pdbx_struct_sheet_hbond.range_1_auth_seq_id 
_pdbx_struct_sheet_hbond.range_2_label_atom_id 
_pdbx_struct_sheet_hbond.range_2_label_comp_id 
_pdbx_struct_sheet_hbond.range_2_label_asym_id 
_pdbx_struct_sheet_hbond.range_2_label_seq_id 
_pdbx_struct_sheet_hbond.range_2_PDB_ins_code 
_pdbx_struct_sheet_hbond.range_2_auth_atom_id 
_pdbx_struct_sheet_hbond.range_2_auth_comp_id 
_pdbx_struct_sheet_hbond.range_2_auth_asym_id 
_pdbx_struct_sheet_hbond.range_2_auth_seq_id 
AA1 1 2 N TRP A 21  ? N TRP A 21  O PHE A 29  ? O PHE A 29  
AA1 2 3 N ILE A 30  ? N ILE A 30  O THR A 42  ? O THR A 42  
AA1 3 4 N LEU A 39  ? N LEU A 39  O GLY A 58  ? O GLY A 58  
AA1 4 5 N THR A 57  ? N THR A 57  O THR A 76  ? O THR A 76  
AA1 5 6 N TRP A 79  ? N TRP A 79  O ALA A 86  ? O ALA A 86  
AA1 6 7 N VAL A 97  ? N VAL A 97  O ARG A 103 ? O ARG A 103 
AA1 7 8 N LEU A 110 ? N LEU A 110 O LEU A 124 ? O LEU A 124 
AA1 8 9 O THR A 131 ? O THR A 131 N TYR A 22  ? N TYR A 22  
# 
_struct_site.id                   AC1 
_struct_site.pdbx_evidence_code   Software 
_struct_site.pdbx_auth_asym_id    A 
_struct_site.pdbx_auth_comp_id    OL4 
_struct_site.pdbx_auth_seq_id     201 
_struct_site.pdbx_auth_ins_code   ? 
_struct_site.pdbx_num_residues    16 
_struct_site.details              'binding site for residue OL4 A 201' 
# 
loop_
_struct_site_gen.id 
_struct_site_gen.site_id 
_struct_site_gen.pdbx_num_res 
_struct_site_gen.label_comp_id 
_struct_site_gen.label_asym_id 
_struct_site_gen.label_seq_id 
_struct_site_gen.pdbx_auth_ins_code 
_struct_site_gen.auth_comp_id 
_struct_site_gen.auth_asym_id 
_struct_site_gen.auth_seq_id 
_struct_site_gen.label_atom_id 
_struct_site_gen.label_alt_id 
_struct_site_gen.symmetry 
_struct_site_gen.details 
1  AC1 16 ASN A 23  ? ASN A 23  . ? 1_555  ? 
2  AC1 16 LEU A 25  ? LEU A 25  . ? 1_555  ? 
3  AC1 16 SER A 27  ? SER A 27  . ? 1_555  ? 
4  AC1 16 TYR A 43  ? TYR A 43  . ? 1_555  ? 
5  AC1 16 SER A 45  ? SER A 45  . ? 1_555  ? 
6  AC1 16 VAL A 47  ? VAL A 47  . ? 1_555  ? 
7  AC1 16 GLY A 48  ? GLY A 48  . ? 1_555  ? 
8  AC1 16 ASN A 49  ? ASN A 49  . ? 1_555  ? 
9  AC1 16 GLU A 51  ? GLU A 51  . ? 5_454  ? 
10 AC1 16 TRP A 79  ? TRP A 79  . ? 1_555  ? 
11 AC1 16 SER A 88  ? SER A 88  . ? 1_555  ? 
12 AC1 16 THR A 90  ? THR A 90  . ? 1_555  ? 
13 AC1 16 TRP A 108 ? TRP A 108 . ? 1_555  ? 
14 AC1 16 PHE A 112 ? PHE A 112 . ? 1_555  ? 
15 AC1 16 TRP A 120 ? TRP A 120 . ? 10_555 ? 
16 AC1 16 ASP A 128 ? ASP A 128 . ? 1_555  ? 
# 
_atom_sites.entry_id                    6AUO 
_atom_sites.fract_transf_matrix[1][1]   -0.00686603 
_atom_sites.fract_transf_matrix[1][2]   0.01425099 
_atom_sites.fract_transf_matrix[1][3]   0.00718732 
_atom_sites.fract_transf_matrix[2][1]   0.01555009 
_atom_sites.fract_transf_matrix[2][2]   0.00420913 
_atom_sites.fract_transf_matrix[2][3]   0.00650912 
_atom_sites.fract_transf_matrix[3][1]   0.00112702 
_atom_sites.fract_transf_matrix[3][2]   0.00282084 
_atom_sites.fract_transf_matrix[3][3]   -0.00451652 
_atom_sites.fract_transf_vector[1]      -0.258140 
_atom_sites.fract_transf_vector[2]      -0.076551 
_atom_sites.fract_transf_vector[3]      -0.009751 
# 
loop_
_atom_type.symbol 
C  
CO 
N  
O  
S  
# 
loop_
_atom_site.group_PDB 
_atom_site.id 
_atom_site.type_symbol 
_atom_site.label_atom_id 
_atom_site.label_alt_id 
_atom_site.label_comp_id 
_atom_site.label_asym_id 
_atom_site.label_entity_id 
_atom_site.label_seq_id 
_atom_site.pdbx_PDB_ins_code 
_atom_site.Cartn_x 
_atom_site.Cartn_y 
_atom_site.Cartn_z 
_atom_site.occupancy 
_atom_site.B_iso_or_equiv 
_atom_site.pdbx_formal_charge 
_atom_site.auth_seq_id 
_atom_site.auth_comp_id 
_atom_site.auth_asym_id 
_atom_site.auth_atom_id 
_atom_site.pdbx_PDB_model_num 
ATOM   1    N  N   . ARG A 1 12  ? 3.615   0.308   -18.402 1.00 36.72 ? 12  ARG A N   1 
ATOM   2    C  CA  . ARG A 1 12  ? 5.078   0.656   -18.522 1.00 39.16 ? 12  ARG A CA  1 
ATOM   3    C  C   . ARG A 1 12  ? 5.834   0.115   -17.318 1.00 39.00 ? 12  ARG A C   1 
ATOM   4    O  O   . ARG A 1 12  ? 6.902   -0.451  -17.463 1.00 42.24 ? 12  ARG A O   1 
ATOM   5    C  CB  . ARG A 1 12  ? 5.288   2.171   -18.593 1.00 41.15 ? 12  ARG A CB  1 
ATOM   6    C  CG  . ARG A 1 12  ? 6.739   2.666   -18.533 1.00 46.88 ? 12  ARG A CG  1 
ATOM   7    C  CD  . ARG A 1 12  ? 7.584   2.118   -19.685 1.00 56.08 ? 12  ARG A CD  1 
ATOM   8    N  NE  . ARG A 1 12  ? 9.017   2.443   -19.515 1.00 65.76 ? 12  ARG A NE  1 
ATOM   9    C  CZ  . ARG A 1 12  ? 9.902   1.786   -18.738 1.00 70.16 ? 12  ARG A CZ  1 
ATOM   10   N  NH1 . ARG A 1 12  ? 9.551   0.719   -18.000 1.00 65.29 ? 12  ARG A NH1 1 
ATOM   11   N  NH2 . ARG A 1 12  ? 11.174  2.199   -18.706 1.00 69.24 ? 12  ARG A NH2 1 
ATOM   12   N  N   . ASP A 1 13  ? 5.292   0.322   -16.116 1.00 37.55 ? 13  ASP A N   1 
ATOM   13   C  CA  . ASP A 1 13  ? 5.943   -0.228  -14.914 1.00 36.13 ? 13  ASP A CA  1 
ATOM   14   C  C   . ASP A 1 13  ? 5.250   -1.445  -14.398 1.00 34.41 ? 13  ASP A C   1 
ATOM   15   O  O   . ASP A 1 13  ? 5.449   -1.804  -13.258 1.00 32.62 ? 13  ASP A O   1 
ATOM   16   C  CB  . ASP A 1 13  ? 6.033   0.849   -13.850 1.00 40.23 ? 13  ASP A CB  1 
ATOM   17   C  CG  . ASP A 1 13  ? 6.853   2.002   -14.317 1.00 43.65 ? 13  ASP A CG  1 
ATOM   18   O  OD1 . ASP A 1 13  ? 8.058   1.813   -14.708 1.00 38.48 ? 13  ASP A OD1 1 
ATOM   19   O  OD2 . ASP A 1 13  ? 6.265   3.081   -14.375 1.00 43.41 ? 13  ASP A OD2 1 
ATOM   20   N  N   . GLU A 1 14  ? 4.463   -2.112  -15.240 1.00 32.76 ? 14  GLU A N   1 
ATOM   21   C  CA  . GLU A 1 14  ? 3.704   -3.262  -14.802 1.00 33.69 ? 14  GLU A CA  1 
ATOM   22   C  C   . GLU A 1 14  ? 4.667   -4.332  -14.252 1.00 33.29 ? 14  GLU A C   1 
ATOM   23   O  O   . GLU A 1 14  ? 4.495   -4.878  -13.126 1.00 27.90 ? 14  GLU A O   1 
ATOM   24   C  CB  . GLU A 1 14  ? 2.893   -3.774  -15.983 1.00 34.72 ? 14  GLU A CB  1 
ATOM   25   C  CG  . GLU A 1 14  ? 2.100   -4.981  -15.659 1.00 37.94 ? 14  GLU A CG  1 
ATOM   26   C  CD  . GLU A 1 14  ? 1.220   -5.473  -16.804 1.00 37.96 ? 14  GLU A CD  1 
ATOM   27   O  OE1 . GLU A 1 14  ? 0.513   -6.489  -16.574 1.00 45.23 ? 14  GLU A OE1 1 
ATOM   28   O  OE2 . GLU A 1 14  ? 1.259   -4.859  -17.905 1.00 36.08 ? 14  GLU A OE2 1 
ATOM   29   N  N   . ALA A 1 15  ? 5.740   -4.600  -15.006 1.00 30.57 ? 15  ALA A N   1 
ATOM   30   C  CA  . ALA A 1 15  ? 6.696   -5.598  -14.522 1.00 31.68 ? 15  ALA A CA  1 
ATOM   31   C  C   . ALA A 1 15  ? 7.491   -5.137  -13.315 1.00 31.47 ? 15  ALA A C   1 
ATOM   32   O  O   . ALA A 1 15  ? 7.749   -5.949  -12.420 1.00 36.81 ? 15  ALA A O   1 
ATOM   33   C  CB  . ALA A 1 15  ? 7.647   -6.020  -15.667 1.00 36.25 ? 15  ALA A CB  1 
ATOM   34   N  N   . GLY A 1 16  ? 7.832   -3.838  -13.255 1.00 27.55 ? 16  GLY A N   1 
ATOM   35   C  CA  . GLY A 1 16  ? 8.590   -3.284  -12.144 1.00 22.20 ? 16  GLY A CA  1 
ATOM   36   C  C   . GLY A 1 16  ? 7.810   -3.340  -10.816 1.00 22.52 ? 16  GLY A C   1 
ATOM   37   O  O   . GLY A 1 16  ? 8.348   -3.618  -9.734  1.00 21.75 ? 16  GLY A O   1 
ATOM   38   N  N   . ILE A 1 17  ? 6.504   -3.109  -10.902 1.00 17.99 ? 17  ILE A N   1 
ATOM   39   C  CA  . ILE A 1 17  ? 5.694   -3.105  -9.673  1.00 17.75 ? 17  ILE A CA  1 
ATOM   40   C  C   . ILE A 1 17  ? 5.353   -4.490  -9.176  1.00 18.20 ? 17  ILE A C   1 
ATOM   41   O  O   . ILE A 1 17  ? 5.337   -4.740  -7.973  1.00 18.78 ? 17  ILE A O   1 
ATOM   42   C  CB  . ILE A 1 17  ? 4.421   -2.255  -9.911  1.00 18.73 ? 17  ILE A CB  1 
ATOM   43   C  CG1 . ILE A 1 17  ? 4.817   -0.758  -10.076 1.00 21.81 ? 17  ILE A CG1 1 
ATOM   44   C  CG2 . ILE A 1 17  ? 3.466   -2.368  -8.734  1.00 20.55 ? 17  ILE A CG2 1 
ATOM   45   C  CD1 . ILE A 1 17  ? 3.684   0.055   -10.741 1.00 24.25 ? 17  ILE A CD1 1 
ATOM   46   N  N   . THR A 1 18  ? 5.018   -5.386  -10.083 1.00 17.65 ? 18  THR A N   1 
ATOM   47   C  CA  . THR A 1 18  ? 4.538   -6.692  -9.717  1.00 19.59 ? 18  THR A CA  1 
ATOM   48   C  C   . THR A 1 18  ? 5.568   -7.426  -8.948  1.00 19.82 ? 18  THR A C   1 
ATOM   49   O  O   . THR A 1 18  ? 6.764   -7.458  -9.317  1.00 21.58 ? 18  THR A O   1 
ATOM   50   C  CB  . THR A 1 18  ? 4.163   -7.492  -10.998 1.00 19.13 ? 18  THR A CB  1 
ATOM   51   O  OG1 . THR A 1 18  ? 2.968   -6.938  -11.611 1.00 21.64 ? 18  THR A OG1 1 
ATOM   52   C  CG2 . THR A 1 18  ? 3.949   -8.941  -10.635 1.00 20.79 ? 18  THR A CG2 1 
ATOM   53   N  N   . GLY A 1 19  ? 5.142   -7.986  -7.808  1.00 15.52 ? 19  GLY A N   1 
ATOM   54   C  CA  . GLY A 1 19  ? 6.000   -8.762  -6.997  1.00 17.65 ? 19  GLY A CA  1 
ATOM   55   C  C   . GLY A 1 19  ? 5.869   -8.484  -5.529  1.00 17.03 ? 19  GLY A C   1 
ATOM   56   O  O   . GLY A 1 19  ? 4.846   -7.913  -5.064  1.00 16.27 ? 19  GLY A O   1 
ATOM   57   N  N   . THR A 1 20  ? 6.926   -8.783  -4.797  1.00 16.58 ? 20  THR A N   1 
ATOM   58   C  CA  . THR A 1 20  ? 6.914   -8.782  -3.328  1.00 15.33 ? 20  THR A CA  1 
ATOM   59   C  C   . THR A 1 20  ? 7.745   -7.623  -2.876  1.00 18.97 ? 20  THR A C   1 
ATOM   60   O  O   . THR A 1 20  ? 8.877   -7.431  -3.295  1.00 18.05 ? 20  THR A O   1 
ATOM   61   C  CB  . THR A 1 20  ? 7.440   -10.125 -2.696  1.00 19.04 ? 20  THR A CB  1 
ATOM   62   O  OG1 . THR A 1 20  ? 6.558   -11.172 -3.121  1.00 20.26 ? 20  THR A OG1 1 
ATOM   63   C  CG2 . THR A 1 20  ? 7.395   -10.017 -1.249  1.00 19.08 ? 20  THR A CG2 1 
ATOM   64   N  N   . TRP A 1 21  ? 7.174   -6.800  -1.987  1.00 14.08 ? 21  TRP A N   1 
ATOM   65   C  CA  . TRP A 1 21  ? 7.863   -5.670  -1.446  1.00 13.95 ? 21  TRP A CA  1 
ATOM   66   C  C   . TRP A 1 21  ? 7.813   -5.617  0.045   1.00 13.37 ? 21  TRP A C   1 
ATOM   67   O  O   . TRP A 1 21  ? 6.994   -6.202  0.625   1.00 13.27 ? 21  TRP A O   1 
ATOM   68   C  CB  . TRP A 1 21  ? 7.191   -4.384  -1.975  1.00 13.75 ? 21  TRP A CB  1 
ATOM   69   C  CG  . TRP A 1 21  ? 7.184   -4.158  -3.450  1.00 13.79 ? 21  TRP A CG  1 
ATOM   70   C  CD1 . TRP A 1 21  ? 6.338   -4.642  -4.350  1.00 14.92 ? 21  TRP A CD1 1 
ATOM   71   C  CD2 . TRP A 1 21  ? 8.033   -3.312  -4.112  1.00 12.83 ? 21  TRP A CD2 1 
ATOM   72   N  NE1 . TRP A 1 21  ? 6.622   -4.133  -5.588  1.00 14.70 ? 21  TRP A NE1 1 
ATOM   73   C  CE2 . TRP A 1 21  ? 7.708   -3.360  -5.474  1.00 13.33 ? 21  TRP A CE2 1 
ATOM   74   C  CE3 . TRP A 1 21  ? 9.127   -2.553  -3.703  1.00 12.16 ? 21  TRP A CE3 1 
ATOM   75   C  CZ2 . TRP A 1 21  ? 8.389   -2.578  -6.429  1.00 13.28 ? 21  TRP A CZ2 1 
ATOM   76   C  CZ3 . TRP A 1 21  ? 9.782   -1.784  -4.655  1.00 15.03 ? 21  TRP A CZ3 1 
ATOM   77   C  CH2 . TRP A 1 21  ? 9.438   -1.858  -5.962  1.00 15.83 ? 21  TRP A CH2 1 
ATOM   78   N  N   . TYR A 1 22  ? 8.834   -5.010  0.669   1.00 12.56 ? 22  TYR A N   1 
ATOM   79   C  CA  . TYR A 1 22  ? 8.948   -5.026  2.044   1.00 13.18 ? 22  TYR A CA  1 
ATOM   80   C  C   . TYR A 1 22  ? 9.170   -3.573  2.551   1.00 11.75 ? 22  TYR A C   1 
ATOM   81   O  O   . TYR A 1 22  ? 9.885   -2.786  1.895   1.00 13.81 ? 22  TYR A O   1 
ATOM   82   C  CB  . TYR A 1 22  ? 10.167  -5.783  2.502   1.00 15.94 ? 22  TYR A CB  1 
ATOM   83   C  CG  . TYR A 1 22  ? 10.214  -7.159  1.966   1.00 13.52 ? 22  TYR A CG  1 
ATOM   84   C  CD1 . TYR A 1 22  ? 9.565   -8.212  2.617   1.00 16.97 ? 22  TYR A CD1 1 
ATOM   85   C  CD2 . TYR A 1 22  ? 10.869  -7.354  0.765   1.00 17.83 ? 22  TYR A CD2 1 
ATOM   86   C  CE1 . TYR A 1 22  ? 9.609   -9.489  2.049   1.00 19.03 ? 22  TYR A CE1 1 
ATOM   87   C  CE2 . TYR A 1 22  ? 10.853  -8.577  0.185   1.00 18.47 ? 22  TYR A CE2 1 
ATOM   88   C  CZ  . TYR A 1 22  ? 10.273  -9.635  0.892   1.00 18.70 ? 22  TYR A CZ  1 
ATOM   89   O  OH  . TYR A 1 22  ? 10.271  -10.952 0.262   1.00 18.97 ? 22  TYR A OH  1 
ATOM   90   N  N   . ASN A 1 23  ? 8.555   -3.188  3.664   1.00 14.04 ? 23  ASN A N   1 
ATOM   91   C  CA  . ASN A 1 23  ? 8.808   -1.835  4.169   1.00 13.32 ? 23  ASN A CA  1 
ATOM   92   C  C   . ASN A 1 23  ? 9.724   -1.817  5.339   1.00 16.51 ? 23  ASN A C   1 
ATOM   93   O  O   . ASN A 1 23  ? 10.165  -2.905  5.771   1.00 18.39 ? 23  ASN A O   1 
ATOM   94   C  CB  . ASN A 1 23  ? 7.513   -0.987  4.422   1.00 11.71 ? 23  ASN A CB  1 
ATOM   95   C  CG  . ASN A 1 23  ? 6.709   -1.508  5.597   1.00 12.96 ? 23  ASN A CG  1 
ATOM   96   O  OD1 . ASN A 1 23  ? 7.166   -2.284  6.433   1.00 12.57 ? 23  ASN A OD1 1 
ATOM   97   N  ND2 . ASN A 1 23  ? 5.479   -1.015  5.688   1.00 14.75 ? 23  ASN A ND2 1 
ATOM   98   N  N   . GLN A 1 24  ? 9.918   -0.628  5.924   1.00 15.09 ? 24  GLN A N   1 
ATOM   99   C  CA  . GLN A 1 24  ? 10.903  -0.429  6.976   1.00 17.58 ? 24  GLN A CA  1 
ATOM   100  C  C   . GLN A 1 24  ? 10.430  -1.039  8.310   1.00 19.17 ? 24  GLN A C   1 
ATOM   101  O  O   . GLN A 1 24  ? 11.199  -1.155  9.243   1.00 20.29 ? 24  GLN A O   1 
ATOM   102  C  CB  . GLN A 1 24  ? 11.214  1.061   7.113   1.00 18.17 ? 24  GLN A CB  1 
ATOM   103  C  CG  . GLN A 1 24  ? 10.126  1.841   7.843   1.00 17.92 ? 24  GLN A CG  1 
ATOM   104  C  CD  . GLN A 1 24  ? 8.827   2.129   7.007   1.00 19.88 ? 24  GLN A CD  1 
ATOM   105  O  OE1 . GLN A 1 24  ? 8.768   1.968   5.766   1.00 18.87 ? 24  GLN A OE1 1 
ATOM   106  N  NE2 . GLN A 1 24  ? 7.761   2.538   7.734   1.00 21.56 ? 24  GLN A NE2 1 
ATOM   107  N  N   . LEU A 1 25  ? 9.174   -1.412  8.418   1.00 15.46 ? 25  LEU A N   1 
ATOM   108  C  CA  . LEU A 1 25  ? 8.627   -2.064  9.618   1.00 17.33 ? 25  LEU A CA  1 
ATOM   109  C  C   . LEU A 1 25  ? 8.761   -3.539  9.492   1.00 19.91 ? 25  LEU A C   1 
ATOM   110  O  O   . LEU A 1 25  ? 8.454   -4.260  10.473  1.00 24.62 ? 25  LEU A O   1 
ATOM   111  C  CB  . LEU A 1 25  ? 7.112   -1.740  9.736   1.00 17.91 ? 25  LEU A CB  1 
ATOM   112  C  CG  . LEU A 1 25  ? 6.769   -0.247  9.890   1.00 21.54 ? 25  LEU A CG  1 
ATOM   113  C  CD1 . LEU A 1 25  ? 5.291   0.080   9.960   1.00 23.42 ? 25  LEU A CD1 1 
ATOM   114  C  CD2 . LEU A 1 25  ? 7.451   0.303   11.110  1.00 24.72 ? 25  LEU A CD2 1 
ATOM   115  N  N   . GLY A 1 26  ? 9.072   -4.029  8.319   1.00 20.58 ? 26  GLY A N   1 
ATOM   116  C  CA  . GLY A 1 26  ? 9.098   -5.470  8.052   1.00 20.15 ? 26  GLY A CA  1 
ATOM   117  C  C   . GLY A 1 26  ? 7.789   -6.014  7.554   1.00 20.32 ? 26  GLY A C   1 
ATOM   118  O  O   . GLY A 1 26  ? 7.638   -7.236  7.431   1.00 20.47 ? 26  GLY A O   1 
ATOM   119  N  N   . SER A 1 27  ? 6.833   -5.133  7.181   1.00 14.89 ? 27  SER A N   1 
ATOM   120  C  CA  . SER A 1 27  ? 5.624   -5.557  6.536   1.00 12.63 ? 27  SER A CA  1 
ATOM   121  C  C   . SER A 1 27  ? 5.902   -6.072  5.091   1.00 14.69 ? 27  SER A C   1 
ATOM   122  O  O   . SER A 1 27  ? 6.813   -5.635  4.466   1.00 15.60 ? 27  SER A O   1 
ATOM   123  C  CB  . SER A 1 27  ? 4.604   -4.414  6.513   1.00 14.32 ? 27  SER A CB  1 
ATOM   124  O  OG  . SER A 1 27  ? 4.334   -4.079  7.854   1.00 13.85 ? 27  SER A OG  1 
ATOM   125  N  N   . THR A 1 28  ? 5.061   -6.927  4.543   1.00 15.59 ? 28  THR A N   1 
ATOM   126  C  CA  . THR A 1 28  ? 5.171   -7.510  3.225   1.00 16.01 ? 28  THR A CA  1 
ATOM   127  C  C   . THR A 1 28  ? 3.969   -7.191  2.387   1.00 15.24 ? 28  THR A C   1 
ATOM   128  O  O   . THR A 1 28  ? 2.827   -7.408  2.798   1.00 16.71 ? 28  THR A O   1 
ATOM   129  C  CB  . THR A 1 28  ? 5.200   -9.070  3.340   1.00 21.26 ? 28  THR A CB  1 
ATOM   130  O  OG1 . THR A 1 28  ? 6.244   -9.433  4.227   1.00 26.95 ? 28  THR A OG1 1 
ATOM   131  C  CG2 . THR A 1 28  ? 5.531   -9.738  1.981   1.00 24.88 ? 28  THR A CG2 1 
ATOM   132  N  N   . PHE A 1 29  ? 4.195   -6.651  1.206   1.00 14.55 ? 29  PHE A N   1 
ATOM   133  C  CA  . PHE A 1 29  ? 3.151   -6.252  0.262   1.00 17.07 ? 29  PHE A CA  1 
ATOM   134  C  C   . PHE A 1 29  ? 3.448   -7.154  -0.993  1.00 16.97 ? 29  PHE A C   1 
ATOM   135  O  O   . PHE A 1 29  ? 4.501   -7.004  -1.606  1.00 17.94 ? 29  PHE A O   1 
ATOM   136  C  CB  . PHE A 1 29  ? 3.412   -4.692  0.068   1.00 20.14 ? 29  PHE A CB  1 
ATOM   137  C  CG  . PHE A 1 29  ? 2.822   -4.046  -1.085  1.00 18.84 ? 29  PHE A CG  1 
ATOM   138  C  CD1 . PHE A 1 29  ? 1.470   -4.074  -1.323  1.00 20.42 ? 29  PHE A CD1 1 
ATOM   139  C  CD2 . PHE A 1 29  ? 3.569   -3.097  -1.785  1.00 20.23 ? 29  PHE A CD2 1 
ATOM   140  C  CE1 . PHE A 1 29  ? 0.870   -3.358  -2.382  1.00 18.41 ? 29  PHE A CE1 1 
ATOM   141  C  CE2 . PHE A 1 29  ? 3.027   -2.468  -2.856  1.00 18.81 ? 29  PHE A CE2 1 
ATOM   142  C  CZ  . PHE A 1 29  ? 1.643   -2.551  -3.152  1.00 19.13 ? 29  PHE A CZ  1 
ATOM   143  N  N   . ILE A 1 30  ? 2.458   -7.869  -1.424  1.00 14.71 ? 30  ILE A N   1 
ATOM   144  C  CA  . ILE A 1 30  ? 2.535   -8.757  -2.607  1.00 17.85 ? 30  ILE A CA  1 
ATOM   145  C  C   . ILE A 1 30  ? 1.526   -8.276  -3.574  1.00 18.24 ? 30  ILE A C   1 
ATOM   146  O  O   . ILE A 1 30  ? 0.415   -8.069  -3.203  1.00 18.41 ? 30  ILE A O   1 
ATOM   147  C  CB  . ILE A 1 30  ? 2.215   -10.158 -2.131  1.00 23.54 ? 30  ILE A CB  1 
ATOM   148  C  CG1 . ILE A 1 30  ? 3.414   -10.606 -1.321  1.00 26.66 ? 30  ILE A CG1 1 
ATOM   149  C  CG2 . ILE A 1 30  ? 2.100   -11.078 -3.317  1.00 26.16 ? 30  ILE A CG2 1 
ATOM   150  C  CD1 . ILE A 1 30  ? 3.215   -11.884 -0.610  1.00 30.62 ? 30  ILE A CD1 1 
ATOM   151  N  N   . VAL A 1 31  ? 1.961   -7.812  -4.710  1.00 16.38 ? 31  VAL A N   1 
ATOM   152  C  CA  . VAL A 1 31  ? 1.076   -7.131  -5.602  1.00 17.69 ? 31  VAL A CA  1 
ATOM   153  C  C   . VAL A 1 31  ? 1.239   -7.630  -7.028  1.00 19.49 ? 31  VAL A C   1 
ATOM   154  O  O   . VAL A 1 31  ? 2.316   -7.982  -7.463  1.00 19.39 ? 31  VAL A O   1 
ATOM   155  C  CB  . VAL A 1 31  ? 1.290   -5.597  -5.498  1.00 19.07 ? 31  VAL A CB  1 
ATOM   156  C  CG1 . VAL A 1 31  ? 2.675   -5.143  -5.993  1.00 17.54 ? 31  VAL A CG1 1 
ATOM   157  C  CG2 . VAL A 1 31  ? 0.165   -4.859  -6.182  1.00 21.72 ? 31  VAL A CG2 1 
ATOM   158  N  N   . THR A 1 32  ? 0.167   -7.615  -7.755  1.00 16.69 ? 32  THR A N   1 
ATOM   159  C  CA  . THR A 1 32  ? 0.229   -7.771  -9.200  1.00 19.41 ? 32  THR A CA  1 
ATOM   160  C  C   . THR A 1 32  ? -0.314  -6.510  -9.812  1.00 19.77 ? 32  THR A C   1 
ATOM   161  O  O   . THR A 1 32  ? -1.478  -6.062  -9.518  1.00 17.62 ? 32  THR A O   1 
ATOM   162  C  CB  . THR A 1 32  ? -0.657  -8.979  -9.654  1.00 24.63 ? 32  THR A CB  1 
ATOM   163  O  OG1 . THR A 1 32  ? -0.152  -10.201 -9.067  1.00 28.07 ? 32  THR A OG1 1 
ATOM   164  C  CG2 . THR A 1 32  ? -0.662  -9.196  -11.178 1.00 30.26 ? 32  THR A CG2 1 
ATOM   165  N  N   . ALA A 1 33  ? 0.440   -5.978  -10.781 1.00 19.04 ? 33  ALA A N   1 
ATOM   166  C  CA  . ALA A 1 33  ? -0.048  -4.796  -11.520 1.00 19.65 ? 33  ALA A CA  1 
ATOM   167  C  C   . ALA A 1 33  ? -0.638  -5.246  -12.841 1.00 23.34 ? 33  ALA A C   1 
ATOM   168  O  O   . ALA A 1 33  ? 0.020   -6.018  -13.529 1.00 24.04 ? 33  ALA A O   1 
ATOM   169  C  CB  . ALA A 1 33  ? 1.074   -3.853  -11.720 1.00 21.35 ? 33  ALA A CB  1 
ATOM   170  N  N   . GLY A 1 34  ? -1.840  -4.810  -13.168 1.00 20.51 ? 34  GLY A N   1 
ATOM   171  C  CA  . GLY A 1 34  ? -2.600  -5.191  -14.386 1.00 20.65 ? 34  GLY A CA  1 
ATOM   172  C  C   . GLY A 1 34  ? -2.246  -4.178  -15.483 1.00 23.63 ? 34  GLY A C   1 
ATOM   173  O  O   . GLY A 1 34  ? -1.826  -3.060  -15.231 1.00 23.46 ? 34  GLY A O   1 
ATOM   174  N  N   . ALA A 1 35  ? -2.381  -4.558  -16.753 1.00 21.70 ? 35  ALA A N   1 
ATOM   175  C  CA  . ALA A 1 35  ? -1.999  -3.642  -17.881 1.00 25.76 ? 35  ALA A CA  1 
ATOM   176  C  C   . ALA A 1 35  ? -2.817  -2.332  -17.914 1.00 30.16 ? 35  ALA A C   1 
ATOM   177  O  O   . ALA A 1 35  ? -2.348  -1.309  -18.389 1.00 36.84 ? 35  ALA A O   1 
ATOM   178  C  CB  . ALA A 1 35  ? -2.200  -4.374  -19.228 1.00 29.77 ? 35  ALA A CB  1 
ATOM   179  N  N   . ASP A 1 36  ? -4.010  -2.471  -17.376 1.00 31.08 ? 36  ASP A N   1 
ATOM   180  C  CA  . ASP A 1 36  ? -5.108  -1.522  -17.292 1.00 34.86 ? 36  ASP A CA  1 
ATOM   181  C  C   . ASP A 1 36  ? -5.008  -0.572  -16.054 1.00 32.06 ? 36  ASP A C   1 
ATOM   182  O  O   . ASP A 1 36  ? -5.895  0.258   -15.860 1.00 37.85 ? 36  ASP A O   1 
ATOM   183  C  CB  . ASP A 1 36  ? -6.431  -2.387  -17.167 1.00 36.33 ? 36  ASP A CB  1 
ATOM   184  C  CG  . ASP A 1 36  ? -6.517  -3.305  -15.802 1.00 42.89 ? 36  ASP A CG  1 
ATOM   185  O  OD1 . ASP A 1 36  ? -5.539  -3.434  -15.057 1.00 26.98 ? 36  ASP A OD1 1 
ATOM   186  O  OD2 . ASP A 1 36  ? -7.583  -3.924  -15.464 1.00 45.46 ? 36  ASP A OD2 1 
ATOM   187  N  N   . GLY A 1 37  ? -3.993  -0.727  -15.204 1.00 22.71 ? 37  GLY A N   1 
ATOM   188  C  CA  . GLY A 1 37  ? -3.865  0.208   -14.087 1.00 17.52 ? 37  GLY A CA  1 
ATOM   189  C  C   . GLY A 1 37  ? -4.276  -0.445  -12.799 1.00 15.96 ? 37  GLY A C   1 
ATOM   190  O  O   . GLY A 1 37  ? -4.261  0.243   -11.785 1.00 15.07 ? 37  GLY A O   1 
ATOM   191  N  N   . ALA A 1 38  ? -4.721  -1.685  -12.815 1.00 15.39 ? 38  ALA A N   1 
ATOM   192  C  CA  . ALA A 1 38  ? -5.134  -2.316  -11.519 1.00 15.64 ? 38  ALA A CA  1 
ATOM   193  C  C   . ALA A 1 38  ? -3.934  -2.774  -10.670 1.00 17.35 ? 38  ALA A C   1 
ATOM   194  O  O   . ALA A 1 38  ? -2.963  -3.281  -11.172 1.00 16.64 ? 38  ALA A O   1 
ATOM   195  C  CB  . ALA A 1 38  ? -6.087  -3.401  -11.701 1.00 19.64 ? 38  ALA A CB  1 
ATOM   196  N  N   . LEU A 1 39  ? -4.122  -2.716  -9.350  1.00 14.75 ? 39  LEU A N   1 
ATOM   197  C  CA  . LEU A 1 39  ? -3.257  -3.350  -8.378  1.00 13.93 ? 39  LEU A CA  1 
ATOM   198  C  C   . LEU A 1 39  ? -4.087  -4.252  -7.537  1.00 13.69 ? 39  LEU A C   1 
ATOM   199  O  O   . LEU A 1 39  ? -5.171  -3.856  -7.099  1.00 14.60 ? 39  LEU A O   1 
ATOM   200  C  CB  . LEU A 1 39  ? -2.578  -2.318  -7.370  1.00 14.22 ? 39  LEU A CB  1 
ATOM   201  C  CG  . LEU A 1 39  ? -1.673  -1.301  -8.066  1.00 14.81 ? 39  LEU A CG  1 
ATOM   202  C  CD1 . LEU A 1 39  ? -1.155  -0.342  -7.010  1.00 14.37 ? 39  LEU A CD1 1 
ATOM   203  C  CD2 . LEU A 1 39  ? -0.475  -1.891  -8.797  1.00 15.28 ? 39  LEU A CD2 1 
ATOM   204  N  N   . THR A 1 40  ? -3.657  -5.482  -7.404  1.00 14.35 ? 40  THR A N   1 
ATOM   205  C  CA  . THR A 1 40  ? -4.339  -6.469  -6.556  1.00 16.16 ? 40  THR A CA  1 
ATOM   206  C  C   . THR A 1 40  ? -3.282  -7.255  -5.807  1.00 15.73 ? 40  THR A C   1 
ATOM   207  O  O   . THR A 1 40  ? -2.228  -7.535  -6.350  1.00 20.06 ? 40  THR A O   1 
ATOM   208  C  CB  . THR A 1 40  ? -5.149  -7.520  -7.390  1.00 19.28 ? 40  THR A CB  1 
ATOM   209  O  OG1 A THR A 1 40  ? -4.326  -7.960  -8.480  0.50 17.36 ? 40  THR A OG1 1 
ATOM   210  O  OG1 B THR A 1 40  ? -5.693  -6.881  -8.567  0.50 18.93 ? 40  THR A OG1 1 
ATOM   211  C  CG2 A THR A 1 40  ? -6.383  -6.937  -8.013  0.50 19.16 ? 40  THR A CG2 1 
ATOM   212  C  CG2 B THR A 1 40  ? -6.292  -8.057  -6.544  0.50 18.79 ? 40  THR A CG2 1 
ATOM   213  N  N   . GLY A 1 41  ? -3.597  -7.741  -4.605  1.00 13.64 ? 41  GLY A N   1 
ATOM   214  C  CA  . GLY A 1 41  ? -2.648  -8.488  -3.893  1.00 13.21 ? 41  GLY A CA  1 
ATOM   215  C  C   . GLY A 1 41  ? -3.062  -8.669  -2.456  1.00 13.09 ? 41  GLY A C   1 
ATOM   216  O  O   . GLY A 1 41  ? -4.274  -8.664  -2.098  1.00 13.32 ? 41  GLY A O   1 
ATOM   217  N  N   . THR A 1 42  ? -2.017  -8.780  -1.638  1.00 12.69 ? 42  THR A N   1 
ATOM   218  C  CA  . THR A 1 42  ? -2.166  -9.047  -0.225  1.00 13.77 ? 42  THR A CA  1 
ATOM   219  C  C   . THR A 1 42  ? -1.143  -8.243  0.548   1.00 13.47 ? 42  THR A C   1 
ATOM   220  O  O   . THR A 1 42  ? -0.047  -8.005  0.044   1.00 15.20 ? 42  THR A O   1 
ATOM   221  C  CB  . THR A 1 42  ? -2.027  -10.513 0.191   1.00 16.71 ? 42  THR A CB  1 
ATOM   222  O  OG1 . THR A 1 42  ? -0.708  -10.971 -0.090  1.00 18.31 ? 42  THR A OG1 1 
ATOM   223  C  CG2 . THR A 1 42  ? -3.036  -11.375 -0.562  1.00 20.35 ? 42  THR A CG2 1 
ATOM   224  N  N   . TYR A 1 43  ? -1.514  -7.917  1.777   1.00 12.83 ? 43  TYR A N   1 
ATOM   225  C  CA  . TYR A 1 43  ? -0.637  -7.154  2.651   1.00 10.43 ? 43  TYR A CA  1 
ATOM   226  C  C   . TYR A 1 43  ? -0.566  -7.912  3.940   1.00 11.37 ? 43  TYR A C   1 
ATOM   227  O  O   . TYR A 1 43  ? -1.555  -8.269  4.436   1.00 13.41 ? 43  TYR A O   1 
ATOM   228  C  CB  . TYR A 1 43  ? -1.246  -5.755  2.900   1.00 11.60 ? 43  TYR A CB  1 
ATOM   229  C  CG  . TYR A 1 43  ? -0.199  -4.765  3.345   1.00 10.83 ? 43  TYR A CG  1 
ATOM   230  C  CD1 . TYR A 1 43  ? 0.107   -4.646  4.692   1.00 11.45 ? 43  TYR A CD1 1 
ATOM   231  C  CD2 . TYR A 1 43  ? 0.436   -3.913  2.439   1.00 10.53 ? 43  TYR A CD2 1 
ATOM   232  C  CE1 . TYR A 1 43  ? 1.077   -3.768  5.131   1.00 11.05 ? 43  TYR A CE1 1 
ATOM   233  C  CE2 . TYR A 1 43  ? 1.395   -2.977  2.884   1.00 10.94 ? 43  TYR A CE2 1 
ATOM   234  C  CZ  . TYR A 1 43  ? 1.674   -2.892  4.186   1.00 10.57 ? 43  TYR A CZ  1 
ATOM   235  O  OH  . TYR A 1 43  ? 2.632   -2.035  4.580   1.00 11.92 ? 43  TYR A OH  1 
ATOM   236  N  N   . GLU A 1 44  ? 0.625   -7.947  4.529   1.00 11.59 ? 44  GLU A N   1 
ATOM   237  C  CA  . GLU A 1 44  ? 0.812   -8.520  5.874   1.00 12.95 ? 44  GLU A CA  1 
ATOM   238  C  C   . GLU A 1 44  ? 1.623   -7.500  6.669   1.00 12.63 ? 44  GLU A C   1 
ATOM   239  O  O   . GLU A 1 44  ? 2.720   -7.174  6.311   1.00 15.01 ? 44  GLU A O   1 
ATOM   240  C  CB  . GLU A 1 44  ? 1.622   -9.782  5.773   1.00 16.98 ? 44  GLU A CB  1 
ATOM   241  C  CG  . GLU A 1 44  ? 1.709   -10.475 7.088   1.00 20.88 ? 44  GLU A CG  1 
ATOM   242  C  CD  . GLU A 1 44  ? 2.280   -11.897 6.978   1.00 34.07 ? 44  GLU A CD  1 
ATOM   243  O  OE1 . GLU A 1 44  ? 2.385   -12.562 8.037   1.00 36.56 ? 44  GLU A OE1 1 
ATOM   244  O  OE2 . GLU A 1 44  ? 2.604   -12.334 5.861   1.00 33.77 ? 44  GLU A OE2 1 
ATOM   245  N  N   . SER A 1 45  ? 0.992   -6.955  7.708   1.00 14.00 ? 45  SER A N   1 
ATOM   246  C  CA  . SER A 1 45  ? 1.628   -6.029  8.575   1.00 12.32 ? 45  SER A CA  1 
ATOM   247  C  C   . SER A 1 45  ? 2.437   -6.626  9.642   1.00 14.39 ? 45  SER A C   1 
ATOM   248  O  O   . SER A 1 45  ? 1.909   -7.467  10.397  1.00 18.15 ? 45  SER A O   1 
ATOM   249  C  CB  . SER A 1 45  ? 0.563   -5.089  9.184   1.00 13.18 ? 45  SER A CB  1 
ATOM   250  O  OG  . SER A 1 45  ? 1.250   -4.078  9.900   1.00 13.85 ? 45  SER A OG  1 
ATOM   251  N  N   . ALA A 1 46  ? 3.633   -6.110  9.794   1.00 15.46 ? 46  ALA A N   1 
ATOM   252  C  CA  . ALA A 1 46  ? 4.505   -6.471  10.948  1.00 18.73 ? 46  ALA A CA  1 
ATOM   253  C  C   . ALA A 1 46  ? 4.081   -5.837  12.305  1.00 21.88 ? 46  ALA A C   1 
ATOM   254  O  O   . ALA A 1 46  ? 4.592   -6.247  13.384  1.00 19.24 ? 46  ALA A O   1 
ATOM   255  C  CB  . ALA A 1 46  ? 5.894   -6.131  10.624  1.00 22.51 ? 46  ALA A CB  1 
ATOM   256  N  N   . VAL A 1 47  ? 3.158   -4.885  12.280  1.00 17.44 ? 47  VAL A N   1 
ATOM   257  C  CA  . VAL A 1 47  ? 2.745   -4.163  13.471  1.00 16.35 ? 47  VAL A CA  1 
ATOM   258  C  C   . VAL A 1 47  ? 1.254   -3.972  13.517  1.00 17.40 ? 47  VAL A C   1 
ATOM   259  O  O   . VAL A 1 47  ? 0.559   -4.200  12.504  1.00 16.54 ? 47  VAL A O   1 
ATOM   260  C  CB  . VAL A 1 47  ? 3.391   -2.793  13.520  1.00 15.72 ? 47  VAL A CB  1 
ATOM   261  C  CG1 . VAL A 1 47  ? 4.889   -2.834  13.578  1.00 16.22 ? 47  VAL A CG1 1 
ATOM   262  C  CG2 . VAL A 1 47  ? 3.004   -1.944  12.283  1.00 15.36 ? 47  VAL A CG2 1 
ATOM   263  N  N   . GLY A 1 48  ? 0.750   -3.578  14.682  1.00 15.17 ? 48  GLY A N   1 
ATOM   264  C  CA  . GLY A 1 48  ? -0.638  -3.226  14.840  1.00 16.64 ? 48  GLY A CA  1 
ATOM   265  C  C   . GLY A 1 48  ? -1.526  -4.434  15.035  1.00 17.92 ? 48  GLY A C   1 
ATOM   266  O  O   . GLY A 1 48  ? -1.062  -5.553  15.355  1.00 17.82 ? 48  GLY A O   1 
ATOM   267  N  N   . ASN A 1 49  ? -2.804  -4.169  14.929  1.00 16.06 ? 49  ASN A N   1 
ATOM   268  C  CA  . ASN A 1 49  ? -3.882  -5.173  15.225  1.00 15.67 ? 49  ASN A CA  1 
ATOM   269  C  C   . ASN A 1 49  ? -4.129  -5.927  13.916  1.00 17.56 ? 49  ASN A C   1 
ATOM   270  O  O   . ASN A 1 49  ? -5.105  -5.724  13.220  1.00 16.79 ? 49  ASN A O   1 
ATOM   271  C  CB  . ASN A 1 49  ? -5.113  -4.577  15.748  1.00 17.95 ? 49  ASN A CB  1 
ATOM   272  C  CG  . ASN A 1 49  ? -6.128  -5.633  16.244  1.00 21.40 ? 49  ASN A CG  1 
ATOM   273  O  OD1 . ASN A 1 49  ? -5.829  -6.860  16.275  1.00 23.52 ? 49  ASN A OD1 1 
ATOM   274  N  ND2 . ASN A 1 49  ? -7.369  -5.184  16.404  1.00 20.64 ? 49  ASN A ND2 1 
ATOM   275  N  N   . ALA A 1 50  ? -3.180  -6.786  13.606  1.00 15.55 ? 50  ALA A N   1 
ATOM   276  C  CA  . ALA A 1 50  ? -3.181  -7.467  12.349  1.00 17.24 ? 50  ALA A CA  1 
ATOM   277  C  C   . ALA A 1 50  ? -2.500  -8.795  12.467  1.00 17.07 ? 50  ALA A C   1 
ATOM   278  O  O   . ALA A 1 50  ? -1.529  -8.949  13.196  1.00 17.26 ? 50  ALA A O   1 
ATOM   279  C  CB  . ALA A 1 50  ? -2.535  -6.638  11.261  1.00 18.42 ? 50  ALA A CB  1 
ATOM   280  N  N   . GLU A 1 51  ? -3.004  -9.748  11.735  1.00 16.15 ? 51  GLU A N   1 
ATOM   281  C  CA  . GLU A 1 51  ? -2.318  -11.011 11.562  1.00 20.80 ? 51  GLU A CA  1 
ATOM   282  C  C   . GLU A 1 51  ? -2.656  -11.656 10.217  1.00 16.94 ? 51  GLU A C   1 
ATOM   283  O  O   . GLU A 1 51  ? -3.795  -11.647 9.742   1.00 16.82 ? 51  GLU A O   1 
ATOM   284  C  CB  . GLU A 1 51  ? -2.650  -11.946 12.751  1.00 27.76 ? 51  GLU A CB  1 
ATOM   285  C  CG  . GLU A 1 51  ? -3.625  -13.013 12.490  1.00 33.20 ? 51  GLU A CG  1 
ATOM   286  C  CD  . GLU A 1 51  ? -4.026  -13.815 13.765  1.00 41.19 ? 51  GLU A CD  1 
ATOM   287  O  OE1 . GLU A 1 51  ? -3.745  -15.051 13.762  1.00 50.90 ? 51  GLU A OE1 1 
ATOM   288  O  OE2 . GLU A 1 51  ? -4.604  -13.236 14.753  1.00 45.41 ? 51  GLU A OE2 1 
ATOM   289  N  N   . SER A 1 52  ? -1.628  -12.183 9.627   1.00 16.92 ? 52  SER A N   1 
ATOM   290  C  CA  . SER A 1 52  ? -1.657  -12.884 8.397   1.00 18.97 ? 52  SER A CA  1 
ATOM   291  C  C   . SER A 1 52  ? -1.888  -11.881 7.278   1.00 17.97 ? 52  SER A C   1 
ATOM   292  O  O   . SER A 1 52  ? -1.646  -10.703 7.456   1.00 16.44 ? 52  SER A O   1 
ATOM   293  C  CB  . SER A 1 52  ? -2.733  -13.937 8.345   1.00 27.07 ? 52  SER A CB  1 
ATOM   294  O  OG  . SER A 1 52  ? -2.390  -14.742 7.210   1.00 31.07 ? 52  SER A OG  1 
ATOM   295  N  N   . ARG A 1 53  ? -2.492  -12.330 6.213   1.00 16.40 ? 53  ARG A N   1 
ATOM   296  C  CA  . ARG A 1 53  ? -2.610  -11.494 5.006   1.00 15.50 ? 53  ARG A CA  1 
ATOM   297  C  C   . ARG A 1 53  ? -3.999  -10.924 4.914   1.00 14.33 ? 53  ARG A C   1 
ATOM   298  O  O   . ARG A 1 53  ? -5.028  -11.512 5.276   1.00 14.49 ? 53  ARG A O   1 
ATOM   299  C  CB  . ARG A 1 53  ? -2.358  -12.385 3.744   1.00 18.65 ? 53  ARG A CB  1 
ATOM   300  C  CG  . ARG A 1 53  ? -0.896  -12.759 3.546   1.00 21.76 ? 53  ARG A CG  1 
ATOM   301  C  CD  . ARG A 1 53  ? -0.793  -13.879 2.512   1.00 29.38 ? 53  ARG A CD  1 
ATOM   302  N  NE  A ARG A 1 53  ? 0.502   -13.833 1.806   0.50 34.31 ? 53  ARG A NE  1 
ATOM   303  N  NE  B ARG A 1 53  ? -1.743  -14.956 2.872   0.50 30.30 ? 53  ARG A NE  1 
ATOM   304  C  CZ  A ARG A 1 53  ? 0.882   -14.745 0.888   0.50 35.52 ? 53  ARG A CZ  1 
ATOM   305  C  CZ  B ARG A 1 53  ? -1.430  -16.095 3.524   0.50 38.29 ? 53  ARG A CZ  1 
ATOM   306  N  NH1 A ARG A 1 53  ? 2.064   -14.689 0.318   0.50 37.22 ? 53  ARG A NH1 1 
ATOM   307  N  NH1 B ARG A 1 53  ? -2.376  -17.003 3.762   0.50 41.77 ? 53  ARG A NH1 1 
ATOM   308  N  NH2 A ARG A 1 53  ? 0.046   -15.695 0.475   0.50 38.46 ? 53  ARG A NH2 1 
ATOM   309  N  NH2 B ARG A 1 53  ? -0.198  -16.374 3.949   0.50 37.18 ? 53  ARG A NH2 1 
ATOM   310  N  N   . TYR A 1 54  ? -4.059  -9.759  4.267   1.00 13.95 ? 54  TYR A N   1 
ATOM   311  C  CA  . TYR A 1 54  ? -5.253  -9.008  4.039   1.00 11.30 ? 54  TYR A CA  1 
ATOM   312  C  C   . TYR A 1 54  ? -5.270  -8.575  2.588   1.00 10.54 ? 54  TYR A C   1 
ATOM   313  O  O   . TYR A 1 54  ? -4.266  -8.318  1.984   1.00 11.94 ? 54  TYR A O   1 
ATOM   314  C  CB  . TYR A 1 54  ? -5.285  -7.689  4.899   1.00 11.58 ? 54  TYR A CB  1 
ATOM   315  C  CG  . TYR A 1 54  ? -5.303  -7.950  6.379   1.00 10.90 ? 54  TYR A CG  1 
ATOM   316  C  CD1 . TYR A 1 54  ? -6.505  -7.936  7.094   1.00 11.24 ? 54  TYR A CD1 1 
ATOM   317  C  CD2 . TYR A 1 54  ? -4.102  -8.204  7.048   1.00 9.96  ? 54  TYR A CD2 1 
ATOM   318  C  CE1 . TYR A 1 54  ? -6.546  -8.192  8.438   1.00 11.30 ? 54  TYR A CE1 1 
ATOM   319  C  CE2 . TYR A 1 54  ? -4.145  -8.547  8.399   1.00 11.81 ? 54  TYR A CE2 1 
ATOM   320  C  CZ  . TYR A 1 54  ? -5.307  -8.475  9.074   1.00 12.09 ? 54  TYR A CZ  1 
ATOM   321  O  OH  . TYR A 1 54  ? -5.448  -8.825  10.377  1.00 13.16 ? 54  TYR A OH  1 
ATOM   322  N  N   . VAL A 1 55  ? -6.460  -8.573  2.045   1.00 11.11 ? 55  VAL A N   1 
ATOM   323  C  CA  . VAL A 1 55  ? -6.661  -8.193  0.654   1.00 11.35 ? 55  VAL A CA  1 
ATOM   324  C  C   . VAL A 1 55  ? -6.296  -6.769  0.433   1.00 11.45 ? 55  VAL A C   1 
ATOM   325  O  O   . VAL A 1 55  ? -6.630  -5.902  1.242   1.00 11.84 ? 55  VAL A O   1 
ATOM   326  C  CB  . VAL A 1 55  ? -8.131  -8.450  0.259   1.00 15.22 ? 55  VAL A CB  1 
ATOM   327  C  CG1 . VAL A 1 55  ? -8.492  -7.833  -1.115  1.00 17.31 ? 55  VAL A CG1 1 
ATOM   328  C  CG2 . VAL A 1 55  ? -8.354  -9.952  0.254   1.00 15.49 ? 55  VAL A CG2 1 
ATOM   329  N  N   . LEU A 1 56  ? -5.663  -6.486  -0.665  1.00 12.22 ? 56  LEU A N   1 
ATOM   330  C  CA  . LEU A 1 56  ? -5.525  -5.105  -1.050  1.00 13.82 ? 56  LEU A CA  1 
ATOM   331  C  C   . LEU A 1 56  ? -5.890  -4.895  -2.465  1.00 15.15 ? 56  LEU A C   1 
ATOM   332  O  O   . LEU A 1 56  ? -5.818  -5.841  -3.315  1.00 14.85 ? 56  LEU A O   1 
ATOM   333  C  CB  . LEU A 1 56  ? -4.122  -4.690  -0.865  1.00 16.28 ? 56  LEU A CB  1 
ATOM   334  C  CG  . LEU A 1 56  ? -3.076  -5.165  -1.785  1.00 15.47 ? 56  LEU A CG  1 
ATOM   335  C  CD1 . LEU A 1 56  ? -2.891  -4.247  -3.066  1.00 13.52 ? 56  LEU A CD1 1 
ATOM   336  C  CD2 . LEU A 1 56  ? -1.699  -5.203  -1.140  1.00 21.41 ? 56  LEU A CD2 1 
ATOM   337  N  N   . THR A 1 57  ? -6.304  -3.674  -2.769  1.00 11.23 ? 57  THR A N   1 
ATOM   338  C  CA  . THR A 1 57  ? -6.552  -3.299  -4.127  1.00 11.32 ? 57  THR A CA  1 
ATOM   339  C  C   . THR A 1 57  ? -6.090  -1.918  -4.321  1.00 10.53 ? 57  THR A C   1 
ATOM   340  O  O   . THR A 1 57  ? -6.198  -1.081  -3.400  1.00 11.61 ? 57  THR A O   1 
ATOM   341  C  CB  . THR A 1 57  ? -8.054  -3.475  -4.466  1.00 15.34 ? 57  THR A CB  1 
ATOM   342  O  OG1 . THR A 1 57  ? -8.266  -3.265  -5.871  1.00 21.74 ? 57  THR A OG1 1 
ATOM   343  C  CG2 . THR A 1 57  ? -8.885  -2.596  -3.749  1.00 15.03 ? 57  THR A CG2 1 
ATOM   344  N  N   . GLY A 1 58  ? -5.798  -1.552  -5.549  1.00 9.29  ? 58  GLY A N   1 
ATOM   345  C  CA  . GLY A 1 58  ? -5.426  -0.215  -5.812  1.00 9.41  ? 58  GLY A CA  1 
ATOM   346  C  C   . GLY A 1 58  ? -5.306  0.057   -7.262  1.00 9.75  ? 58  GLY A C   1 
ATOM   347  O  O   . GLY A 1 58  ? -5.810  -0.693  -8.111  1.00 11.02 ? 58  GLY A O   1 
ATOM   348  N  N   . ARG A 1 59  ? -4.652  1.138   -7.577  1.00 10.45 ? 59  ARG A N   1 
ATOM   349  C  CA  . ARG A 1 59  ? -4.524  1.671   -8.969  1.00 10.92 ? 59  ARG A CA  1 
ATOM   350  C  C   . ARG A 1 59  ? -3.124  2.240   -9.142  1.00 12.77 ? 59  ARG A C   1 
ATOM   351  O  O   . ARG A 1 59  ? -2.540  2.836   -8.211  1.00 12.48 ? 59  ARG A O   1 
ATOM   352  C  CB  . ARG A 1 59  ? -5.599  2.714   -9.305  1.00 11.40 ? 59  ARG A CB  1 
ATOM   353  C  CG  . ARG A 1 59  ? -7.017  2.350   -9.183  1.00 13.05 ? 59  ARG A CG  1 
ATOM   354  C  CD  . ARG A 1 59  ? -7.513  1.363   -10.164 1.00 13.27 ? 59  ARG A CD  1 
ATOM   355  N  NE  . ARG A 1 59  ? -7.406  1.952   -11.501 1.00 13.86 ? 59  ARG A NE  1 
ATOM   356  C  CZ  . ARG A 1 59  ? -7.471  1.226   -12.625 1.00 15.84 ? 59  ARG A CZ  1 
ATOM   357  N  NH1 . ARG A 1 59  ? -7.763  -0.048  -12.609 1.00 15.78 ? 59  ARG A NH1 1 
ATOM   358  N  NH2 . ARG A 1 59  ? -7.342  1.883   -13.793 1.00 19.26 ? 59  ARG A NH2 1 
ATOM   359  N  N   . TYR A 1 60  ? -2.618  2.232   -10.389 1.00 11.91 ? 60  TYR A N   1 
ATOM   360  C  CA  . TYR A 1 60  ? -1.391  2.924   -10.681 1.00 11.65 ? 60  TYR A CA  1 
ATOM   361  C  C   . TYR A 1 60  ? -1.532  3.559   -12.069 1.00 11.61 ? 60  TYR A C   1 
ATOM   362  O  O   . TYR A 1 60  ? -2.404  3.122   -12.838 1.00 12.34 ? 60  TYR A O   1 
ATOM   363  C  CB  . TYR A 1 60  ? -0.204  1.968   -10.630 1.00 11.00 ? 60  TYR A CB  1 
ATOM   364  C  CG  . TYR A 1 60  ? -0.053  0.995   -11.769 1.00 12.79 ? 60  TYR A CG  1 
ATOM   365  C  CD1 . TYR A 1 60  ? -0.917  -0.038  -11.892 1.00 14.40 ? 60  TYR A CD1 1 
ATOM   366  C  CD2 . TYR A 1 60  ? 0.944   1.178   -12.718 1.00 15.30 ? 60  TYR A CD2 1 
ATOM   367  C  CE1 . TYR A 1 60  ? -0.792  -0.954  -12.961 1.00 16.49 ? 60  TYR A CE1 1 
ATOM   368  C  CE2 . TYR A 1 60  ? 1.050   0.312   -13.811 1.00 18.84 ? 60  TYR A CE2 1 
ATOM   369  C  CZ  . TYR A 1 60  ? 0.148   -0.724  -13.910 1.00 19.69 ? 60  TYR A CZ  1 
ATOM   370  O  OH  . TYR A 1 60  ? 0.221   -1.655  -14.935 1.00 21.10 ? 60  TYR A OH  1 
ATOM   371  N  N   . ASP A 1 61  ? -0.707  4.536   -12.297 1.00 12.99 ? 61  ASP A N   1 
ATOM   372  C  CA  . ASP A 1 61  ? -0.531  5.218   -13.610 1.00 13.56 ? 61  ASP A CA  1 
ATOM   373  C  C   . ASP A 1 61  ? 0.206   4.263   -14.555 1.00 15.50 ? 61  ASP A C   1 
ATOM   374  O  O   . ASP A 1 61  ? 1.406   4.090   -14.407 1.00 17.56 ? 61  ASP A O   1 
ATOM   375  C  CB  . ASP A 1 61  ? 0.192   6.465   -13.429 1.00 16.88 ? 61  ASP A CB  1 
ATOM   376  C  CG  . ASP A 1 61  ? 0.411   7.246   -14.811 1.00 20.82 ? 61  ASP A CG  1 
ATOM   377  O  OD1 . ASP A 1 61  ? -0.109  6.762   -15.836 1.00 21.07 ? 61  ASP A OD1 1 
ATOM   378  O  OD2 . ASP A 1 61  ? 1.110   8.261   -14.753 1.00 18.35 ? 61  ASP A OD2 1 
ATOM   379  N  N   . SER A 1 62  ? -0.521  3.675   -15.506 1.00 17.50 ? 62  SER A N   1 
ATOM   380  C  CA  . SER A 1 62  ? 0.050   2.655   -16.425 1.00 20.39 ? 62  SER A CA  1 
ATOM   381  C  C   . SER A 1 62  ? 0.761   3.316   -17.594 1.00 24.79 ? 62  SER A C   1 
ATOM   382  O  O   . SER A 1 62  ? 1.399   2.602   -18.425 1.00 24.23 ? 62  SER A O   1 
ATOM   383  C  CB  . SER A 1 62  ? -1.043  1.727   -16.923 1.00 22.20 ? 62  SER A CB  1 
ATOM   384  O  OG  . SER A 1 62  ? -2.099  2.481   -17.520 1.00 28.74 ? 62  SER A OG  1 
ATOM   385  N  N   . ALA A 1 63  ? 0.671   4.633   -17.687 1.00 19.92 ? 63  ALA A N   1 
ATOM   386  C  CA  . ALA A 1 63  ? 1.485   5.332   -18.741 1.00 25.01 ? 63  ALA A CA  1 
ATOM   387  C  C   . ALA A 1 63  ? 2.173   6.535   -18.153 1.00 25.25 ? 63  ALA A C   1 
ATOM   388  O  O   . ALA A 1 63  ? 1.779   7.684   -18.360 1.00 28.42 ? 63  ALA A O   1 
ATOM   389  C  CB  . ALA A 1 63  ? 0.624   5.664   -19.911 1.00 22.89 ? 63  ALA A CB  1 
ATOM   390  N  N   . PRO A 1 64  ? 3.197   6.290   -17.362 1.00 25.42 ? 64  PRO A N   1 
ATOM   391  C  CA  . PRO A 1 64  ? 3.806   7.451   -16.657 1.00 26.66 ? 64  PRO A CA  1 
ATOM   392  C  C   . PRO A 1 64  ? 4.662   8.348   -17.548 1.00 30.16 ? 64  PRO A C   1 
ATOM   393  O  O   . PRO A 1 64  ? 4.985   7.962   -18.658 1.00 29.14 ? 64  PRO A O   1 
ATOM   394  C  CB  . PRO A 1 64  ? 4.683   6.801   -15.596 1.00 29.45 ? 64  PRO A CB  1 
ATOM   395  C  CG  . PRO A 1 64  ? 4.906   5.437   -16.088 1.00 27.16 ? 64  PRO A CG  1 
ATOM   396  C  CD  . PRO A 1 64  ? 3.728   5.008   -16.877 1.00 27.79 ? 64  PRO A CD  1 
ATOM   397  N  N   . ALA A 1 65  ? 4.976   9.524   -17.051 1.00 28.16 ? 65  ALA A N   1 
ATOM   398  C  CA  . ALA A 1 65  ? 5.813   10.467  -17.780 1.00 32.49 ? 65  ALA A CA  1 
ATOM   399  C  C   . ALA A 1 65  ? 7.160   9.794   -18.115 1.00 35.19 ? 65  ALA A C   1 
ATOM   400  O  O   . ALA A 1 65  ? 7.615   8.926   -17.395 1.00 41.56 ? 65  ALA A O   1 
ATOM   401  C  CB  . ALA A 1 65  ? 5.962   11.744  -16.958 1.00 35.79 ? 65  ALA A CB  1 
ATOM   402  N  N   . THR A 1 66  ? 7.770   10.148  -19.245 1.00 40.51 ? 66  THR A N   1 
ATOM   403  C  CA  . THR A 1 66  ? 9.067   9.535   -19.637 1.00 46.80 ? 66  THR A CA  1 
ATOM   404  C  C   . THR A 1 66  ? 10.312  10.373  -19.220 1.00 46.80 ? 66  THR A C   1 
ATOM   405  O  O   . THR A 1 66  ? 11.429  10.007  -19.546 1.00 56.11 ? 66  THR A O   1 
ATOM   406  C  CB  . THR A 1 66  ? 9.068   9.244   -21.164 1.00 51.74 ? 66  THR A CB  1 
ATOM   407  O  OG1 . THR A 1 66  ? 8.365   10.278  -21.853 1.00 45.65 ? 66  THR A OG1 1 
ATOM   408  C  CG2 . THR A 1 66  ? 8.350   7.932   -21.455 1.00 54.42 ? 66  THR A CG2 1 
ATOM   409  N  N   . ASP A 1 67  ? 10.105  11.448  -18.458 1.00 39.82 ? 67  ASP A N   1 
ATOM   410  C  CA  . ASP A 1 67  ? 11.147  12.415  -18.060 1.00 38.30 ? 67  ASP A CA  1 
ATOM   411  C  C   . ASP A 1 67  ? 11.898  12.129  -16.732 1.00 37.32 ? 67  ASP A C   1 
ATOM   412  O  O   . ASP A 1 67  ? 12.428  13.055  -16.089 1.00 47.21 ? 67  ASP A O   1 
ATOM   413  C  CB  . ASP A 1 67  ? 10.477  13.795  -17.921 1.00 38.15 ? 67  ASP A CB  1 
ATOM   414  C  CG  . ASP A 1 67  ? 9.391   13.824  -16.833 1.00 42.64 ? 67  ASP A CG  1 
ATOM   415  O  OD1 . ASP A 1 67  ? 9.275   12.853  -16.018 1.00 36.88 ? 67  ASP A OD1 1 
ATOM   416  O  OD2 . ASP A 1 67  ? 8.656   14.814  -16.821 1.00 38.47 ? 67  ASP A OD2 1 
ATOM   417  N  N   . GLY A 1 68  ? 11.847  10.892  -16.270 1.00 35.35 ? 68  GLY A N   1 
ATOM   418  C  CA  . GLY A 1 68  ? 12.514  10.479  -15.037 1.00 37.16 ? 68  GLY A CA  1 
ATOM   419  C  C   . GLY A 1 68  ? 11.587  10.525  -13.812 1.00 31.16 ? 68  GLY A C   1 
ATOM   420  O  O   . GLY A 1 68  ? 12.029  10.172  -12.731 1.00 35.46 ? 68  GLY A O   1 
ATOM   421  N  N   . SER A 1 69  ? 10.349  10.944  -14.001 1.00 26.61 ? 69  SER A N   1 
ATOM   422  C  CA  . SER A 1 69  ? 9.373   10.999  -12.885 1.00 25.02 ? 69  SER A CA  1 
ATOM   423  C  C   . SER A 1 69  ? 9.012   9.601   -12.432 1.00 21.10 ? 69  SER A C   1 
ATOM   424  O  O   . SER A 1 69  ? 9.017   8.654   -13.222 1.00 24.73 ? 69  SER A O   1 
ATOM   425  C  CB  . SER A 1 69  ? 8.121   11.721  -13.322 1.00 25.90 ? 69  SER A CB  1 
ATOM   426  O  OG  . SER A 1 69  ? 8.379   13.064  -13.542 1.00 31.37 ? 69  SER A OG  1 
ATOM   427  N  N   . GLY A 1 70  ? 8.546   9.484   -11.185 1.00 18.61 ? 70  GLY A N   1 
ATOM   428  C  CA  . GLY A 1 70  ? 8.069   8.261   -10.626 1.00 18.28 ? 70  GLY A CA  1 
ATOM   429  C  C   . GLY A 1 70  ? 6.670   8.013   -11.174 1.00 15.94 ? 70  GLY A C   1 
ATOM   430  O  O   . GLY A 1 70  ? 6.096   8.846   -11.796 1.00 17.82 ? 70  GLY A O   1 
ATOM   431  N  N   . THR A 1 71  ? 6.130   6.863   -10.844 1.00 15.45 ? 71  THR A N   1 
ATOM   432  C  CA  . THR A 1 71  ? 4.832   6.381   -11.315 1.00 13.77 ? 71  THR A CA  1 
ATOM   433  C  C   . THR A 1 71  ? 3.888   6.458   -10.107 1.00 15.27 ? 71  THR A C   1 
ATOM   434  O  O   . THR A 1 71  ? 4.075   5.710   -9.202  1.00 14.53 ? 71  THR A O   1 
ATOM   435  C  CB  . THR A 1 71  ? 4.945   4.935   -11.727 1.00 16.40 ? 71  THR A CB  1 
ATOM   436  O  OG1 . THR A 1 71  ? 5.858   4.869   -12.870 1.00 20.56 ? 71  THR A OG1 1 
ATOM   437  C  CG2 . THR A 1 71  ? 3.726   4.380   -12.065 1.00 17.37 ? 71  THR A CG2 1 
ATOM   438  N  N   . ALA A 1 72  ? 2.856   7.292   -10.176 1.00 13.65 ? 72  ALA A N   1 
ATOM   439  C  CA  . ALA A 1 72  ? 1.922   7.402   -9.051  1.00 12.45 ? 72  ALA A CA  1 
ATOM   440  C  C   . ALA A 1 72  ? 1.068   6.187   -8.902  1.00 11.14 ? 72  ALA A C   1 
ATOM   441  O  O   . ALA A 1 72  ? 0.668   5.507   -9.898  1.00 11.97 ? 72  ALA A O   1 
ATOM   442  C  CB  . ALA A 1 72  ? 1.021   8.592   -9.244  1.00 14.01 ? 72  ALA A CB  1 
ATOM   443  N  N   . LEU A 1 73  ? 0.791   5.862   -7.633  1.00 11.57 ? 73  LEU A N   1 
ATOM   444  C  CA  . LEU A 1 73  ? 0.038   4.681   -7.344  1.00 13.82 ? 73  LEU A CA  1 
ATOM   445  C  C   . LEU A 1 73  ? -0.579  4.791   -5.968  1.00 13.19 ? 73  LEU A C   1 
ATOM   446  O  O   . LEU A 1 73  ? -0.204  5.709   -5.215  1.00 14.83 ? 73  LEU A O   1 
ATOM   447  C  CB  . LEU A 1 73  ? 0.820   3.358   -7.477  1.00 15.78 ? 73  LEU A CB  1 
ATOM   448  C  CG  . LEU A 1 73  ? 1.780   2.975   -6.359  1.00 22.18 ? 73  LEU A CG  1 
ATOM   449  C  CD1 . LEU A 1 73  ? 2.519   1.748   -6.880  1.00 25.11 ? 73  LEU A CD1 1 
ATOM   450  C  CD2 . LEU A 1 73  ? 2.808   4.004   -6.156  1.00 27.24 ? 73  LEU A CD2 1 
ATOM   451  N  N   . GLY A 1 74  ? -1.616  3.990   -5.712  1.00 11.17 ? 74  GLY A N   1 
ATOM   452  C  CA  . GLY A 1 74  ? -2.134  3.860   -4.362  1.00 10.02 ? 74  GLY A CA  1 
ATOM   453  C  C   . GLY A 1 74  ? -2.855  2.645   -4.152  1.00 9.56  ? 74  GLY A C   1 
ATOM   454  O  O   . GLY A 1 74  ? -3.225  1.984   -5.159  1.00 10.98 ? 74  GLY A O   1 
ATOM   455  N  N   . TRP A 1 75  ? -3.085  2.272   -2.893  1.00 8.83  ? 75  TRP A N   1 
ATOM   456  C  CA  . TRP A 1 75  ? -3.822  1.115   -2.628  1.00 9.83  ? 75  TRP A CA  1 
ATOM   457  C  C   . TRP A 1 75  ? -4.411  1.153   -1.259  1.00 9.97  ? 75  TRP A C   1 
ATOM   458  O  O   . TRP A 1 75  ? -4.069  2.029   -0.457  1.00 9.31  ? 75  TRP A O   1 
ATOM   459  C  CB  . TRP A 1 75  ? -3.011  -0.173  -2.791  1.00 10.21 ? 75  TRP A CB  1 
ATOM   460  C  CG  . TRP A 1 75  ? -1.933  -0.351  -1.751  1.00 10.15 ? 75  TRP A CG  1 
ATOM   461  C  CD1 . TRP A 1 75  ? -2.065  -0.989  -0.544  1.00 11.25 ? 75  TRP A CD1 1 
ATOM   462  C  CD2 . TRP A 1 75  ? -0.625  0.107   -1.803  1.00 9.90  ? 75  TRP A CD2 1 
ATOM   463  N  NE1 . TRP A 1 75  ? -0.853  -1.017  0.067   1.00 11.86 ? 75  TRP A NE1 1 
ATOM   464  C  CE2 . TRP A 1 75  ? 0.016   -0.292  -0.651  1.00 9.68  ? 75  TRP A CE2 1 
ATOM   465  C  CE3 . TRP A 1 75  ? 0.127   0.769   -2.761  1.00 10.41 ? 75  TRP A CE3 1 
ATOM   466  C  CZ2 . TRP A 1 75  ? 1.414   -0.029  -0.411  1.00 11.04 ? 75  TRP A CZ2 1 
ATOM   467  C  CZ3 . TRP A 1 75  ? 1.482   1.041   -2.520  1.00 12.93 ? 75  TRP A CZ3 1 
ATOM   468  C  CH2 . TRP A 1 75  ? 2.100   0.669   -1.348  1.00 11.99 ? 75  TRP A CH2 1 
ATOM   469  N  N   . THR A 1 76  ? -5.418  0.311   -1.011  1.00 9.65  ? 76  THR A N   1 
ATOM   470  C  CA  . THR A 1 76  ? -6.115  0.230   0.254   1.00 9.43  ? 76  THR A CA  1 
ATOM   471  C  C   . THR A 1 76  ? -6.127  -1.157  0.787   1.00 9.24  ? 76  THR A C   1 
ATOM   472  O  O   . THR A 1 76  ? -6.291  -2.161  0.050   1.00 9.92  ? 76  THR A O   1 
ATOM   473  C  CB  . THR A 1 76  ? -7.605  0.600   0.007   1.00 12.62 ? 76  THR A CB  1 
ATOM   474  O  OG1 . THR A 1 76  ? -7.681  1.894   -0.543  1.00 15.42 ? 76  THR A OG1 1 
ATOM   475  C  CG2 . THR A 1 76  ? -8.357  0.588   1.285   1.00 12.93 ? 76  THR A CG2 1 
ATOM   476  N  N   . VAL A 1 77  ? -6.067  -1.231  2.096   1.00 9.69  ? 77  VAL A N   1 
ATOM   477  C  CA  . VAL A 1 77  ? -6.316  -2.445  2.887   1.00 11.21 ? 77  VAL A CA  1 
ATOM   478  C  C   . VAL A 1 77  ? -7.347  -2.151  3.899   1.00 10.39 ? 77  VAL A C   1 
ATOM   479  O  O   . VAL A 1 77  ? -7.202  -1.176  4.680   1.00 11.60 ? 77  VAL A O   1 
ATOM   480  C  CB  . VAL A 1 77  ? -5.075  -2.981  3.564   1.00 11.79 ? 77  VAL A CB  1 
ATOM   481  C  CG1 . VAL A 1 77  ? -5.420  -4.079  4.649   1.00 13.11 ? 77  VAL A CG1 1 
ATOM   482  C  CG2 . VAL A 1 77  ? -4.115  -3.442  2.533   1.00 12.33 ? 77  VAL A CG2 1 
ATOM   483  N  N   . ALA A 1 78  ? -8.445  -2.915  3.935   1.00 10.34 ? 78  ALA A N   1 
ATOM   484  C  CA  . ALA A 1 78  ? -9.343  -2.950  5.087   1.00 10.64 ? 78  ALA A CA  1 
ATOM   485  C  C   . ALA A 1 78  ? -8.896  -4.088  6.019   1.00 11.73 ? 78  ALA A C   1 
ATOM   486  O  O   . ALA A 1 78  ? -8.698  -5.191  5.595   1.00 12.95 ? 78  ALA A O   1 
ATOM   487  C  CB  . ALA A 1 78  ? -10.802 -3.213  4.694   1.00 11.38 ? 78  ALA A CB  1 
ATOM   488  N  N   . TRP A 1 79  ? -8.718  -3.791  7.265   1.00 12.23 ? 79  TRP A N   1 
ATOM   489  C  CA  . TRP A 1 79  ? -8.060  -4.657  8.213   1.00 11.40 ? 79  TRP A CA  1 
ATOM   490  C  C   . TRP A 1 79  ? -8.953  -5.694  8.802   1.00 13.02 ? 79  TRP A C   1 
ATOM   491  O  O   . TRP A 1 79  ? -9.028  -5.880  10.006  1.00 12.20 ? 79  TRP A O   1 
ATOM   492  C  CB  . TRP A 1 79  ? -7.320  -3.829  9.262   1.00 11.10 ? 79  TRP A CB  1 
ATOM   493  C  CG  . TRP A 1 79  ? -6.249  -3.014  8.698   1.00 11.12 ? 79  TRP A CG  1 
ATOM   494  C  CD1 . TRP A 1 79  ? -6.261  -1.657  8.547   1.00 11.55 ? 79  TRP A CD1 1 
ATOM   495  C  CD2 . TRP A 1 79  ? -5.006  -3.461  8.231   1.00 11.56 ? 79  TRP A CD2 1 
ATOM   496  N  NE1 . TRP A 1 79  ? -5.122  -1.248  7.995   1.00 12.14 ? 79  TRP A NE1 1 
ATOM   497  C  CE2 . TRP A 1 79  ? -4.324  -2.325  7.740   1.00 11.83 ? 79  TRP A CE2 1 
ATOM   498  C  CE3 . TRP A 1 79  ? -4.386  -4.735  8.134   1.00 10.87 ? 79  TRP A CE3 1 
ATOM   499  C  CZ2 . TRP A 1 79  ? -3.056  -2.359  7.236   1.00 11.69 ? 79  TRP A CZ2 1 
ATOM   500  C  CZ3 . TRP A 1 79  ? -3.147  -4.815  7.570   1.00 12.44 ? 79  TRP A CZ3 1 
ATOM   501  C  CH2 . TRP A 1 79  ? -2.452  -3.606  7.102   1.00 12.40 ? 79  TRP A CH2 1 
ATOM   502  N  N   . LYS A 1 80  ? -9.606  -6.404  7.910   1.00 14.03 ? 80  LYS A N   1 
ATOM   503  C  CA  . LYS A 1 80  ? -10.520 -7.531  8.253   1.00 14.42 ? 80  LYS A CA  1 
ATOM   504  C  C   . LYS A 1 80  ? -10.076 -8.688  7.400   1.00 13.91 ? 80  LYS A C   1 
ATOM   505  O  O   . LYS A 1 80  ? -9.990  -8.585  6.200   1.00 12.72 ? 80  LYS A O   1 
ATOM   506  C  CB  . LYS A 1 80  ? -11.971 -7.231  8.017   1.00 16.37 ? 80  LYS A CB  1 
ATOM   507  C  CG  . LYS A 1 80  ? -12.909 -8.460  8.127   1.00 19.70 ? 80  LYS A CG  1 
ATOM   508  C  CD  . LYS A 1 80  ? -14.356 -8.095  7.957   1.00 25.85 ? 80  LYS A CD  1 
ATOM   509  C  CE  . LYS A 1 80  ? -15.254 -9.268  8.327   1.00 28.74 ? 80  LYS A CE  1 
ATOM   510  N  NZ  . LYS A 1 80  ? -14.997 -10.414 7.413   1.00 32.24 ? 80  LYS A NZ  1 
ATOM   511  N  N   . ASN A 1 81  ? -9.876  -9.823  8.065   1.00 11.85 ? 81  ASN A N   1 
ATOM   512  C  CA  . ASN A 1 81  ? -9.638  -11.078 7.344   1.00 11.53 ? 81  ASN A CA  1 
ATOM   513  C  C   . ASN A 1 81  ? -10.272 -12.169 8.208   1.00 15.29 ? 81  ASN A C   1 
ATOM   514  O  O   . ASN A 1 81  ? -11.058 -11.886 9.048   1.00 15.97 ? 81  ASN A O   1 
ATOM   515  C  CB  . ASN A 1 81  ? -8.188  -11.289 7.076   1.00 13.78 ? 81  ASN A CB  1 
ATOM   516  C  CG  . ASN A 1 81  ? -7.335  -11.520 8.282   1.00 12.27 ? 81  ASN A CG  1 
ATOM   517  O  OD1 . ASN A 1 81  ? -7.828  -11.593 9.445   1.00 14.60 ? 81  ASN A OD1 1 
ATOM   518  N  ND2 . ASN A 1 81  ? -6.011  -11.519 8.056   1.00 12.85 ? 81  ASN A ND2 1 
ATOM   519  N  N   . ASN A 1 82  ? -9.953  -13.407 7.874   1.00 16.56 ? 82  ASN A N   1 
ATOM   520  C  CA  . ASN A 1 82  ? -10.574 -14.483 8.710   1.00 20.69 ? 82  ASN A CA  1 
ATOM   521  C  C   . ASN A 1 82  ? -10.106 -14.585 10.120  1.00 22.39 ? 82  ASN A C   1 
ATOM   522  O  O   . ASN A 1 82  ? -10.767 -15.314 10.880  1.00 25.58 ? 82  ASN A O   1 
ATOM   523  C  CB  . ASN A 1 82  ? -10.397 -15.818 8.005   1.00 23.18 ? 82  ASN A CB  1 
ATOM   524  C  CG  . ASN A 1 82  ? -11.193 -15.896 6.716   1.00 33.54 ? 82  ASN A CG  1 
ATOM   525  O  OD1 . ASN A 1 82  ? -12.275 -15.343 6.608   1.00 41.48 ? 82  ASN A OD1 1 
ATOM   526  N  ND2 . ASN A 1 82  ? -10.670 -16.615 5.754   1.00 40.11 ? 82  ASN A ND2 1 
ATOM   527  N  N   . TYR A 1 83  ? -9.055  -13.885 10.539  1.00 18.26 ? 83  TYR A N   1 
ATOM   528  C  CA  . TYR A 1 83  ? -8.466  -13.991 11.859  1.00 19.46 ? 83  TYR A CA  1 
ATOM   529  C  C   . TYR A 1 83  ? -8.839  -12.847 12.739  1.00 19.92 ? 83  TYR A C   1 
ATOM   530  O  O   . TYR A 1 83  ? -9.067  -13.003 13.934  1.00 17.31 ? 83  TYR A O   1 
ATOM   531  C  CB  . TYR A 1 83  ? -6.975  -13.980 11.748  1.00 21.97 ? 83  TYR A CB  1 
ATOM   532  C  CG  . TYR A 1 83  ? -6.397  -15.163 11.024  1.00 25.85 ? 83  TYR A CG  1 
ATOM   533  C  CD1 . TYR A 1 83  ? -6.191  -16.373 11.718  1.00 34.61 ? 83  TYR A CD1 1 
ATOM   534  C  CD2 . TYR A 1 83  ? -6.106  -15.116 9.670   1.00 27.55 ? 83  TYR A CD2 1 
ATOM   535  C  CE1 . TYR A 1 83  ? -5.675  -17.504 11.052  1.00 38.18 ? 83  TYR A CE1 1 
ATOM   536  C  CE2 . TYR A 1 83  ? -5.619  -16.215 8.987   1.00 36.74 ? 83  TYR A CE2 1 
ATOM   537  C  CZ  . TYR A 1 83  ? -5.390  -17.412 9.686   1.00 40.31 ? 83  TYR A CZ  1 
ATOM   538  O  OH  . TYR A 1 83  ? -4.911  -18.502 9.007   1.00 40.69 ? 83  TYR A OH  1 
ATOM   539  N  N   . ARG A 1 84  ? -8.968  -11.655 12.161  1.00 16.85 ? 84  ARG A N   1 
ATOM   540  C  CA  . ARG A 1 84  ? -9.160  -10.476 12.971  1.00 17.23 ? 84  ARG A CA  1 
ATOM   541  C  C   . ARG A 1 84  ? -9.875  -9.395  12.235  1.00 17.16 ? 84  ARG A C   1 
ATOM   542  O  O   . ARG A 1 84  ? -9.847  -9.396  11.018  1.00 16.46 ? 84  ARG A O   1 
ATOM   543  C  CB  . ARG A 1 84  ? -7.820  -9.870  13.279  1.00 23.13 ? 84  ARG A CB  1 
ATOM   544  C  CG  . ARG A 1 84  ? -6.827  -10.755 13.959  1.00 32.11 ? 84  ARG A CG  1 
ATOM   545  C  CD  . ARG A 1 84  ? -6.054  -9.891  14.869  1.00 34.93 ? 84  ARG A CD  1 
ATOM   546  N  NE  . ARG A 1 84  ? -5.037  -10.674 15.504  1.00 33.92 ? 84  ARG A NE  1 
ATOM   547  C  CZ  . ARG A 1 84  ? -4.051  -10.137 16.144  1.00 31.62 ? 84  ARG A CZ  1 
ATOM   548  N  NH1 . ARG A 1 84  ? -3.132  -10.936 16.673  1.00 36.64 ? 84  ARG A NH1 1 
ATOM   549  N  NH2 . ARG A 1 84  ? -4.020  -8.806  16.354  1.00 28.89 ? 84  ARG A NH2 1 
ATOM   550  N  N   . ASN A 1 85  ? -10.519 -8.520  12.978  1.00 17.25 ? 85  ASN A N   1 
ATOM   551  C  CA  . ASN A 1 85  ? -11.159 -7.351  12.352  1.00 16.51 ? 85  ASN A CA  1 
ATOM   552  C  C   . ASN A 1 85  ? -10.802 -6.165  13.191  1.00 15.71 ? 85  ASN A C   1 
ATOM   553  O  O   . ASN A 1 85  ? -11.256 -5.980  14.360  1.00 17.48 ? 85  ASN A O   1 
ATOM   554  C  CB  . ASN A 1 85  ? -12.626 -7.489  12.192  1.00 16.32 ? 85  ASN A CB  1 
ATOM   555  C  CG  . ASN A 1 85  ? -13.226 -6.321  11.433  1.00 19.55 ? 85  ASN A CG  1 
ATOM   556  O  OD1 . ASN A 1 85  ? -12.522 -5.357  11.130  1.00 19.55 ? 85  ASN A OD1 1 
ATOM   557  N  ND2 . ASN A 1 85  ? -14.485 -6.415  11.103  1.00 18.34 ? 85  ASN A ND2 1 
ATOM   558  N  N   . ALA A 1 86  ? -9.918  -5.339  12.673  1.00 14.19 ? 86  ALA A N   1 
ATOM   559  C  CA  . ALA A 1 86  ? -9.472  -4.159  13.357  1.00 15.63 ? 86  ALA A CA  1 
ATOM   560  C  C   . ALA A 1 86  ? -10.323 -2.903  13.131  1.00 15.57 ? 86  ALA A C   1 
ATOM   561  O  O   . ALA A 1 86  ? -9.926  -1.835  13.580  1.00 17.84 ? 86  ALA A O   1 
ATOM   562  C  CB  . ALA A 1 86  ? -8.074  -3.864  13.017  1.00 16.65 ? 86  ALA A CB  1 
ATOM   563  N  N   . HIS A 1 87  ? -11.419 -3.037  12.425  1.00 15.44 ? 87  HIS A N   1 
ATOM   564  C  CA  . HIS A 1 87  ? -12.356 -1.937  12.207  1.00 15.87 ? 87  HIS A CA  1 
ATOM   565  C  C   . HIS A 1 87  ? -11.637 -0.664  11.712  1.00 14.61 ? 87  HIS A C   1 
ATOM   566  O  O   . HIS A 1 87  ? -11.844 0.432   12.247  1.00 15.54 ? 87  HIS A O   1 
ATOM   567  C  CB  . HIS A 1 87  ? -13.097 -1.644  13.457  1.00 17.02 ? 87  HIS A CB  1 
ATOM   568  C  CG  . HIS A 1 87  ? -13.900 -2.801  13.913  1.00 17.54 ? 87  HIS A CG  1 
ATOM   569  N  ND1 . HIS A 1 87  ? -14.729 -3.505  13.059  1.00 18.53 ? 87  HIS A ND1 1 
ATOM   570  C  CD2 . HIS A 1 87  ? -13.915 -3.446  15.101  1.00 19.36 ? 87  HIS A CD2 1 
ATOM   571  C  CE1 . HIS A 1 87  ? -15.302 -4.494  13.741  1.00 20.26 ? 87  HIS A CE1 1 
ATOM   572  N  NE2 . HIS A 1 87  ? -14.842 -4.452  14.971  1.00 18.98 ? 87  HIS A NE2 1 
ATOM   573  N  N   . SER A 1 88  ? -10.793 -0.898  10.733  1.00 13.96 ? 88  SER A N   1 
ATOM   574  C  CA  . SER A 1 88  ? -9.920  0.175   10.231  1.00 12.01 ? 88  SER A CA  1 
ATOM   575  C  C   . SER A 1 88  ? -9.562  -0.092  8.809   1.00 11.11 ? 88  SER A C   1 
ATOM   576  O  O   . SER A 1 88  ? -9.655  -1.228  8.331   1.00 12.59 ? 88  SER A O   1 
ATOM   577  C  CB  . SER A 1 88  ? -8.665  0.403   11.120  1.00 13.71 ? 88  SER A CB  1 
ATOM   578  O  OG  . SER A 1 88  ? -7.967  -0.798  11.333  1.00 16.28 ? 88  SER A OG  1 
ATOM   579  N  N   . ALA A 1 89  ? -9.068  0.933   8.134   1.00 10.84 ? 89  ALA A N   1 
ATOM   580  C  CA  . ALA A 1 89  ? -8.609  0.808   6.789   1.00 11.18 ? 89  ALA A CA  1 
ATOM   581  C  C   . ALA A 1 89  ? -7.404  1.751   6.559   1.00 11.54 ? 89  ALA A C   1 
ATOM   582  O  O   . ALA A 1 89  ? -7.366  2.809   7.149   1.00 12.31 ? 89  ALA A O   1 
ATOM   583  C  CB  . ALA A 1 89  ? -9.664  1.071   5.765   1.00 11.41 ? 89  ALA A CB  1 
ATOM   584  N  N   . THR A 1 90  ? -6.411  1.301   5.822   1.00 9.50  ? 90  THR A N   1 
ATOM   585  C  CA  . THR A 1 90  ? -5.276  2.143   5.516   1.00 9.74  ? 90  THR A CA  1 
ATOM   586  C  C   . THR A 1 90  ? -5.283  2.351   4.031   1.00 8.94  ? 90  THR A C   1 
ATOM   587  O  O   . THR A 1 90  ? -5.455  1.392   3.252   1.00 9.59  ? 90  THR A O   1 
ATOM   588  C  CB  . THR A 1 90  ? -3.985  1.505   5.939   1.00 9.99  ? 90  THR A CB  1 
ATOM   589  O  OG1 . THR A 1 90  ? -4.029  1.301   7.377   1.00 10.35 ? 90  THR A OG1 1 
ATOM   590  C  CG2 . THR A 1 90  ? -2.796  2.379   5.592   1.00 10.20 ? 90  THR A CG2 1 
ATOM   591  N  N   . THR A 1 91  ? -4.977  3.537   3.567   1.00 8.60  ? 91  THR A N   1 
ATOM   592  C  CA  . THR A 1 91  ? -4.652  3.823   2.202   1.00 8.90  ? 91  THR A CA  1 
ATOM   593  C  C   . THR A 1 91  ? -3.257  4.336   2.107   1.00 9.39  ? 91  THR A C   1 
ATOM   594  O  O   . THR A 1 91  ? -2.841  5.175   2.920   1.00 10.47 ? 91  THR A O   1 
ATOM   595  C  CB  . THR A 1 91  ? -5.588  4.773   1.549   1.00 11.01 ? 91  THR A CB  1 
ATOM   596  O  OG1 . THR A 1 91  ? -5.527  6.090   2.131   1.00 14.32 ? 91  THR A OG1 1 
ATOM   597  C  CG2 . THR A 1 91  ? -7.006  4.241   1.603   1.00 11.03 ? 91  THR A CG2 1 
ATOM   598  N  N   . TRP A 1 92  ? -2.497  3.853   1.103   1.00 8.79  ? 92  TRP A N   1 
ATOM   599  C  CA  . TRP A 1 92  ? -1.201  4.368   0.800   1.00 8.83  ? 92  TRP A CA  1 
ATOM   600  C  C   . TRP A 1 92  ? -1.297  5.065   -0.518  1.00 10.09 ? 92  TRP A C   1 
ATOM   601  O  O   . TRP A 1 92  ? -1.826  4.534   -1.452  1.00 10.23 ? 92  TRP A O   1 
ATOM   602  C  CB  . TRP A 1 92  ? -0.201  3.164   0.638   1.00 8.52  ? 92  TRP A CB  1 
ATOM   603  C  CG  . TRP A 1 92  ? 0.178   2.406   1.893   1.00 7.72  ? 92  TRP A CG  1 
ATOM   604  C  CD1 . TRP A 1 92  ? 1.354   2.532   2.531   1.00 9.14  ? 92  TRP A CD1 1 
ATOM   605  C  CD2 . TRP A 1 92  ? -0.538  1.429   2.574   1.00 8.61  ? 92  TRP A CD2 1 
ATOM   606  N  NE1 . TRP A 1 92  ? 1.369   1.684   3.603   1.00 9.45  ? 92  TRP A NE1 1 
ATOM   607  C  CE2 . TRP A 1 92  ? 0.217   0.971   3.574   1.00 9.20  ? 92  TRP A CE2 1 
ATOM   608  C  CE3 . TRP A 1 92  ? -1.800  0.817   2.340   1.00 9.36  ? 92  TRP A CE3 1 
ATOM   609  C  CZ2 . TRP A 1 92  ? -0.239  -0.016  4.490   1.00 10.63 ? 92  TRP A CZ2 1 
ATOM   610  C  CZ3 . TRP A 1 92  ? -2.210  -0.184  3.203   1.00 10.88 ? 92  TRP A CZ3 1 
ATOM   611  C  CH2 . TRP A 1 92  ? -1.403  -0.618  4.200   1.00 10.52 ? 92  TRP A CH2 1 
ATOM   612  N  N   . SER A 1 93  ? -0.609  6.144   -0.616  1.00 8.71  ? 93  SER A N   1 
ATOM   613  C  CA  . SER A 1 93  ? -0.473  6.989   -1.853  1.00 9.78  ? 93  SER A CA  1 
ATOM   614  C  C   . SER A 1 93  ? 0.993   7.253   -2.021  1.00 10.15 ? 93  SER A C   1 
ATOM   615  O  O   . SER A 1 93  ? 1.697   7.689   -1.098  1.00 11.66 ? 93  SER A O   1 
ATOM   616  C  CB  . SER A 1 93  ? -1.288  8.274   -1.591  1.00 11.27 ? 93  SER A CB  1 
ATOM   617  O  OG  . SER A 1 93  ? -1.234  9.063   -2.739  1.00 15.67 ? 93  SER A OG  1 
ATOM   618  N  N   . GLY A 1 94  ? 1.510   7.053   -3.226  1.00 10.88 ? 94  GLY A N   1 
ATOM   619  C  CA  . GLY A 1 94  ? 2.939   7.226   -3.398  1.00 12.38 ? 94  GLY A CA  1 
ATOM   620  C  C   . GLY A 1 94  ? 3.358   7.064   -4.829  1.00 12.72 ? 94  GLY A C   1 
ATOM   621  O  O   . GLY A 1 94  ? 2.565   7.228   -5.755  1.00 13.90 ? 94  GLY A O   1 
ATOM   622  N  N   . GLN A 1 95  ? 4.649   6.823   -4.947  1.00 12.93 ? 95  GLN A N   1 
ATOM   623  C  CA  . GLN A 1 95  ? 5.155   6.596   -6.287  1.00 14.83 ? 95  GLN A CA  1 
ATOM   624  C  C   . GLN A 1 95  ? 6.186   5.521   -6.277  1.00 13.82 ? 95  GLN A C   1 
ATOM   625  O  O   . GLN A 1 95  ? 6.939   5.364   -5.342  1.00 12.62 ? 95  GLN A O   1 
ATOM   626  C  CB  . GLN A 1 95  ? 5.652   7.869   -6.896  1.00 17.25 ? 95  GLN A CB  1 
ATOM   627  C  CG  . GLN A 1 95  ? 6.658   8.608   -6.172  1.00 18.05 ? 95  GLN A CG  1 
ATOM   628  C  CD  . GLN A 1 95  ? 6.954   9.963   -6.902  1.00 22.86 ? 95  GLN A CD  1 
ATOM   629  O  OE1 . GLN A 1 95  ? 6.990   10.032  -8.119  1.00 20.70 ? 95  GLN A OE1 1 
ATOM   630  N  NE2 . GLN A 1 95  ? 7.090   11.037  -6.123  1.00 24.65 ? 95  GLN A NE2 1 
ATOM   631  N  N   . TYR A 1 96  ? 6.165   4.777   -7.377  1.00 12.94 ? 96  TYR A N   1 
ATOM   632  C  CA  . TYR A 1 96  ? 7.208   3.743   -7.759  1.00 13.27 ? 96  TYR A CA  1 
ATOM   633  C  C   . TYR A 1 96  ? 8.318   4.421   -8.501  1.00 14.03 ? 96  TYR A C   1 
ATOM   634  O  O   . TYR A 1 96  ? 8.097   5.190   -9.431  1.00 14.50 ? 96  TYR A O   1 
ATOM   635  C  CB  . TYR A 1 96  ? 6.486   2.640   -8.563  1.00 15.00 ? 96  TYR A CB  1 
ATOM   636  C  CG  . TYR A 1 96  ? 7.435   1.794   -9.322  1.00 15.50 ? 96  TYR A CG  1 
ATOM   637  C  CD1 . TYR A 1 96  ? 8.053   0.748   -8.687  1.00 17.38 ? 96  TYR A CD1 1 
ATOM   638  C  CD2 . TYR A 1 96  ? 7.784   2.116   -10.588 1.00 17.42 ? 96  TYR A CD2 1 
ATOM   639  C  CE1 . TYR A 1 96  ? 8.925   -0.094  -9.383  1.00 17.67 ? 96  TYR A CE1 1 
ATOM   640  C  CE2 . TYR A 1 96  ? 8.689   1.338   -11.265 1.00 21.45 ? 96  TYR A CE2 1 
ATOM   641  C  CZ  . TYR A 1 96  ? 9.242   0.279   -10.670 1.00 20.60 ? 96  TYR A CZ  1 
ATOM   642  O  OH  . TYR A 1 96  ? 10.127  -0.553  -11.402 1.00 23.44 ? 96  TYR A OH  1 
ATOM   643  N  N   . VAL A 1 97  ? 9.549   4.190   -8.031  1.00 16.61 ? 97  VAL A N   1 
ATOM   644  C  CA  . VAL A 1 97  ? 10.750  4.753   -8.638  1.00 19.08 ? 97  VAL A CA  1 
ATOM   645  C  C   . VAL A 1 97  ? 11.560  3.535   -9.024  1.00 22.31 ? 97  VAL A C   1 
ATOM   646  O  O   . VAL A 1 97  ? 11.959  2.762   -8.140  1.00 21.32 ? 97  VAL A O   1 
ATOM   647  C  CB  . VAL A 1 97  ? 11.513  5.581   -7.618  1.00 23.64 ? 97  VAL A CB  1 
ATOM   648  C  CG1 . VAL A 1 97  ? 12.734  6.173   -8.297  1.00 31.17 ? 97  VAL A CG1 1 
ATOM   649  C  CG2 . VAL A 1 97  ? 10.653  6.720   -7.093  1.00 27.48 ? 97  VAL A CG2 1 
ATOM   650  N  N   . GLY A 1 98  ? 11.748  3.322   -10.313 1.00 24.00 ? 98  GLY A N   1 
ATOM   651  C  CA  . GLY A 1 98  ? 12.448  2.079   -10.790 1.00 29.33 ? 98  GLY A CA  1 
ATOM   652  C  C   . GLY A 1 98  ? 13.987  2.202   -10.644 1.00 32.14 ? 98  GLY A C   1 
ATOM   653  O  O   . GLY A 1 98  ? 14.479  3.120   -10.028 1.00 33.30 ? 98  GLY A O   1 
ATOM   654  N  N   . GLY A 1 99  ? 14.763  1.265   -11.184 1.00 43.19 ? 99  GLY A N   1 
ATOM   655  C  CA  . GLY A 1 99  ? 16.255  1.356   -11.069 1.00 44.67 ? 99  GLY A CA  1 
ATOM   656  C  C   . GLY A 1 99  ? 16.823  0.315   -10.134 1.00 45.51 ? 99  GLY A C   1 
ATOM   657  O  O   . GLY A 1 99  ? 16.068  -0.435  -9.492  1.00 53.57 ? 99  GLY A O   1 
ATOM   658  N  N   . ALA A 1 100 ? 18.149  0.241   -10.048 1.00 49.51 ? 100 ALA A N   1 
ATOM   659  C  CA  . ALA A 1 100 ? 18.806  -0.878  -9.332  1.00 46.50 ? 100 ALA A CA  1 
ATOM   660  C  C   . ALA A 1 100 ? 18.232  -1.070  -7.944  1.00 52.27 ? 100 ALA A C   1 
ATOM   661  O  O   . ALA A 1 100 ? 18.049  -2.228  -7.494  1.00 55.96 ? 100 ALA A O   1 
ATOM   662  C  CB  . ALA A 1 100 ? 20.335  -0.678  -9.250  1.00 50.61 ? 100 ALA A CB  1 
ATOM   663  N  N   . GLN A 1 101 ? 17.952  0.059   -7.279  1.00 37.86 ? 101 GLN A N   1 
ATOM   664  C  CA  . GLN A 1 101 ? 17.405  0.052   -5.944  1.00 41.12 ? 101 GLN A CA  1 
ATOM   665  C  C   . GLN A 1 101 ? 15.959  0.578   -6.083  1.00 34.88 ? 101 GLN A C   1 
ATOM   666  O  O   . GLN A 1 101 ? 15.639  1.686   -5.642  1.00 35.16 ? 101 GLN A O   1 
ATOM   667  C  CB  . GLN A 1 101 ? 18.240  0.946   -5.052  1.00 50.08 ? 101 GLN A CB  1 
ATOM   668  C  CG  . GLN A 1 101 ? 19.741  0.720   -5.222  1.00 60.08 ? 101 GLN A CG  1 
ATOM   669  C  CD  . GLN A 1 101 ? 20.505  1.098   -3.974  1.00 66.93 ? 101 GLN A CD  1 
ATOM   670  O  OE1 . GLN A 1 101 ? 20.228  2.135   -3.345  1.00 81.56 ? 101 GLN A OE1 1 
ATOM   671  N  NE2 . GLN A 1 101 ? 21.444  0.246   -3.580  1.00 70.13 ? 101 GLN A NE2 1 
ATOM   672  N  N   . ALA A 1 102 ? 15.121  -0.198  -6.759  1.00 26.22 ? 102 ALA A N   1 
ATOM   673  C  CA  . ALA A 1 102 ? 13.670  0.254   -6.893  1.00 23.36 ? 102 ALA A CA  1 
ATOM   674  C  C   . ALA A 1 102 ? 13.036  0.465   -5.532  1.00 19.22 ? 102 ALA A C   1 
ATOM   675  O  O   . ALA A 1 102 ? 13.304  -0.208  -4.547  1.00 19.11 ? 102 ALA A O   1 
ATOM   676  C  CB  . ALA A 1 102 ? 12.881  -0.734  -7.718  1.00 26.38 ? 102 ALA A CB  1 
ATOM   677  N  N   . ARG A 1 103 ? 12.103  1.442   -5.529  1.00 17.70 ? 103 ARG A N   1 
ATOM   678  C  CA  . ARG A 1 103 ? 11.451  1.848   -4.278  1.00 16.71 ? 103 ARG A CA  1 
ATOM   679  C  C   . ARG A 1 103 ? 9.996   2.229   -4.614  1.00 13.83 ? 103 ARG A C   1 
ATOM   680  O  O   . ARG A 1 103 ? 9.695   2.714   -5.681  1.00 15.38 ? 103 ARG A O   1 
ATOM   681  C  CB  . ARG A 1 103 ? 12.180  3.051   -3.727  1.00 21.38 ? 103 ARG A CB  1 
ATOM   682  C  CG  . ARG A 1 103 ? 13.257  2.615   -2.761  0.50 24.32 ? 103 ARG A CG  1 
ATOM   683  C  CD  . ARG A 1 103 ? 14.113  3.772   -2.337  0.50 28.74 ? 103 ARG A CD  1 
ATOM   684  N  NE  . ARG A 1 103 ? 14.816  3.435   -1.103  0.50 30.06 ? 103 ARG A NE  1 
ATOM   685  C  CZ  . ARG A 1 103 ? 15.542  2.340   -0.902  0.50 34.34 ? 103 ARG A CZ  1 
ATOM   686  N  NH1 . ARG A 1 103 ? 16.148  2.200   0.264   0.50 36.98 ? 103 ARG A NH1 1 
ATOM   687  N  NH2 . ARG A 1 103 ? 15.696  1.408   -1.845  0.50 33.56 ? 103 ARG A NH2 1 
ATOM   688  N  N   . ILE A 1 104 ? 9.143   1.946   -3.649  1.00 13.16 ? 104 ILE A N   1 
ATOM   689  C  CA  . ILE A 1 104 ? 7.812   2.628   -3.603  1.00 13.92 ? 104 ILE A CA  1 
ATOM   690  C  C   . ILE A 1 104 ? 7.876   3.519   -2.356  1.00 12.46 ? 104 ILE A C   1 
ATOM   691  O  O   . ILE A 1 104 ? 7.901   3.025   -1.228  1.00 15.30 ? 104 ILE A O   1 
ATOM   692  C  CB  . ILE A 1 104 ? 6.716   1.642   -3.632  1.00 14.26 ? 104 ILE A CB  1 
ATOM   693  C  CG1 . ILE A 1 104 ? 6.809   0.735   -4.831  1.00 16.20 ? 104 ILE A CG1 1 
ATOM   694  C  CG2 . ILE A 1 104 ? 5.346   2.312   -3.631  1.00 16.89 ? 104 ILE A CG2 1 
ATOM   695  C  CD1 . ILE A 1 104 ? 5.799   -0.398  -4.778  1.00 18.55 ? 104 ILE A CD1 1 
ATOM   696  N  N   . ASN A 1 105 ? 7.790   4.824   -2.553  1.00 14.00 ? 105 ASN A N   1 
ATOM   697  C  CA  . ASN A 1 105 ? 7.804   5.831   -1.453  1.00 12.83 ? 105 ASN A CA  1 
ATOM   698  C  C   . ASN A 1 105 ? 6.320   6.208   -1.258  1.00 14.03 ? 105 ASN A C   1 
ATOM   699  O  O   . ASN A 1 105 ? 5.700   6.619   -2.181  1.00 14.56 ? 105 ASN A O   1 
ATOM   700  C  CB  . ASN A 1 105 ? 8.612   6.985   -1.828  1.00 17.61 ? 105 ASN A CB  1 
ATOM   701  C  CG  . ASN A 1 105 ? 10.116  6.630   -1.894  1.00 19.48 ? 105 ASN A CG  1 
ATOM   702  O  OD1 . ASN A 1 105 ? 10.574  5.867   -1.078  1.00 21.32 ? 105 ASN A OD1 1 
ATOM   703  N  ND2 . ASN A 1 105 ? 10.770  7.071   -2.938  1.00 20.88 ? 105 ASN A ND2 1 
ATOM   704  N  N   . THR A 1 106 ? 5.801   6.023   -0.051  1.00 11.94 ? 106 THR A N   1 
ATOM   705  C  CA  . THR A 1 106 ? 4.422   6.265   0.193   1.00 12.85 ? 106 THR A CA  1 
ATOM   706  C  C   . THR A 1 106 ? 4.199   7.123   1.467   1.00 11.94 ? 106 THR A C   1 
ATOM   707  O  O   . THR A 1 106 ? 5.050   7.236   2.395   1.00 11.49 ? 106 THR A O   1 
ATOM   708  C  CB  . THR A 1 106 ? 3.629   4.992   0.475   1.00 14.78 ? 106 THR A CB  1 
ATOM   709  O  OG1 . THR A 1 106 ? 4.006   4.449   1.743   1.00 14.32 ? 106 THR A OG1 1 
ATOM   710  C  CG2 . THR A 1 106 ? 3.767   4.005   -0.712  1.00 14.70 ? 106 THR A CG2 1 
ATOM   711  N  N   . GLN A 1 107 ? 3.070   7.755   1.452   1.00 10.46 ? 107 GLN A N   1 
ATOM   712  C  CA  . GLN A 1 107 ? 2.454   8.252   2.677   1.00 10.61 ? 107 GLN A CA  1 
ATOM   713  C  C   . GLN A 1 107 ? 1.147   7.544   2.844   1.00 9.72  ? 107 GLN A C   1 
ATOM   714  O  O   . GLN A 1 107 ? 0.539   7.057   1.865   1.00 10.60 ? 107 GLN A O   1 
ATOM   715  C  CB  . GLN A 1 107 ? 2.225   9.764   2.619   1.00 12.48 ? 107 GLN A CB  1 
ATOM   716  C  CG  A GLN A 1 107 ? 3.589   10.496  2.360   0.50 14.13 ? 107 GLN A CG  1 
ATOM   717  C  CG  B GLN A 1 107 ? 3.609   10.420  2.776   0.50 15.70 ? 107 GLN A CG  1 
ATOM   718  C  CD  A GLN A 1 107 ? 3.533   11.957  2.613   0.50 12.23 ? 107 GLN A CD  1 
ATOM   719  C  CD  B GLN A 1 107 ? 3.754   11.276  3.971   0.50 16.48 ? 107 GLN A CD  1 
ATOM   720  O  OE1 A GLN A 1 107 ? 3.289   12.354  3.708   0.50 15.75 ? 107 GLN A OE1 1 
ATOM   721  O  OE1 B GLN A 1 107 ? 3.610   10.938  5.200   0.50 20.15 ? 107 GLN A OE1 1 
ATOM   722  N  NE2 A GLN A 1 107 ? 3.751   12.746  1.620   0.50 12.70 ? 107 GLN A NE2 1 
ATOM   723  N  NE2 B GLN A 1 107 ? 4.225   12.416  3.637   0.50 17.45 ? 107 GLN A NE2 1 
ATOM   724  N  N   . TRP A 1 108 ? 0.705   7.359   4.070   1.00 9.40  ? 108 TRP A N   1 
ATOM   725  C  CA  . TRP A 1 108 ? -0.501  6.614   4.325   1.00 9.06  ? 108 TRP A CA  1 
ATOM   726  C  C   . TRP A 1 108 ? -1.397  7.274   5.312   1.00 8.74  ? 108 TRP A C   1 
ATOM   727  O  O   . TRP A 1 108 ? -0.974  8.047   6.152   1.00 9.26  ? 108 TRP A O   1 
ATOM   728  C  CB  . TRP A 1 108 ? -0.254  5.158   4.767   1.00 8.27  ? 108 TRP A CB  1 
ATOM   729  C  CG  . TRP A 1 108 ? 0.702   4.973   5.892   1.00 9.46  ? 108 TRP A CG  1 
ATOM   730  C  CD1 . TRP A 1 108 ? 1.983   4.567   5.810   1.00 11.13 ? 108 TRP A CD1 1 
ATOM   731  C  CD2 . TRP A 1 108 ? 0.401   5.040   7.288   1.00 8.75  ? 108 TRP A CD2 1 
ATOM   732  N  NE1 . TRP A 1 108 ? 2.554   4.492   7.059   1.00 11.43 ? 108 TRP A NE1 1 
ATOM   733  C  CE2 . TRP A 1 108 ? 1.589   4.767   7.987   1.00 9.92  ? 108 TRP A CE2 1 
ATOM   734  C  CE3 . TRP A 1 108 ? -0.719  5.417   8.008   1.00 9.14  ? 108 TRP A CE3 1 
ATOM   735  C  CZ2 . TRP A 1 108 ? 1.634   4.751   9.351   1.00 10.85 ? 108 TRP A CZ2 1 
ATOM   736  C  CZ3 . TRP A 1 108 ? -0.661  5.368   9.380   1.00 9.10  ? 108 TRP A CZ3 1 
ATOM   737  C  CH2 . TRP A 1 108 ? 0.537   5.162   10.016  1.00 10.08 ? 108 TRP A CH2 1 
ATOM   738  N  N   . LEU A 1 109 ? -2.680  6.901   5.271   1.00 8.51  ? 109 LEU A N   1 
ATOM   739  C  CA  . LEU A 1 109 ? -3.734  7.399   6.142   1.00 9.74  ? 109 LEU A CA  1 
ATOM   740  C  C   . LEU A 1 109 ? -4.463  6.123   6.616   1.00 11.45 ? 109 LEU A C   1 
ATOM   741  O  O   . LEU A 1 109 ? -4.963  5.308   5.804   1.00 12.08 ? 109 LEU A O   1 
ATOM   742  C  CB  . LEU A 1 109 ? -4.761  8.289   5.463   1.00 10.78 ? 109 LEU A CB  1 
ATOM   743  C  CG  . LEU A 1 109 ? -4.339  9.617   4.915   1.00 13.25 ? 109 LEU A CG  1 
ATOM   744  C  CD1 . LEU A 1 109 ? -5.424  10.148  4.032   1.00 15.35 ? 109 LEU A CD1 1 
ATOM   745  C  CD2 . LEU A 1 109 ? -3.925  10.524  5.989   1.00 14.66 ? 109 LEU A CD2 1 
ATOM   746  N  N   . LEU A 1 110 ? -4.476  5.939   7.909   1.00 10.57 ? 110 LEU A N   1 
ATOM   747  C  CA  . LEU A 1 110 ? -5.163  4.839   8.596   1.00 11.35 ? 110 LEU A CA  1 
ATOM   748  C  C   . LEU A 1 110 ? -6.384  5.397   9.359   1.00 13.22 ? 110 LEU A C   1 
ATOM   749  O  O   . LEU A 1 110 ? -6.243  6.175   10.263  1.00 13.61 ? 110 LEU A O   1 
ATOM   750  C  CB  . LEU A 1 110 ? -4.270  4.133   9.564   1.00 13.71 ? 110 LEU A CB  1 
ATOM   751  C  CG  . LEU A 1 110 ? -4.823  2.891   10.368  1.00 16.65 ? 110 LEU A CG  1 
ATOM   752  C  CD1 . LEU A 1 110 ? -3.585  2.313   11.030  1.00 17.84 ? 110 LEU A CD1 1 
ATOM   753  C  CD2 . LEU A 1 110 ? -5.826  3.313   11.397  1.00 18.93 ? 110 LEU A CD2 1 
ATOM   754  N  N   . THR A 1 111 ? -7.564  5.041   8.939   1.00 12.38 ? 111 THR A N   1 
ATOM   755  C  CA  . THR A 1 111 ? -8.790  5.496   9.571   1.00 11.60 ? 111 THR A CA  1 
ATOM   756  C  C   . THR A 1 111 ? -9.361  4.350   10.402  1.00 13.28 ? 111 THR A C   1 
ATOM   757  O  O   . THR A 1 111 ? -9.457  3.198   9.896   1.00 13.34 ? 111 THR A O   1 
ATOM   758  C  CB  . THR A 1 111 ? -9.791  5.944   8.574   1.00 14.08 ? 111 THR A CB  1 
ATOM   759  O  OG1 . THR A 1 111 ? -9.235  7.060   7.818   1.00 15.51 ? 111 THR A OG1 1 
ATOM   760  C  CG2 . THR A 1 111 ? -10.961 6.515   9.195   1.00 16.09 ? 111 THR A CG2 1 
ATOM   761  N  N   . PHE A 1 112 ? -9.755  4.690   11.636  1.00 12.67 ? 112 PHE A N   1 
ATOM   762  C  CA  . PHE A 1 112 ? -10.446 3.706   12.478  1.00 16.07 ? 112 PHE A CA  1 
ATOM   763  C  C   . PHE A 1 112 ? -11.904 4.058   12.462  1.00 17.37 ? 112 PHE A C   1 
ATOM   764  O  O   . PHE A 1 112 ? -12.287 5.242   12.550  1.00 17.97 ? 112 PHE A O   1 
ATOM   765  C  CB  . PHE A 1 112 ? -10.058 3.813   13.925  1.00 22.76 ? 112 PHE A CB  1 
ATOM   766  C  CG  . PHE A 1 112 ? -8.666  4.172   14.245  1.00 29.58 ? 112 PHE A CG  1 
ATOM   767  C  CD1 . PHE A 1 112 ? -7.724  3.195   14.523  1.00 41.94 ? 112 PHE A CD1 1 
ATOM   768  C  CD2 . PHE A 1 112 ? -8.333  5.513   14.524  1.00 44.91 ? 112 PHE A CD2 1 
ATOM   769  C  CE1 . PHE A 1 112 ? -6.437  3.566   14.926  1.00 42.20 ? 112 PHE A CE1 1 
ATOM   770  C  CE2 . PHE A 1 112 ? -7.061  5.880   14.927  1.00 43.80 ? 112 PHE A CE2 1 
ATOM   771  C  CZ  . PHE A 1 112 ? -6.120  4.895   15.127  1.00 44.78 ? 112 PHE A CZ  1 
ATOM   772  N  N   . GLY A 1 113 ? -12.784 3.078   12.504  1.00 17.03 ? 113 GLY A N   1 
ATOM   773  C  CA  . GLY A 1 113 ? -14.191 3.400   12.785  1.00 18.31 ? 113 GLY A CA  1 
ATOM   774  C  C   . GLY A 1 113 ? -14.425 3.997   14.152  1.00 19.13 ? 113 GLY A C   1 
ATOM   775  O  O   . GLY A 1 113 ? -13.983 3.431   15.159  1.00 24.62 ? 113 GLY A O   1 
ATOM   776  N  N   . THR A 1 114 ? -15.102 5.124   14.239  1.00 19.44 ? 114 THR A N   1 
ATOM   777  C  CA  . THR A 1 114 ? -15.272 5.788   15.526  1.00 20.00 ? 114 THR A CA  1 
ATOM   778  C  C   . THR A 1 114 ? -16.708 6.229   15.637  1.00 19.38 ? 114 THR A C   1 
ATOM   779  O  O   . THR A 1 114 ? -17.437 6.335   14.654  1.00 20.48 ? 114 THR A O   1 
ATOM   780  C  CB  . THR A 1 114 ? -14.403 7.046   15.735  1.00 21.60 ? 114 THR A CB  1 
ATOM   781  O  OG1 . THR A 1 114 ? -14.805 8.090   14.821  1.00 23.22 ? 114 THR A OG1 1 
ATOM   782  C  CG2 . THR A 1 114 ? -12.888 6.749   15.584  1.00 22.57 ? 114 THR A CG2 1 
ATOM   783  N  N   . THR A 1 115 ? -17.068 6.596   16.876  1.00 20.69 ? 115 THR A N   1 
ATOM   784  C  CA  . THR A 1 115 ? -18.281 7.361   17.031  1.00 22.98 ? 115 THR A CA  1 
ATOM   785  C  C   . THR A 1 115 ? -18.065 8.785   16.573  1.00 28.02 ? 115 THR A C   1 
ATOM   786  O  O   . THR A 1 115 ? -16.916 9.239   16.418  1.00 23.43 ? 115 THR A O   1 
ATOM   787  C  CB  . THR A 1 115 ? -18.691 7.387   18.506  1.00 26.02 ? 115 THR A CB  1 
ATOM   788  O  OG1 . THR A 1 115 ? -17.660 8.061   19.278  1.00 27.19 ? 115 THR A OG1 1 
ATOM   789  C  CG2 . THR A 1 115 ? -18.857 5.920   18.969  1.00 26.52 ? 115 THR A CG2 1 
ATOM   790  N  N   . GLU A 1 116 ? -19.165 9.505   16.356  1.00 26.89 ? 116 GLU A N   1 
ATOM   791  C  CA  . GLU A 1 116 ? -19.099 10.888  15.915  1.00 30.32 ? 116 GLU A CA  1 
ATOM   792  C  C   . GLU A 1 116 ? -18.315 11.748  16.935  1.00 28.22 ? 116 GLU A C   1 
ATOM   793  O  O   . GLU A 1 116 ? -17.491 12.579  16.533  1.00 26.10 ? 116 GLU A O   1 
ATOM   794  C  CB  . GLU A 1 116 ? -20.528 11.430  15.541  1.00 32.88 ? 116 GLU A CB  1 
ATOM   795  C  CG  . GLU A 1 116 ? -21.026 10.774  14.201  0.50 36.70 ? 116 GLU A CG  1 
ATOM   796  C  CD  . GLU A 1 116 ? -22.561 10.641  13.984  0.50 40.73 ? 116 GLU A CD  1 
ATOM   797  O  OE1 . GLU A 1 116 ? -23.150 9.557   14.271  0.50 39.80 ? 116 GLU A OE1 1 
ATOM   798  O  OE2 . GLU A 1 116 ? -23.186 11.597  13.459  0.50 37.58 ? 116 GLU A OE2 1 
ATOM   799  N  N   . ALA A 1 117 ? -18.454 11.482  18.226  1.00 28.00 ? 117 ALA A N   1 
ATOM   800  C  CA  . ALA A 1 117 ? -17.746 12.269  19.236  1.00 30.91 ? 117 ALA A CA  1 
ATOM   801  C  C   . ALA A 1 117 ? -16.225 12.064  19.160  1.00 31.86 ? 117 ALA A C   1 
ATOM   802  O  O   . ALA A 1 117 ? -15.482 12.961  19.521  1.00 29.69 ? 117 ALA A O   1 
ATOM   803  C  CB  . ALA A 1 117 ? -18.245 11.911  20.634  1.00 35.26 ? 117 ALA A CB  1 
ATOM   804  N  N   . ASN A 1 118 ? -15.769 10.892  18.711  1.00 23.03 ? 118 ASN A N   1 
ATOM   805  C  CA  . ASN A 1 118 ? -14.327 10.596  18.652  1.00 22.67 ? 118 ASN A CA  1 
ATOM   806  C  C   . ASN A 1 118 ? -13.706 10.771  17.251  1.00 18.58 ? 118 ASN A C   1 
ATOM   807  O  O   . ASN A 1 118 ? -12.542 10.478  17.057  1.00 18.02 ? 118 ASN A O   1 
ATOM   808  C  CB  . ASN A 1 118 ? -14.069 9.242   19.200  1.00 22.53 ? 118 ASN A CB  1 
ATOM   809  C  CG  . ASN A 1 118 ? -14.448 9.178   20.688  1.00 30.30 ? 118 ASN A CG  1 
ATOM   810  O  OD1 . ASN A 1 118 ? -14.312 10.168  21.399  1.00 29.03 ? 118 ASN A OD1 1 
ATOM   811  N  ND2 . ASN A 1 118 ? -14.982 8.069   21.107  1.00 32.23 ? 118 ASN A ND2 1 
ATOM   812  N  N   . ALA A 1 119 ? -14.496 11.209  16.309  1.00 17.82 ? 119 ALA A N   1 
ATOM   813  C  CA  . ALA A 1 119 ? -14.122 11.221  14.874  1.00 18.65 ? 119 ALA A CA  1 
ATOM   814  C  C   . ALA A 1 119 ? -12.942 12.183  14.665  1.00 17.51 ? 119 ALA A C   1 
ATOM   815  O  O   . ALA A 1 119 ? -12.110 11.996  13.735  1.00 17.05 ? 119 ALA A O   1 
ATOM   816  C  CB  . ALA A 1 119 ? -15.346 11.601  14.004  1.00 20.93 ? 119 ALA A CB  1 
ATOM   817  N  N   . TRP A 1 120 ? -12.785 13.179  15.532  1.00 16.69 ? 120 TRP A N   1 
ATOM   818  C  CA  . TRP A 1 120 ? -11.588 13.997  15.450  1.00 15.90 ? 120 TRP A CA  1 
ATOM   819  C  C   . TRP A 1 120 ? -10.286 13.257  15.511  1.00 17.86 ? 120 TRP A C   1 
ATOM   820  O  O   . TRP A 1 120 ? -9.241  13.713  14.934  1.00 17.01 ? 120 TRP A O   1 
ATOM   821  C  CB  . TRP A 1 120 ? -11.573 15.191  16.450  1.00 17.43 ? 120 TRP A CB  1 
ATOM   822  C  CG  . TRP A 1 120 ? -11.383 14.781  17.866  1.00 16.88 ? 120 TRP A CG  1 
ATOM   823  C  CD1 . TRP A 1 120 ? -12.331 14.339  18.717  1.00 17.30 ? 120 TRP A CD1 1 
ATOM   824  C  CD2 . TRP A 1 120 ? -10.158 14.585  18.513  1.00 14.57 ? 120 TRP A CD2 1 
ATOM   825  N  NE1 . TRP A 1 120 ? -11.791 13.940  19.861  1.00 17.93 ? 120 TRP A NE1 1 
ATOM   826  C  CE2 . TRP A 1 120 ? -10.442 14.099  19.792  1.00 17.80 ? 120 TRP A CE2 1 
ATOM   827  C  CE3 . TRP A 1 120 ? -8.846  14.855  18.178  1.00 16.90 ? 120 TRP A CE3 1 
ATOM   828  C  CZ2 . TRP A 1 120 ? -9.462  13.854  20.707  1.00 18.78 ? 120 TRP A CZ2 1 
ATOM   829  C  CZ3 . TRP A 1 120 ? -7.927  14.618  19.049  1.00 16.83 ? 120 TRP A CZ3 1 
ATOM   830  C  CH2 . TRP A 1 120 ? -8.194  14.089  20.300  1.00 18.73 ? 120 TRP A CH2 1 
ATOM   831  N  N   . ALA A 1 121 ? -10.311 12.119  16.212  1.00 14.18 ? 121 ALA A N   1 
ATOM   832  C  CA  . ALA A 1 121 ? -9.149  11.308  16.512  1.00 15.35 ? 121 ALA A CA  1 
ATOM   833  C  C   . ALA A 1 121 ? -9.187  10.032  15.711  1.00 15.99 ? 121 ALA A C   1 
ATOM   834  O  O   . ALA A 1 121 ? -8.595  9.057   16.140  1.00 19.92 ? 121 ALA A O   1 
ATOM   835  C  CB  . ALA A 1 121 ? -9.072  10.997  18.001  1.00 18.13 ? 121 ALA A CB  1 
ATOM   836  N  N   . SER A 1 122 ? -9.765  10.064  14.526  1.00 13.88 ? 122 SER A N   1 
ATOM   837  C  CA  . SER A 1 122 ? -10.039 8.802   13.785  1.00 14.61 ? 122 SER A CA  1 
ATOM   838  C  C   . SER A 1 122 ? -8.926  8.433   12.789  1.00 16.05 ? 122 SER A C   1 
ATOM   839  O  O   . SER A 1 122 ? -8.997  7.332   12.247  1.00 16.10 ? 122 SER A O   1 
ATOM   840  C  CB  . SER A 1 122 ? -11.366 8.852   13.014  1.00 16.59 ? 122 SER A CB  1 
ATOM   841  O  OG  . SER A 1 122 ? -11.264 9.805   11.954  1.00 20.51 ? 122 SER A OG  1 
ATOM   842  N  N   . THR A 1 123 ? -7.950  9.315   12.490  1.00 12.36 ? 123 THR A N   1 
ATOM   843  C  CA  . THR A 1 123 ? -7.054  9.055   11.364  1.00 11.50 ? 123 THR A CA  1 
ATOM   844  C  C   . THR A 1 123 ? -5.583  9.275   11.724  1.00 11.55 ? 123 THR A C   1 
ATOM   845  O  O   . THR A 1 123 ? -5.229  10.363  12.143  1.00 12.00 ? 123 THR A O   1 
ATOM   846  C  CB  . THR A 1 123 ? -7.321  9.988   10.204  1.00 12.58 ? 123 THR A CB  1 
ATOM   847  O  OG1 . THR A 1 123 ? -8.736  9.858   9.835   1.00 19.00 ? 123 THR A OG1 1 
ATOM   848  C  CG2 . THR A 1 123 ? -6.579  9.438   8.961   1.00 13.75 ? 123 THR A CG2 1 
ATOM   849  N  N   . LEU A 1 124 ? -4.799  8.231   11.632  1.00 11.28 ? 124 LEU A N   1 
ATOM   850  C  CA  . LEU A 1 124 ? -3.342  8.263   11.739  1.00 11.94 ? 124 LEU A CA  1 
ATOM   851  C  C   . LEU A 1 124 ? -2.728  8.515   10.351  1.00 10.86 ? 124 LEU A C   1 
ATOM   852  O  O   . LEU A 1 124 ? -3.269  8.090   9.289   1.00 10.90 ? 124 LEU A O   1 
ATOM   853  C  CB  . LEU A 1 124 ? -2.779  6.967   12.220  1.00 12.23 ? 124 LEU A CB  1 
ATOM   854  C  CG  . LEU A 1 124 ? -3.049  6.621   13.686  1.00 15.76 ? 124 LEU A CG  1 
ATOM   855  C  CD1 . LEU A 1 124 ? -2.709  5.186   13.896  1.00 16.80 ? 124 LEU A CD1 1 
ATOM   856  C  CD2 . LEU A 1 124 ? -2.183  7.456   14.597  1.00 17.42 ? 124 LEU A CD2 1 
ATOM   857  N  N   . VAL A 1 125 ? -1.545  9.173   10.343  1.00 10.12 ? 125 VAL A N   1 
ATOM   858  C  CA  . VAL A 1 125 ? -0.837  9.497   9.146   1.00 11.26 ? 125 VAL A CA  1 
ATOM   859  C  C   . VAL A 1 125 ? 0.588   9.017   9.370   1.00 10.66 ? 125 VAL A C   1 
ATOM   860  O  O   . VAL A 1 125 ? 1.115   9.121   10.492  1.00 10.93 ? 125 VAL A O   1 
ATOM   861  C  CB  . VAL A 1 125 ? -0.872  10.916  8.735   1.00 11.19 ? 125 VAL A CB  1 
ATOM   862  C  CG1 . VAL A 1 125 ? -0.238  11.866  9.795   1.00 12.81 ? 125 VAL A CG1 1 
ATOM   863  C  CG2 . VAL A 1 125 ? -0.247  11.168  7.378   1.00 11.53 ? 125 VAL A CG2 1 
ATOM   864  N  N   . GLY A 1 126 ? 1.150   8.401   8.325   1.00 9.14  ? 126 GLY A N   1 
ATOM   865  C  CA  . GLY A 1 126 ? 2.546   8.039   8.331   1.00 10.35 ? 126 GLY A CA  1 
ATOM   866  C  C   . GLY A 1 126 ? 3.092   7.861   6.953   1.00 9.75  ? 126 GLY A C   1 
ATOM   867  O  O   . GLY A 1 126 ? 2.574   8.341   5.968   1.00 10.32 ? 126 GLY A O   1 
ATOM   868  N  N   . HIS A 1 127 ? 4.318   7.264   6.958   1.00 9.77  ? 127 HIS A N   1 
ATOM   869  C  CA  . HIS A 1 127 ? 4.997   7.097   5.700   1.00 11.26 ? 127 HIS A CA  1 
ATOM   870  C  C   . HIS A 1 127 ? 5.727   5.766   5.701   1.00 12.33 ? 127 HIS A C   1 
ATOM   871  O  O   . HIS A 1 127 ? 6.295   5.436   6.714   1.00 14.45 ? 127 HIS A O   1 
ATOM   872  C  CB  . HIS A 1 127 ? 5.861   8.287   5.453   1.00 12.51 ? 127 HIS A CB  1 
ATOM   873  C  CG  . HIS A 1 127 ? 6.784   8.606   6.568   1.00 15.87 ? 127 HIS A CG  1 
ATOM   874  N  ND1 . HIS A 1 127 ? 8.049   8.083   6.680   1.00 18.64 ? 127 HIS A ND1 1 
ATOM   875  C  CD2 . HIS A 1 127 ? 6.619   9.428   7.630   1.00 18.40 ? 127 HIS A CD2 1 
ATOM   876  C  CE1 . HIS A 1 127 ? 8.608   8.535   7.806   1.00 17.95 ? 127 HIS A CE1 1 
ATOM   877  N  NE2 . HIS A 1 127 ? 7.772   9.372   8.386   1.00 21.87 ? 127 HIS A NE2 1 
ATOM   878  N  N   . ASP A 1 128 ? 5.682   5.055   4.586   1.00 11.82 ? 128 ASP A N   1 
ATOM   879  C  CA  . ASP A 1 128 ? 6.324   3.781   4.407   1.00 12.06 ? 128 ASP A CA  1 
ATOM   880  C  C   . ASP A 1 128 ? 7.166   3.879   3.171   1.00 11.51 ? 128 ASP A C   1 
ATOM   881  O  O   . ASP A 1 128 ? 6.722   4.334   2.113   1.00 13.34 ? 128 ASP A O   1 
ATOM   882  C  CB  . ASP A 1 128 ? 5.317   2.661   4.257   1.00 11.77 ? 128 ASP A CB  1 
ATOM   883  C  CG  . ASP A 1 128 ? 4.634   2.177   5.568   1.00 13.49 ? 128 ASP A CG  1 
ATOM   884  O  OD1 . ASP A 1 128 ? 4.980   2.637   6.704   1.00 18.54 ? 128 ASP A OD1 1 
ATOM   885  O  OD2 . ASP A 1 128 ? 3.615   1.451   5.436   1.00 14.26 ? 128 ASP A OD2 1 
ATOM   886  N  N   . THR A 1 129 ? 8.324   3.219   3.184   1.00 12.74 ? 129 THR A N   1 
ATOM   887  C  CA  . THR A 1 129 ? 9.139   3.094   2.049   1.00 14.72 ? 129 THR A CA  1 
ATOM   888  C  C   . THR A 1 129 ? 9.344   1.591   1.835   1.00 11.54 ? 129 THR A C   1 
ATOM   889  O  O   . THR A 1 129 ? 9.757   0.897   2.781   1.00 14.92 ? 129 THR A O   1 
ATOM   890  C  CB  . THR A 1 129 ? 10.548  3.683   2.239   1.00 19.28 ? 129 THR A CB  1 
ATOM   891  O  OG1 . THR A 1 129 ? 10.383  5.068   2.458   1.00 29.82 ? 129 THR A OG1 1 
ATOM   892  C  CG2 . THR A 1 129 ? 11.298  3.567   0.872   1.00 19.28 ? 129 THR A CG2 1 
ATOM   893  N  N   . PHE A 1 130 ? 9.016   1.166   0.641   1.00 12.68 ? 130 PHE A N   1 
ATOM   894  C  CA  . PHE A 1 130 ? 9.076   -0.263  0.265   1.00 11.78 ? 130 PHE A CA  1 
ATOM   895  C  C   . PHE A 1 130 ? 10.230  -0.465  -0.698  1.00 12.66 ? 130 PHE A C   1 
ATOM   896  O  O   . PHE A 1 130 ? 10.458  0.317   -1.615  1.00 14.62 ? 130 PHE A O   1 
ATOM   897  C  CB  . PHE A 1 130 ? 7.793   -0.674  -0.448  1.00 11.34 ? 130 PHE A CB  1 
ATOM   898  C  CG  . PHE A 1 130 ? 6.547   -0.608  0.403   1.00 11.79 ? 130 PHE A CG  1 
ATOM   899  C  CD1 . PHE A 1 130 ? 5.880   0.584   0.549   1.00 12.72 ? 130 PHE A CD1 1 
ATOM   900  C  CD2 . PHE A 1 130 ? 6.142   -1.669  1.217   1.00 12.10 ? 130 PHE A CD2 1 
ATOM   901  C  CE1 . PHE A 1 130 ? 4.750   0.663   1.343   1.00 12.02 ? 130 PHE A CE1 1 
ATOM   902  C  CE2 . PHE A 1 130 ? 5.014   -1.629  1.949   1.00 11.55 ? 130 PHE A CE2 1 
ATOM   903  C  CZ  . PHE A 1 130 ? 4.375   -0.394  2.126   1.00 12.66 ? 130 PHE A CZ  1 
ATOM   904  N  N   . THR A 1 131 ? 10.895  -1.592  -0.468  1.00 14.30 ? 131 THR A N   1 
ATOM   905  C  CA  . THR A 1 131 ? 11.960  -2.054  -1.320  1.00 14.63 ? 131 THR A CA  1 
ATOM   906  C  C   . THR A 1 131 ? 11.670  -3.503  -1.700  1.00 15.10 ? 131 THR A C   1 
ATOM   907  O  O   . THR A 1 131 ? 10.960  -4.211  -1.030  1.00 14.48 ? 131 THR A O   1 
ATOM   908  C  CB  . THR A 1 131 ? 13.338  -1.968  -0.599  1.00 20.18 ? 131 THR A CB  1 
ATOM   909  O  OG1 . THR A 1 131 ? 13.314  -2.700  0.609   1.00 28.29 ? 131 THR A OG1 1 
ATOM   910  C  CG2 . THR A 1 131 ? 13.670  -0.462  -0.268  1.00 25.16 ? 131 THR A CG2 1 
ATOM   911  N  N   . LYS A 1 132 ? 12.433  -3.971  -2.688  1.00 16.67 ? 132 LYS A N   1 
ATOM   912  C  CA  . LYS A 1 132 ? 12.345  -5.373  -3.099  1.00 18.91 ? 132 LYS A CA  1 
ATOM   913  C  C   . LYS A 1 132 ? 13.187  -6.329  -2.255  1.00 24.48 ? 132 LYS A C   1 
ATOM   914  O  O   . LYS A 1 132 ? 13.042  -7.552  -2.391  1.00 21.06 ? 132 LYS A O   1 
ATOM   915  C  CB  . LYS A 1 132 ? 12.882  -5.451  -4.498  1.00 22.35 ? 132 LYS A CB  1 
ATOM   916  C  CG  . LYS A 1 132 ? 12.066  -4.768  -5.510  1.00 27.29 ? 132 LYS A CG  1 
ATOM   917  C  CD  . LYS A 1 132 ? 10.709  -5.311  -5.722  1.00 30.45 ? 132 LYS A CD  1 
ATOM   918  C  CE  . LYS A 1 132 ? 10.723  -6.642  -6.410  1.00 41.70 ? 132 LYS A CE  1 
ATOM   919  N  NZ  . LYS A 1 132 ? 9.340   -7.223  -6.348  1.00 37.36 ? 132 LYS A NZ  1 
ATOM   920  N  N   . VAL A 1 133 ? 14.128  -5.802  -1.486  1.00 24.07 ? 133 VAL A N   1 
ATOM   921  C  CA  . VAL A 1 133 ? 14.934  -6.596  -0.528  1.00 34.14 ? 133 VAL A CA  1 
ATOM   922  C  C   . VAL A 1 133 ? 14.415  -6.481  0.922   1.00 33.13 ? 133 VAL A C   1 
ATOM   923  O  O   . VAL A 1 133 ? 14.141  -5.366  1.345   1.00 40.34 ? 133 VAL A O   1 
ATOM   924  C  CB  . VAL A 1 133 ? 16.437  -6.223  -0.640  1.00 40.80 ? 133 VAL A CB  1 
ATOM   925  C  CG1 . VAL A 1 133 ? 16.854  -6.082  -2.112  1.00 44.00 ? 133 VAL A CG1 1 
ATOM   926  C  CG2 . VAL A 1 133 ? 16.791  -4.950  0.143   1.00 46.93 ? 133 VAL A CG2 1 
HETATM 927  O  O04 . OL4 B 2 .   ? 2.999   -1.808  7.267   1.00 11.29 ? 201 OL4 A O04 1 
HETATM 928  C  C13 . OL4 B 2 .   ? 2.375   -0.986  7.989   1.00 11.06 ? 201 OL4 A C13 1 
HETATM 929  N  N03 . OL4 B 2 .   ? 2.312   0.276   7.604   1.00 12.80 ? 201 OL4 A N03 1 
HETATM 930  C  C11 . OL4 B 2 .   ? 1.625   1.021   8.666   1.00 10.57 ? 201 OL4 A C11 1 
HETATM 931  C  C10 . OL4 B 2 .   ? 0.347   1.668   8.104   1.00 11.46 ? 201 OL4 A C10 1 
HETATM 932  S  S01 . OL4 B 2 .   ? -0.870  0.319   8.139   1.00 13.17 ? 201 OL4 A S01 1 
HETATM 933  N  N02 . OL4 B 2 .   ? 1.723   -1.311  9.095   1.00 10.42 ? 201 OL4 A N02 1 
HETATM 934  C  C12 . OL4 B 2 .   ? 1.217   -0.100  9.698   1.00 10.00 ? 201 OL4 A C12 1 
HETATM 935  C  C09 . OL4 B 2 .   ? -0.281  -0.108  9.785   1.00 11.81 ? 201 OL4 A C09 1 
HETATM 936  C  C08 . OL4 B 2 .   ? -0.943  -1.353  10.320  1.00 12.02 ? 201 OL4 A C08 1 
HETATM 937  C  C07 . OL4 B 2 .   ? -2.412  -1.317  10.758  1.00 12.28 ? 201 OL4 A C07 1 
HETATM 938  C  C06 . OL4 B 2 .   ? -2.945  -2.684  11.289  1.00 13.78 ? 201 OL4 A C06 1 
HETATM 939  C  C05 . OL4 B 2 .   ? -4.416  -2.538  11.624  1.00 12.53 ? 201 OL4 A C05 1 
HETATM 940  C  C01 . OL4 B 2 .   ? -4.546  -1.681  12.857  1.00 14.92 ? 201 OL4 A C01 1 
HETATM 941  O  O01 . OL4 B 2 .   ? -3.714  -1.717  13.819  1.00 16.28 ? 201 OL4 A O01 1 
HETATM 942  N  N01 . OL4 B 2 .   ? -5.550  -0.891  12.860  1.00 15.23 ? 201 OL4 A N01 1 
HETATM 943  C  C02 . OL4 B 2 .   ? -5.764  -0.001  13.961  1.00 21.75 ? 201 OL4 A C02 1 
HETATM 944  C  C37 . OL4 B 2 .   ? -6.648  -0.706  14.950  1.00 28.96 ? 201 OL4 A C37 1 
HETATM 945  C  C04 . OL4 B 2 .   ? -6.587  0.002   16.289  1.00 43.37 ? 201 OL4 A C04 1 
HETATM 946  O  O14 . OL4 B 2 .   ? -7.160  -0.633  17.275  1.00 46.16 ? 201 OL4 A O14 1 
HETATM 947  O  O03 . OL4 B 2 .   ? -5.957  1.178   16.428  1.00 48.54 ? 201 OL4 A O03 1 
HETATM 948  CO CO4 . OL4 B 2 .   ? -5.804  2.220   18.187  1.00 55.69 ? 201 OL4 A CO4 1 
HETATM 949  O  O05 . OL4 B 2 .   ? -7.716  2.086   18.608  1.00 53.33 ? 201 OL4 A O05 1 
HETATM 950  O  O07 . OL4 B 2 .   ? -5.715  3.137   20.005  1.00 50.79 ? 201 OL4 A O07 1 
HETATM 951  CO CO1 . OL4 B 2 .   ? -7.582  2.866   20.384  1.00 62.96 ? 201 OL4 A CO1 1 
HETATM 952  O  O12 . OL4 B 2 .   ? -5.302  0.594   19.084  1.00 33.74 ? 201 OL4 A O12 1 
HETATM 953  CO CO3 . OL4 B 2 .   ? -5.076  1.495   20.902  1.00 67.73 ? 201 OL4 A CO3 1 
HETATM 954  N  N06 . OL4 B 2 .   ? -4.522  0.057   21.510  1.00 68.43 ? 201 OL4 A N06 1 
HETATM 955  C  C34 . OL4 B 2 .   ? -5.334  -0.608  22.396  1.00 69.11 ? 201 OL4 A C34 1 
HETATM 956  C  C35 . OL4 B 2 .   ? -4.948  -1.743  22.887  1.00 79.70 ? 201 OL4 A C35 1 
HETATM 957  C  C30 . OL4 B 2 .   ? -3.795  -2.262  22.530  1.00 81.72 ? 201 OL4 A C30 1 
HETATM 958  C  C29 . OL4 B 2 .   ? -2.923  -1.620  21.609  1.00 81.38 ? 201 OL4 A C29 1 
HETATM 959  C  C28 . OL4 B 2 .   ? -3.315  -0.390  21.071  1.00 60.33 ? 201 OL4 A C28 1 
HETATM 960  O  O10 . OL4 B 2 .   ? -7.146  3.272   22.530  1.00 53.35 ? 201 OL4 A O10 1 
HETATM 961  O  O15 . OL4 B 2 .   ? -3.728  2.334   17.801  1.00 47.11 ? 201 OL4 A O15 1 
HETATM 962  O  O06 . OL4 B 2 .   ? -6.983  1.135   21.045  1.00 55.93 ? 201 OL4 A O06 1 
HETATM 963  CO CO2 . OL4 B 2 .   ? -7.122  0.238   19.203  1.00 51.58 ? 201 OL4 A CO2 1 
HETATM 964  O  O09 . OL4 B 2 .   ? -9.173  -0.240  19.367  1.00 51.71 ? 201 OL4 A O09 1 
HETATM 965  N  N05 . OL4 B 2 .   ? -6.546  -1.736  19.567  1.00 52.74 ? 201 OL4 A N05 1 
HETATM 966  C  C32 . OL4 B 2 .   ? -5.371  -2.163  19.056  1.00 42.95 ? 201 OL4 A C32 1 
HETATM 967  C  C33 . OL4 B 2 .   ? -4.938  -3.499  19.270  1.00 56.52 ? 201 OL4 A C33 1 
HETATM 968  C  C26 . OL4 B 2 .   ? -5.750  -4.391  19.998  1.00 59.24 ? 201 OL4 A C26 1 
HETATM 969  C  C25 . OL4 B 2 .   ? -6.978  -3.904  20.515  1.00 65.02 ? 201 OL4 A C25 1 
HETATM 970  C  C24 . OL4 B 2 .   ? -7.368  -2.560  20.279  1.00 59.46 ? 201 OL4 A C24 1 
HETATM 971  O  O   . HOH C 3 .   ? -8.012  -5.003  -7.706  1.00 39.77 ? 301 HOH A O   1 
HETATM 972  O  O   . HOH C 3 .   ? -8.953  -15.160 15.311  1.00 19.67 ? 302 HOH A O   1 
HETATM 973  O  O   . HOH C 3 .   ? 13.770  -9.913  -1.706  1.00 25.29 ? 303 HOH A O   1 
HETATM 974  O  O   . HOH C 3 .   ? 14.513  -2.443  -4.070  1.00 19.97 ? 304 HOH A O   1 
HETATM 975  O  O   . HOH C 3 .   ? 11.040  -8.772  -3.794  1.00 25.11 ? 305 HOH A O   1 
HETATM 976  O  O   . HOH C 3 .   ? -9.883  10.030  7.491   1.00 22.71 ? 306 HOH A O   1 
HETATM 977  O  O   . HOH C 3 .   ? 1.260   7.817   12.764  1.00 20.52 ? 307 HOH A O   1 
HETATM 978  O  O   . HOH C 3 .   ? 8.893   -5.953  -8.606  1.00 38.51 ? 308 HOH A O   1 
HETATM 979  O  O   . HOH C 3 .   ? 9.110   6.598   4.781   1.00 32.35 ? 309 HOH A O   1 
HETATM 980  O  O   . HOH C 3 .   ? -3.994  -6.419  -10.620 1.00 26.29 ? 310 HOH A O   1 
HETATM 981  O  O   . HOH C 3 .   ? -0.849  -8.714  9.030   1.00 15.81 ? 311 HOH A O   1 
HETATM 982  O  O   . HOH C 3 .   ? -5.994  -10.304 -3.325  1.00 34.72 ? 312 HOH A O   1 
HETATM 983  O  O   . HOH C 3 .   ? -6.996  -7.027  11.621  1.00 15.63 ? 313 HOH A O   1 
HETATM 984  O  O   . HOH C 3 .   ? -3.748  3.745   -15.079 1.00 18.29 ? 314 HOH A O   1 
HETATM 985  O  O   . HOH C 3 .   ? 2.490   -7.933  -14.071 1.00 34.79 ? 315 HOH A O   1 
HETATM 986  O  O   . HOH C 3 .   ? 2.567   -10.586 -6.745  1.00 37.49 ? 316 HOH A O   1 
HETATM 987  O  O   . HOH C 3 .   ? -8.880  -5.526  2.735   1.00 10.96 ? 317 HOH A O   1 
HETATM 988  O  O   . HOH C 3 .   ? 3.527   2.223   -15.209 1.00 26.66 ? 318 HOH A O   1 
HETATM 989  O  O   . HOH C 3 .   ? -7.612  1.311   -3.240  0.50 25.27 ? 319 HOH A O   1 
HETATM 990  O  O   . HOH C 3 .   ? 2.702   -12.086 3.110   1.00 27.42 ? 320 HOH A O   1 
HETATM 991  O  O   . HOH C 3 .   ? -5.425  -14.217 5.836   1.00 26.69 ? 321 HOH A O   1 
HETATM 992  O  O   . HOH C 3 .   ? -9.011  -1.644  -10.676 1.00 23.55 ? 322 HOH A O   1 
HETATM 993  O  O   . HOH C 3 .   ? -11.706 -3.476  9.191   1.00 18.77 ? 323 HOH A O   1 
HETATM 994  O  O   . HOH C 3 .   ? 15.594  -3.257  -6.547  1.00 29.47 ? 324 HOH A O   1 
HETATM 995  O  O   . HOH C 3 .   ? -11.240 -6.932  4.234   1.00 20.80 ? 325 HOH A O   1 
HETATM 996  O  O   . HOH C 3 .   ? -8.048  -14.522 6.060   1.00 32.54 ? 326 HOH A O   1 
HETATM 997  O  O   . HOH C 3 .   ? -15.112 14.405  16.674  1.00 26.90 ? 327 HOH A O   1 
HETATM 998  O  O   . HOH C 3 .   ? 2.501   -3.521  16.957  1.00 30.10 ? 328 HOH A O   1 
HETATM 999  O  O   . HOH C 3 .   ? -8.680  -9.461  3.799   1.00 15.06 ? 329 HOH A O   1 
HETATM 1000 O  O   . HOH C 3 .   ? -13.743 13.253  21.858  1.00 34.22 ? 330 HOH A O   1 
HETATM 1001 O  O   . HOH C 3 .   ? 4.710   10.152  -14.068 1.00 22.36 ? 331 HOH A O   1 
HETATM 1002 O  O   . HOH C 3 .   ? 1.309   -10.045 1.924   1.00 24.20 ? 332 HOH A O   1 
HETATM 1003 O  O   . HOH C 3 .   ? 8.050   7.246   2.260   1.00 33.40 ? 333 HOH A O   1 
HETATM 1004 O  O   . HOH C 3 .   ? -11.842 1.587   16.180  1.00 41.07 ? 334 HOH A O   1 
HETATM 1005 O  O   . HOH C 3 .   ? -15.057 5.824   18.983  1.00 28.49 ? 335 HOH A O   1 
HETATM 1006 O  O   . HOH C 3 .   ? -15.072 0.517   15.237  1.00 26.47 ? 336 HOH A O   1 
# 
loop_
_pdbx_poly_seq_scheme.asym_id 
_pdbx_poly_seq_scheme.entity_id 
_pdbx_poly_seq_scheme.seq_id 
_pdbx_poly_seq_scheme.mon_id 
_pdbx_poly_seq_scheme.ndb_seq_num 
_pdbx_poly_seq_scheme.pdb_seq_num 
_pdbx_poly_seq_scheme.auth_seq_num 
_pdbx_poly_seq_scheme.pdb_mon_id 
_pdbx_poly_seq_scheme.auth_mon_id 
_pdbx_poly_seq_scheme.pdb_strand_id 
_pdbx_poly_seq_scheme.pdb_ins_code 
_pdbx_poly_seq_scheme.hetero 
A 1 1   MET 1   1   ?   ?   ?   A . n 
A 1 2   ALA 2   2   ?   ?   ?   A . n 
A 1 3   SER 3   3   ?   ?   ?   A . n 
A 1 4   MET 4   4   ?   ?   ?   A . n 
A 1 5   THR 5   5   ?   ?   ?   A . n 
A 1 6   GLY 6   6   ?   ?   ?   A . n 
A 1 7   GLY 7   7   ?   ?   ?   A . n 
A 1 8   GLN 8   8   ?   ?   ?   A . n 
A 1 9   GLN 9   9   ?   ?   ?   A . n 
A 1 10  MET 10  10  ?   ?   ?   A . n 
A 1 11  GLY 11  11  ?   ?   ?   A . n 
A 1 12  ARG 12  12  12  ARG ARG A . n 
A 1 13  ASP 13  13  13  ASP ASP A . n 
A 1 14  GLU 14  14  14  GLU GLU A . n 
A 1 15  ALA 15  15  15  ALA ALA A . n 
A 1 16  GLY 16  16  16  GLY GLY A . n 
A 1 17  ILE 17  17  17  ILE ILE A . n 
A 1 18  THR 18  18  18  THR THR A . n 
A 1 19  GLY 19  19  19  GLY GLY A . n 
A 1 20  THR 20  20  20  THR THR A . n 
A 1 21  TRP 21  21  21  TRP TRP A . n 
A 1 22  TYR 22  22  22  TYR TYR A . n 
A 1 23  ASN 23  23  23  ASN ASN A . n 
A 1 24  GLN 24  24  24  GLN GLN A . n 
A 1 25  LEU 25  25  25  LEU LEU A . n 
A 1 26  GLY 26  26  26  GLY GLY A . n 
A 1 27  SER 27  27  27  SER SER A . n 
A 1 28  THR 28  28  28  THR THR A . n 
A 1 29  PHE 29  29  29  PHE PHE A . n 
A 1 30  ILE 30  30  30  ILE ILE A . n 
A 1 31  VAL 31  31  31  VAL VAL A . n 
A 1 32  THR 32  32  32  THR THR A . n 
A 1 33  ALA 33  33  33  ALA ALA A . n 
A 1 34  GLY 34  34  34  GLY GLY A . n 
A 1 35  ALA 35  35  35  ALA ALA A . n 
A 1 36  ASP 36  36  36  ASP ASP A . n 
A 1 37  GLY 37  37  37  GLY GLY A . n 
A 1 38  ALA 38  38  38  ALA ALA A . n 
A 1 39  LEU 39  39  39  LEU LEU A . n 
A 1 40  THR 40  40  40  THR THR A . n 
A 1 41  GLY 41  41  41  GLY GLY A . n 
A 1 42  THR 42  42  42  THR THR A . n 
A 1 43  TYR 43  43  43  TYR TYR A . n 
A 1 44  GLU 44  44  44  GLU GLU A . n 
A 1 45  SER 45  45  45  SER SER A . n 
A 1 46  ALA 46  46  46  ALA ALA A . n 
A 1 47  VAL 47  47  47  VAL VAL A . n 
A 1 48  GLY 48  48  48  GLY GLY A . n 
A 1 49  ASN 49  49  49  ASN ASN A . n 
A 1 50  ALA 50  50  50  ALA ALA A . n 
A 1 51  GLU 51  51  51  GLU GLU A . n 
A 1 52  SER 52  52  52  SER SER A . n 
A 1 53  ARG 53  53  53  ARG ARG A . n 
A 1 54  TYR 54  54  54  TYR TYR A . n 
A 1 55  VAL 55  55  55  VAL VAL A . n 
A 1 56  LEU 56  56  56  LEU LEU A . n 
A 1 57  THR 57  57  57  THR THR A . n 
A 1 58  GLY 58  58  58  GLY GLY A . n 
A 1 59  ARG 59  59  59  ARG ARG A . n 
A 1 60  TYR 60  60  60  TYR TYR A . n 
A 1 61  ASP 61  61  61  ASP ASP A . n 
A 1 62  SER 62  62  62  SER SER A . n 
A 1 63  ALA 63  63  63  ALA ALA A . n 
A 1 64  PRO 64  64  64  PRO PRO A . n 
A 1 65  ALA 65  65  65  ALA ALA A . n 
A 1 66  THR 66  66  66  THR THR A . n 
A 1 67  ASP 67  67  67  ASP ASP A . n 
A 1 68  GLY 68  68  68  GLY GLY A . n 
A 1 69  SER 69  69  69  SER SER A . n 
A 1 70  GLY 70  70  70  GLY GLY A . n 
A 1 71  THR 71  71  71  THR THR A . n 
A 1 72  ALA 72  72  72  ALA ALA A . n 
A 1 73  LEU 73  73  73  LEU LEU A . n 
A 1 74  GLY 74  74  74  GLY GLY A . n 
A 1 75  TRP 75  75  75  TRP TRP A . n 
A 1 76  THR 76  76  76  THR THR A . n 
A 1 77  VAL 77  77  77  VAL VAL A . n 
A 1 78  ALA 78  78  78  ALA ALA A . n 
A 1 79  TRP 79  79  79  TRP TRP A . n 
A 1 80  LYS 80  80  80  LYS LYS A . n 
A 1 81  ASN 81  81  81  ASN ASN A . n 
A 1 82  ASN 82  82  82  ASN ASN A . n 
A 1 83  TYR 83  83  83  TYR TYR A . n 
A 1 84  ARG 84  84  84  ARG ARG A . n 
A 1 85  ASN 85  85  85  ASN ASN A . n 
A 1 86  ALA 86  86  86  ALA ALA A . n 
A 1 87  HIS 87  87  87  HIS HIS A . n 
A 1 88  SER 88  88  88  SER SER A . n 
A 1 89  ALA 89  89  89  ALA ALA A . n 
A 1 90  THR 90  90  90  THR THR A . n 
A 1 91  THR 91  91  91  THR THR A . n 
A 1 92  TRP 92  92  92  TRP TRP A . n 
A 1 93  SER 93  93  93  SER SER A . n 
A 1 94  GLY 94  94  94  GLY GLY A . n 
A 1 95  GLN 95  95  95  GLN GLN A . n 
A 1 96  TYR 96  96  96  TYR TYR A . n 
A 1 97  VAL 97  97  97  VAL VAL A . n 
A 1 98  GLY 98  98  98  GLY GLY A . n 
A 1 99  GLY 99  99  99  GLY GLY A . n 
A 1 100 ALA 100 100 100 ALA ALA A . n 
A 1 101 GLN 101 101 101 GLN GLN A . n 
A 1 102 ALA 102 102 102 ALA ALA A . n 
A 1 103 ARG 103 103 103 ARG ARG A . n 
A 1 104 ILE 104 104 104 ILE ILE A . n 
A 1 105 ASN 105 105 105 ASN ASN A . n 
A 1 106 THR 106 106 106 THR THR A . n 
A 1 107 GLN 107 107 107 GLN GLN A . n 
A 1 108 TRP 108 108 108 TRP TRP A . n 
A 1 109 LEU 109 109 109 LEU LEU A . n 
A 1 110 LEU 110 110 110 LEU LEU A . n 
A 1 111 THR 111 111 111 THR THR A . n 
A 1 112 PHE 112 112 112 PHE PHE A . n 
A 1 113 GLY 113 113 113 GLY GLY A . n 
A 1 114 THR 114 114 114 THR THR A . n 
A 1 115 THR 115 115 115 THR THR A . n 
A 1 116 GLU 116 116 116 GLU GLU A . n 
A 1 117 ALA 117 117 117 ALA ALA A . n 
A 1 118 ASN 118 118 118 ASN ASN A . n 
A 1 119 ALA 119 119 119 ALA ALA A . n 
A 1 120 TRP 120 120 120 TRP TRP A . n 
A 1 121 ALA 121 121 121 ALA ALA A . n 
A 1 122 SER 122 122 122 SER SER A . n 
A 1 123 THR 123 123 123 THR THR A . n 
A 1 124 LEU 124 124 124 LEU LEU A . n 
A 1 125 VAL 125 125 125 VAL VAL A . n 
A 1 126 GLY 126 126 126 GLY GLY A . n 
A 1 127 HIS 127 127 127 HIS HIS A . n 
A 1 128 ASP 128 128 128 ASP ASP A . n 
A 1 129 THR 129 129 129 THR THR A . n 
A 1 130 PHE 130 130 130 PHE PHE A . n 
A 1 131 THR 131 131 131 THR THR A . n 
A 1 132 LYS 132 132 132 LYS LYS A . n 
A 1 133 VAL 133 133 133 VAL VAL A . n 
A 1 134 LYS 134 134 ?   ?   ?   A . n 
A 1 135 PRO 135 135 ?   ?   ?   A . n 
A 1 136 SER 136 136 ?   ?   ?   A . n 
A 1 137 ALA 137 137 ?   ?   ?   A . n 
A 1 138 ALA 138 138 ?   ?   ?   A . n 
A 1 139 SER 139 139 ?   ?   ?   A . n 
A 1 140 ILE 140 140 ?   ?   ?   A . n 
A 1 141 ASP 141 141 ?   ?   ?   A . n 
A 1 142 ALA 142 142 ?   ?   ?   A . n 
A 1 143 ALA 143 143 ?   ?   ?   A . n 
A 1 144 LYS 144 144 ?   ?   ?   A . n 
A 1 145 LYS 145 145 ?   ?   ?   A . n 
A 1 146 ALA 146 146 ?   ?   ?   A . n 
A 1 147 GLY 147 147 ?   ?   ?   A . n 
A 1 148 VAL 148 148 ?   ?   ?   A . n 
A 1 149 ASN 149 149 ?   ?   ?   A . n 
A 1 150 ASN 150 150 ?   ?   ?   A . n 
A 1 151 GLY 151 151 ?   ?   ?   A . n 
A 1 152 ASN 152 152 ?   ?   ?   A . n 
A 1 153 PRO 153 153 ?   ?   ?   A . n 
A 1 154 LEU 154 154 ?   ?   ?   A . n 
A 1 155 ASP 155 155 ?   ?   ?   A . n 
A 1 156 ALA 156 156 ?   ?   ?   A . n 
A 1 157 VAL 157 157 ?   ?   ?   A . n 
A 1 158 GLN 158 158 ?   ?   ?   A . n 
A 1 159 GLN 159 159 ?   ?   ?   A . n 
# 
loop_
_pdbx_nonpoly_scheme.asym_id 
_pdbx_nonpoly_scheme.entity_id 
_pdbx_nonpoly_scheme.mon_id 
_pdbx_nonpoly_scheme.ndb_seq_num 
_pdbx_nonpoly_scheme.pdb_seq_num 
_pdbx_nonpoly_scheme.auth_seq_num 
_pdbx_nonpoly_scheme.pdb_mon_id 
_pdbx_nonpoly_scheme.auth_mon_id 
_pdbx_nonpoly_scheme.pdb_strand_id 
_pdbx_nonpoly_scheme.pdb_ins_code 
B 2 OL4 1  201 1  OL4 OL4 A . 
C 3 HOH 1  301 38 HOH HOH A . 
C 3 HOH 2  302 8  HOH HOH A . 
C 3 HOH 3  303 39 HOH HOH A . 
C 3 HOH 4  304 13 HOH HOH A . 
C 3 HOH 5  305 2  HOH HOH A . 
C 3 HOH 6  306 23 HOH HOH A . 
C 3 HOH 7  307 5  HOH HOH A . 
C 3 HOH 8  308 17 HOH HOH A . 
C 3 HOH 9  309 22 HOH HOH A . 
C 3 HOH 10 310 21 HOH HOH A . 
C 3 HOH 11 311 6  HOH HOH A . 
C 3 HOH 12 312 27 HOH HOH A . 
C 3 HOH 13 313 7  HOH HOH A . 
C 3 HOH 14 314 11 HOH HOH A . 
C 3 HOH 15 315 20 HOH HOH A . 
C 3 HOH 16 316 44 HOH HOH A . 
C 3 HOH 17 317 4  HOH HOH A . 
C 3 HOH 18 318 14 HOH HOH A . 
C 3 HOH 19 319 10 HOH HOH A . 
C 3 HOH 20 320 29 HOH HOH A . 
C 3 HOH 21 321 15 HOH HOH A . 
C 3 HOH 22 322 19 HOH HOH A . 
C 3 HOH 23 323 1  HOH HOH A . 
C 3 HOH 24 324 32 HOH HOH A . 
C 3 HOH 25 325 9  HOH HOH A . 
C 3 HOH 26 326 30 HOH HOH A . 
C 3 HOH 27 327 16 HOH HOH A . 
C 3 HOH 28 328 45 HOH HOH A . 
C 3 HOH 29 329 12 HOH HOH A . 
C 3 HOH 30 330 31 HOH HOH A . 
C 3 HOH 31 331 26 HOH HOH A . 
C 3 HOH 32 332 24 HOH HOH A . 
C 3 HOH 33 333 25 HOH HOH A . 
C 3 HOH 34 334 43 HOH HOH A . 
C 3 HOH 35 335 28 HOH HOH A . 
C 3 HOH 36 336 18 HOH HOH A . 
# 
_pdbx_struct_assembly.id                   1 
_pdbx_struct_assembly.details              author_and_software_defined_assembly 
_pdbx_struct_assembly.method_details       PISA 
_pdbx_struct_assembly.oligomeric_details   tetrameric 
_pdbx_struct_assembly.oligomeric_count     4 
# 
_pdbx_struct_assembly_gen.assembly_id       1 
_pdbx_struct_assembly_gen.oper_expression   1,2,3,4 
_pdbx_struct_assembly_gen.asym_id_list      A,B,C 
# 
loop_
_pdbx_struct_assembly_prop.biol_id 
_pdbx_struct_assembly_prop.type 
_pdbx_struct_assembly_prop.value 
_pdbx_struct_assembly_prop.details 
1 'ABSA (A^2)' 9330  ? 
1 MORE         -58   ? 
1 'SSA (A^2)'  19300 ? 
# 
loop_
_pdbx_struct_oper_list.id 
_pdbx_struct_oper_list.type 
_pdbx_struct_oper_list.name 
_pdbx_struct_oper_list.symmetry_operation 
_pdbx_struct_oper_list.matrix[1][1] 
_pdbx_struct_oper_list.matrix[1][2] 
_pdbx_struct_oper_list.matrix[1][3] 
_pdbx_struct_oper_list.vector[1] 
_pdbx_struct_oper_list.matrix[2][1] 
_pdbx_struct_oper_list.matrix[2][2] 
_pdbx_struct_oper_list.matrix[2][3] 
_pdbx_struct_oper_list.vector[2] 
_pdbx_struct_oper_list.matrix[3][1] 
_pdbx_struct_oper_list.matrix[3][2] 
_pdbx_struct_oper_list.matrix[3][3] 
_pdbx_struct_oper_list.vector[3] 
1 'identity operation'         1_555  x,y,z    1.0000000000  0.0000000000  0.0000000000  0.0000000000   0.0000000000  1.0000000000  0.0000000000  0.0000000000  0.0000000000  0.0000000000  1.0000000000  0.0000000000  
2 'crystal symmetry operation' 8_555  -y,-x,-z 0.6644519808  -0.7456323507 -0.0503583448 10.3694811543  -0.7456323507 -0.6659755831 0.0225592636  22.3227430840 -0.0503583448 0.0225592636  -0.9984763977 12.2113633700 
3 'crystal symmetry operation' 10_555 -x,-y,z  -0.9142537641 0.2146164942  -0.3436274366 -3.8559161857  0.2146164942  -0.4628307689 -0.8600740897 26.5060679609 -0.3436274366 -0.8600740897 0.3770845330  15.5924949874 
4 'crystal symmetry operation' 15_555 y,x,-z   -0.7501982166 0.5310158565  0.3939857814  -12.7415839932 0.5310158565  0.1288063520  0.8375148261  7.8972000735  0.3939857814  0.8375148261  -0.3786081353 -2.5652399242 
# 
_pdbx_struct_special_symmetry.id              1 
_pdbx_struct_special_symmetry.PDB_model_num   1 
_pdbx_struct_special_symmetry.auth_asym_id    A 
_pdbx_struct_special_symmetry.auth_comp_id    HOH 
_pdbx_struct_special_symmetry.auth_seq_id     319 
_pdbx_struct_special_symmetry.PDB_ins_code    ? 
_pdbx_struct_special_symmetry.label_asym_id   C 
_pdbx_struct_special_symmetry.label_comp_id   HOH 
_pdbx_struct_special_symmetry.label_seq_id    . 
# 
loop_
_pdbx_audit_revision_history.ordinal 
_pdbx_audit_revision_history.data_content_type 
_pdbx_audit_revision_history.major_revision 
_pdbx_audit_revision_history.minor_revision 
_pdbx_audit_revision_history.revision_date 
1 'Structure model' 1 0 2018-02-28 
2 'Structure model' 1 1 2018-03-14 
3 'Structure model' 1 2 2019-12-04 
4 'Structure model' 1 3 2023-10-04 
# 
_pdbx_audit_revision_details.ordinal             1 
_pdbx_audit_revision_details.revision_ordinal    1 
_pdbx_audit_revision_details.data_content_type   'Structure model' 
_pdbx_audit_revision_details.provider            repository 
_pdbx_audit_revision_details.type                'Initial release' 
_pdbx_audit_revision_details.description         ? 
_pdbx_audit_revision_details.details             ? 
# 
loop_
_pdbx_audit_revision_group.ordinal 
_pdbx_audit_revision_group.revision_ordinal 
_pdbx_audit_revision_group.data_content_type 
_pdbx_audit_revision_group.group 
1 2 'Structure model' 'Database references'        
2 3 'Structure model' 'Author supporting evidence' 
3 4 'Structure model' 'Data collection'            
4 4 'Structure model' 'Database references'        
5 4 'Structure model' 'Refinement description'     
# 
loop_
_pdbx_audit_revision_category.ordinal 
_pdbx_audit_revision_category.revision_ordinal 
_pdbx_audit_revision_category.data_content_type 
_pdbx_audit_revision_category.category 
1 2 'Structure model' citation                      
2 3 'Structure model' pdbx_audit_support            
3 4 'Structure model' chem_comp_atom                
4 4 'Structure model' chem_comp_bond                
5 4 'Structure model' database_2                    
6 4 'Structure model' pdbx_initial_refinement_model 
# 
loop_
_pdbx_audit_revision_item.ordinal 
_pdbx_audit_revision_item.revision_ordinal 
_pdbx_audit_revision_item.data_content_type 
_pdbx_audit_revision_item.item 
1 2 'Structure model' '_citation.journal_volume'                 
2 2 'Structure model' '_citation.page_first'                     
3 2 'Structure model' '_citation.page_last'                      
4 3 'Structure model' '_pdbx_audit_support.funding_organization' 
5 3 'Structure model' '_pdbx_audit_support.grant_number'         
6 4 'Structure model' '_database_2.pdbx_DOI'                     
7 4 'Structure model' '_database_2.pdbx_database_accession'      
# 
loop_
_software.citation_id 
_software.classification 
_software.compiler_name 
_software.compiler_version 
_software.contact_author 
_software.contact_author_email 
_software.date 
_software.description 
_software.dependencies 
_software.hardware 
_software.language 
_software.location 
_software.mods 
_software.name 
_software.os 
_software.os_version 
_software.type 
_software.version 
_software.pdbx_ordinal 
? refinement       ? ? ? ? ? ? ? ? ? ? ? REFMAC  ? ? ? 5.8.0155 1 
? 'data reduction' ? ? ? ? ? ? ? ? ? ? ? XDS     ? ? ? .        2 
? 'data scaling'   ? ? ? ? ? ? ? ? ? ? ? Aimless ? ? ? .        3 
? phasing          ? ? ? ? ? ? ? ? ? ? ? PHASER  ? ? ? .        4 
# 
loop_
_pdbx_validate_rmsd_bond.id 
_pdbx_validate_rmsd_bond.PDB_model_num 
_pdbx_validate_rmsd_bond.auth_atom_id_1 
_pdbx_validate_rmsd_bond.auth_asym_id_1 
_pdbx_validate_rmsd_bond.auth_comp_id_1 
_pdbx_validate_rmsd_bond.auth_seq_id_1 
_pdbx_validate_rmsd_bond.PDB_ins_code_1 
_pdbx_validate_rmsd_bond.label_alt_id_1 
_pdbx_validate_rmsd_bond.auth_atom_id_2 
_pdbx_validate_rmsd_bond.auth_asym_id_2 
_pdbx_validate_rmsd_bond.auth_comp_id_2 
_pdbx_validate_rmsd_bond.auth_seq_id_2 
_pdbx_validate_rmsd_bond.PDB_ins_code_2 
_pdbx_validate_rmsd_bond.label_alt_id_2 
_pdbx_validate_rmsd_bond.bond_value 
_pdbx_validate_rmsd_bond.bond_target_value 
_pdbx_validate_rmsd_bond.bond_deviation 
_pdbx_validate_rmsd_bond.bond_standard_deviation 
_pdbx_validate_rmsd_bond.linker_flag 
1 1 CB  A ASP 36 ? ? CG  A ASP 36 ? ? 1.648 1.513 0.135  0.021 N 
2 1 CE2 A TRP 92 ? ? CD2 A TRP 92 ? ? 1.334 1.409 -0.075 0.012 N 
# 
loop_
_pdbx_validate_torsion.id 
_pdbx_validate_torsion.PDB_model_num 
_pdbx_validate_torsion.auth_comp_id 
_pdbx_validate_torsion.auth_asym_id 
_pdbx_validate_torsion.auth_seq_id 
_pdbx_validate_torsion.PDB_ins_code 
_pdbx_validate_torsion.label_alt_id 
_pdbx_validate_torsion.phi 
_pdbx_validate_torsion.psi 
1 1 SER A 52  ? ? 72.11   -151.76 
2 1 GLN A 101 ? ? -111.14 66.35   
# 
loop_
_pdbx_unobs_or_zero_occ_atoms.id 
_pdbx_unobs_or_zero_occ_atoms.PDB_model_num 
_pdbx_unobs_or_zero_occ_atoms.polymer_flag 
_pdbx_unobs_or_zero_occ_atoms.occupancy_flag 
_pdbx_unobs_or_zero_occ_atoms.auth_asym_id 
_pdbx_unobs_or_zero_occ_atoms.auth_comp_id 
_pdbx_unobs_or_zero_occ_atoms.auth_seq_id 
_pdbx_unobs_or_zero_occ_atoms.PDB_ins_code 
_pdbx_unobs_or_zero_occ_atoms.auth_atom_id 
_pdbx_unobs_or_zero_occ_atoms.label_alt_id 
_pdbx_unobs_or_zero_occ_atoms.label_asym_id 
_pdbx_unobs_or_zero_occ_atoms.label_comp_id 
_pdbx_unobs_or_zero_occ_atoms.label_seq_id 
_pdbx_unobs_or_zero_occ_atoms.label_atom_id 
1 1 N 1 A OL4 201 ? N04 ? B OL4 1 N04 
2 1 N 1 A OL4 201 ? C22 ? B OL4 1 C22 
3 1 N 1 A OL4 201 ? C21 ? B OL4 1 C21 
4 1 N 1 A OL4 201 ? C20 ? B OL4 1 C20 
5 1 N 1 A OL4 201 ? C19 ? B OL4 1 C19 
6 1 N 1 A OL4 201 ? C18 ? B OL4 1 C18 
7 1 N 1 A OL4 201 ? O16 ? B OL4 1 O16 
# 
loop_
_pdbx_unobs_or_zero_occ_residues.id 
_pdbx_unobs_or_zero_occ_residues.PDB_model_num 
_pdbx_unobs_or_zero_occ_residues.polymer_flag 
_pdbx_unobs_or_zero_occ_residues.occupancy_flag 
_pdbx_unobs_or_zero_occ_residues.auth_asym_id 
_pdbx_unobs_or_zero_occ_residues.auth_comp_id 
_pdbx_unobs_or_zero_occ_residues.auth_seq_id 
_pdbx_unobs_or_zero_occ_residues.PDB_ins_code 
_pdbx_unobs_or_zero_occ_residues.label_asym_id 
_pdbx_unobs_or_zero_occ_residues.label_comp_id 
_pdbx_unobs_or_zero_occ_residues.label_seq_id 
1  1 Y 1 A MET 1   ? A MET 1   
2  1 Y 1 A ALA 2   ? A ALA 2   
3  1 Y 1 A SER 3   ? A SER 3   
4  1 Y 1 A MET 4   ? A MET 4   
5  1 Y 1 A THR 5   ? A THR 5   
6  1 Y 1 A GLY 6   ? A GLY 6   
7  1 Y 1 A GLY 7   ? A GLY 7   
8  1 Y 1 A GLN 8   ? A GLN 8   
9  1 Y 1 A GLN 9   ? A GLN 9   
10 1 Y 1 A MET 10  ? A MET 10  
11 1 Y 1 A GLY 11  ? A GLY 11  
12 1 Y 1 A LYS 134 ? A LYS 134 
13 1 Y 1 A PRO 135 ? A PRO 135 
14 1 Y 1 A SER 136 ? A SER 136 
15 1 Y 1 A ALA 137 ? A ALA 137 
16 1 Y 1 A ALA 138 ? A ALA 138 
17 1 Y 1 A SER 139 ? A SER 139 
18 1 Y 1 A ILE 140 ? A ILE 140 
19 1 Y 1 A ASP 141 ? A ASP 141 
20 1 Y 1 A ALA 142 ? A ALA 142 
21 1 Y 1 A ALA 143 ? A ALA 143 
22 1 Y 1 A LYS 144 ? A LYS 144 
23 1 Y 1 A LYS 145 ? A LYS 145 
24 1 Y 1 A ALA 146 ? A ALA 146 
25 1 Y 1 A GLY 147 ? A GLY 147 
26 1 Y 1 A VAL 148 ? A VAL 148 
27 1 Y 1 A ASN 149 ? A ASN 149 
28 1 Y 1 A ASN 150 ? A ASN 150 
29 1 Y 1 A GLY 151 ? A GLY 151 
30 1 Y 1 A ASN 152 ? A ASN 152 
31 1 Y 1 A PRO 153 ? A PRO 153 
32 1 Y 1 A LEU 154 ? A LEU 154 
33 1 Y 1 A ASP 155 ? A ASP 155 
34 1 Y 1 A ALA 156 ? A ALA 156 
35 1 Y 1 A VAL 157 ? A VAL 157 
36 1 Y 1 A GLN 158 ? A GLN 158 
37 1 Y 1 A GLN 159 ? A GLN 159 
# 
loop_
_chem_comp_atom.comp_id 
_chem_comp_atom.atom_id 
_chem_comp_atom.type_symbol 
_chem_comp_atom.pdbx_aromatic_flag 
_chem_comp_atom.pdbx_stereo_config 
_chem_comp_atom.pdbx_ordinal 
ALA N    N  N N 1   
ALA CA   C  N S 2   
ALA C    C  N N 3   
ALA O    O  N N 4   
ALA CB   C  N N 5   
ALA OXT  O  N N 6   
ALA H    H  N N 7   
ALA H2   H  N N 8   
ALA HA   H  N N 9   
ALA HB1  H  N N 10  
ALA HB2  H  N N 11  
ALA HB3  H  N N 12  
ALA HXT  H  N N 13  
ARG N    N  N N 14  
ARG CA   C  N S 15  
ARG C    C  N N 16  
ARG O    O  N N 17  
ARG CB   C  N N 18  
ARG CG   C  N N 19  
ARG CD   C  N N 20  
ARG NE   N  N N 21  
ARG CZ   C  N N 22  
ARG NH1  N  N N 23  
ARG NH2  N  N N 24  
ARG OXT  O  N N 25  
ARG H    H  N N 26  
ARG H2   H  N N 27  
ARG HA   H  N N 28  
ARG HB2  H  N N 29  
ARG HB3  H  N N 30  
ARG HG2  H  N N 31  
ARG HG3  H  N N 32  
ARG HD2  H  N N 33  
ARG HD3  H  N N 34  
ARG HE   H  N N 35  
ARG HH11 H  N N 36  
ARG HH12 H  N N 37  
ARG HH21 H  N N 38  
ARG HH22 H  N N 39  
ARG HXT  H  N N 40  
ASN N    N  N N 41  
ASN CA   C  N S 42  
ASN C    C  N N 43  
ASN O    O  N N 44  
ASN CB   C  N N 45  
ASN CG   C  N N 46  
ASN OD1  O  N N 47  
ASN ND2  N  N N 48  
ASN OXT  O  N N 49  
ASN H    H  N N 50  
ASN H2   H  N N 51  
ASN HA   H  N N 52  
ASN HB2  H  N N 53  
ASN HB3  H  N N 54  
ASN HD21 H  N N 55  
ASN HD22 H  N N 56  
ASN HXT  H  N N 57  
ASP N    N  N N 58  
ASP CA   C  N S 59  
ASP C    C  N N 60  
ASP O    O  N N 61  
ASP CB   C  N N 62  
ASP CG   C  N N 63  
ASP OD1  O  N N 64  
ASP OD2  O  N N 65  
ASP OXT  O  N N 66  
ASP H    H  N N 67  
ASP H2   H  N N 68  
ASP HA   H  N N 69  
ASP HB2  H  N N 70  
ASP HB3  H  N N 71  
ASP HD2  H  N N 72  
ASP HXT  H  N N 73  
GLN N    N  N N 74  
GLN CA   C  N S 75  
GLN C    C  N N 76  
GLN O    O  N N 77  
GLN CB   C  N N 78  
GLN CG   C  N N 79  
GLN CD   C  N N 80  
GLN OE1  O  N N 81  
GLN NE2  N  N N 82  
GLN OXT  O  N N 83  
GLN H    H  N N 84  
GLN H2   H  N N 85  
GLN HA   H  N N 86  
GLN HB2  H  N N 87  
GLN HB3  H  N N 88  
GLN HG2  H  N N 89  
GLN HG3  H  N N 90  
GLN HE21 H  N N 91  
GLN HE22 H  N N 92  
GLN HXT  H  N N 93  
GLU N    N  N N 94  
GLU CA   C  N S 95  
GLU C    C  N N 96  
GLU O    O  N N 97  
GLU CB   C  N N 98  
GLU CG   C  N N 99  
GLU CD   C  N N 100 
GLU OE1  O  N N 101 
GLU OE2  O  N N 102 
GLU OXT  O  N N 103 
GLU H    H  N N 104 
GLU H2   H  N N 105 
GLU HA   H  N N 106 
GLU HB2  H  N N 107 
GLU HB3  H  N N 108 
GLU HG2  H  N N 109 
GLU HG3  H  N N 110 
GLU HE2  H  N N 111 
GLU HXT  H  N N 112 
GLY N    N  N N 113 
GLY CA   C  N N 114 
GLY C    C  N N 115 
GLY O    O  N N 116 
GLY OXT  O  N N 117 
GLY H    H  N N 118 
GLY H2   H  N N 119 
GLY HA2  H  N N 120 
GLY HA3  H  N N 121 
GLY HXT  H  N N 122 
HIS N    N  N N 123 
HIS CA   C  N S 124 
HIS C    C  N N 125 
HIS O    O  N N 126 
HIS CB   C  N N 127 
HIS CG   C  Y N 128 
HIS ND1  N  Y N 129 
HIS CD2  C  Y N 130 
HIS CE1  C  Y N 131 
HIS NE2  N  Y N 132 
HIS OXT  O  N N 133 
HIS H    H  N N 134 
HIS H2   H  N N 135 
HIS HA   H  N N 136 
HIS HB2  H  N N 137 
HIS HB3  H  N N 138 
HIS HD1  H  N N 139 
HIS HD2  H  N N 140 
HIS HE1  H  N N 141 
HIS HE2  H  N N 142 
HIS HXT  H  N N 143 
HOH O    O  N N 144 
HOH H1   H  N N 145 
HOH H2   H  N N 146 
ILE N    N  N N 147 
ILE CA   C  N S 148 
ILE C    C  N N 149 
ILE O    O  N N 150 
ILE CB   C  N S 151 
ILE CG1  C  N N 152 
ILE CG2  C  N N 153 
ILE CD1  C  N N 154 
ILE OXT  O  N N 155 
ILE H    H  N N 156 
ILE H2   H  N N 157 
ILE HA   H  N N 158 
ILE HB   H  N N 159 
ILE HG12 H  N N 160 
ILE HG13 H  N N 161 
ILE HG21 H  N N 162 
ILE HG22 H  N N 163 
ILE HG23 H  N N 164 
ILE HD11 H  N N 165 
ILE HD12 H  N N 166 
ILE HD13 H  N N 167 
ILE HXT  H  N N 168 
LEU N    N  N N 169 
LEU CA   C  N S 170 
LEU C    C  N N 171 
LEU O    O  N N 172 
LEU CB   C  N N 173 
LEU CG   C  N N 174 
LEU CD1  C  N N 175 
LEU CD2  C  N N 176 
LEU OXT  O  N N 177 
LEU H    H  N N 178 
LEU H2   H  N N 179 
LEU HA   H  N N 180 
LEU HB2  H  N N 181 
LEU HB3  H  N N 182 
LEU HG   H  N N 183 
LEU HD11 H  N N 184 
LEU HD12 H  N N 185 
LEU HD13 H  N N 186 
LEU HD21 H  N N 187 
LEU HD22 H  N N 188 
LEU HD23 H  N N 189 
LEU HXT  H  N N 190 
LYS N    N  N N 191 
LYS CA   C  N S 192 
LYS C    C  N N 193 
LYS O    O  N N 194 
LYS CB   C  N N 195 
LYS CG   C  N N 196 
LYS CD   C  N N 197 
LYS CE   C  N N 198 
LYS NZ   N  N N 199 
LYS OXT  O  N N 200 
LYS H    H  N N 201 
LYS H2   H  N N 202 
LYS HA   H  N N 203 
LYS HB2  H  N N 204 
LYS HB3  H  N N 205 
LYS HG2  H  N N 206 
LYS HG3  H  N N 207 
LYS HD2  H  N N 208 
LYS HD3  H  N N 209 
LYS HE2  H  N N 210 
LYS HE3  H  N N 211 
LYS HZ1  H  N N 212 
LYS HZ2  H  N N 213 
LYS HZ3  H  N N 214 
LYS HXT  H  N N 215 
MET N    N  N N 216 
MET CA   C  N S 217 
MET C    C  N N 218 
MET O    O  N N 219 
MET CB   C  N N 220 
MET CG   C  N N 221 
MET SD   S  N N 222 
MET CE   C  N N 223 
MET OXT  O  N N 224 
MET H    H  N N 225 
MET H2   H  N N 226 
MET HA   H  N N 227 
MET HB2  H  N N 228 
MET HB3  H  N N 229 
MET HG2  H  N N 230 
MET HG3  H  N N 231 
MET HE1  H  N N 232 
MET HE2  H  N N 233 
MET HE3  H  N N 234 
MET HXT  H  N N 235 
OL4 O04  O  N N 236 
OL4 C13  C  N N 237 
OL4 N03  N  N N 238 
OL4 C11  C  N R 239 
OL4 C10  C  N N 240 
OL4 S01  S  N N 241 
OL4 N02  N  N N 242 
OL4 C12  C  N S 243 
OL4 C09  C  N S 244 
OL4 C08  C  N N 245 
OL4 C07  C  N N 246 
OL4 C06  C  N N 247 
OL4 C05  C  N N 248 
OL4 C01  C  N N 249 
OL4 O01  O  N N 250 
OL4 N01  N  N N 251 
OL4 C02  C  N N 252 
OL4 C37  C  N N 253 
OL4 C04  C  N N 254 
OL4 O14  O  N N 255 
OL4 O03  O  N N 256 
OL4 CO4  CO N N 257 
OL4 O05  O  N N 258 
OL4 O07  O  N N 259 
OL4 CO1  CO N N 260 
OL4 N04  N  Y N 261 
OL4 C22  C  Y N 262 
OL4 C21  C  Y N 263 
OL4 C20  C  Y N 264 
OL4 C19  C  Y N 265 
OL4 C18  C  Y N 266 
OL4 O12  O  N N 267 
OL4 CO3  CO N N 268 
OL4 N06  N  Y N 269 
OL4 C34  C  Y N 270 
OL4 C35  C  Y N 271 
OL4 C30  C  Y N 272 
OL4 C29  C  Y N 273 
OL4 C28  C  Y N 274 
OL4 O10  O  N N 275 
OL4 O16  O  N N 276 
OL4 O15  O  N N 277 
OL4 O06  O  N N 278 
OL4 CO2  CO N N 279 
OL4 O09  O  N N 280 
OL4 N05  N  Y N 281 
OL4 C32  C  Y N 282 
OL4 C33  C  Y N 283 
OL4 C26  C  Y N 284 
OL4 C25  C  Y N 285 
OL4 C24  C  Y N 286 
OL4 H1   H  N N 287 
OL4 H2   H  N N 288 
OL4 H3   H  N N 289 
OL4 H4   H  N N 290 
OL4 H5   H  N N 291 
OL4 H6   H  N N 292 
OL4 H7   H  N N 293 
OL4 H8   H  N N 294 
OL4 H9   H  N N 295 
OL4 H10  H  N N 296 
OL4 H11  H  N N 297 
OL4 H12  H  N N 298 
OL4 H13  H  N N 299 
OL4 H14  H  N N 300 
OL4 H15  H  N N 301 
OL4 H16  H  N N 302 
OL4 H17  H  N N 303 
OL4 H18  H  N N 304 
OL4 H19  H  N N 305 
OL4 H20  H  N N 306 
OL4 H21  H  N N 307 
OL4 H22  H  N N 308 
OL4 H23  H  N N 309 
OL4 H24  H  N N 310 
OL4 H25  H  N N 311 
OL4 H26  H  N N 312 
OL4 H27  H  N N 313 
OL4 H28  H  N N 314 
OL4 H29  H  N N 315 
OL4 H30  H  N N 316 
OL4 H31  H  N N 317 
OL4 H36  H  N N 318 
OL4 H37  H  N N 319 
OL4 H38  H  N N 320 
OL4 H39  H  N N 321 
OL4 H40  H  N N 322 
PHE N    N  N N 323 
PHE CA   C  N S 324 
PHE C    C  N N 325 
PHE O    O  N N 326 
PHE CB   C  N N 327 
PHE CG   C  Y N 328 
PHE CD1  C  Y N 329 
PHE CD2  C  Y N 330 
PHE CE1  C  Y N 331 
PHE CE2  C  Y N 332 
PHE CZ   C  Y N 333 
PHE OXT  O  N N 334 
PHE H    H  N N 335 
PHE H2   H  N N 336 
PHE HA   H  N N 337 
PHE HB2  H  N N 338 
PHE HB3  H  N N 339 
PHE HD1  H  N N 340 
PHE HD2  H  N N 341 
PHE HE1  H  N N 342 
PHE HE2  H  N N 343 
PHE HZ   H  N N 344 
PHE HXT  H  N N 345 
PRO N    N  N N 346 
PRO CA   C  N S 347 
PRO C    C  N N 348 
PRO O    O  N N 349 
PRO CB   C  N N 350 
PRO CG   C  N N 351 
PRO CD   C  N N 352 
PRO OXT  O  N N 353 
PRO H    H  N N 354 
PRO HA   H  N N 355 
PRO HB2  H  N N 356 
PRO HB3  H  N N 357 
PRO HG2  H  N N 358 
PRO HG3  H  N N 359 
PRO HD2  H  N N 360 
PRO HD3  H  N N 361 
PRO HXT  H  N N 362 
SER N    N  N N 363 
SER CA   C  N S 364 
SER C    C  N N 365 
SER O    O  N N 366 
SER CB   C  N N 367 
SER OG   O  N N 368 
SER OXT  O  N N 369 
SER H    H  N N 370 
SER H2   H  N N 371 
SER HA   H  N N 372 
SER HB2  H  N N 373 
SER HB3  H  N N 374 
SER HG   H  N N 375 
SER HXT  H  N N 376 
THR N    N  N N 377 
THR CA   C  N S 378 
THR C    C  N N 379 
THR O    O  N N 380 
THR CB   C  N R 381 
THR OG1  O  N N 382 
THR CG2  C  N N 383 
THR OXT  O  N N 384 
THR H    H  N N 385 
THR H2   H  N N 386 
THR HA   H  N N 387 
THR HB   H  N N 388 
THR HG1  H  N N 389 
THR HG21 H  N N 390 
THR HG22 H  N N 391 
THR HG23 H  N N 392 
THR HXT  H  N N 393 
TRP N    N  N N 394 
TRP CA   C  N S 395 
TRP C    C  N N 396 
TRP O    O  N N 397 
TRP CB   C  N N 398 
TRP CG   C  Y N 399 
TRP CD1  C  Y N 400 
TRP CD2  C  Y N 401 
TRP NE1  N  Y N 402 
TRP CE2  C  Y N 403 
TRP CE3  C  Y N 404 
TRP CZ2  C  Y N 405 
TRP CZ3  C  Y N 406 
TRP CH2  C  Y N 407 
TRP OXT  O  N N 408 
TRP H    H  N N 409 
TRP H2   H  N N 410 
TRP HA   H  N N 411 
TRP HB2  H  N N 412 
TRP HB3  H  N N 413 
TRP HD1  H  N N 414 
TRP HE1  H  N N 415 
TRP HE3  H  N N 416 
TRP HZ2  H  N N 417 
TRP HZ3  H  N N 418 
TRP HH2  H  N N 419 
TRP HXT  H  N N 420 
TYR N    N  N N 421 
TYR CA   C  N S 422 
TYR C    C  N N 423 
TYR O    O  N N 424 
TYR CB   C  N N 425 
TYR CG   C  Y N 426 
TYR CD1  C  Y N 427 
TYR CD2  C  Y N 428 
TYR CE1  C  Y N 429 
TYR CE2  C  Y N 430 
TYR CZ   C  Y N 431 
TYR OH   O  N N 432 
TYR OXT  O  N N 433 
TYR H    H  N N 434 
TYR H2   H  N N 435 
TYR HA   H  N N 436 
TYR HB2  H  N N 437 
TYR HB3  H  N N 438 
TYR HD1  H  N N 439 
TYR HD2  H  N N 440 
TYR HE1  H  N N 441 
TYR HE2  H  N N 442 
TYR HH   H  N N 443 
TYR HXT  H  N N 444 
VAL N    N  N N 445 
VAL CA   C  N S 446 
VAL C    C  N N 447 
VAL O    O  N N 448 
VAL CB   C  N N 449 
VAL CG1  C  N N 450 
VAL CG2  C  N N 451 
VAL OXT  O  N N 452 
VAL H    H  N N 453 
VAL H2   H  N N 454 
VAL HA   H  N N 455 
VAL HB   H  N N 456 
VAL HG11 H  N N 457 
VAL HG12 H  N N 458 
VAL HG13 H  N N 459 
VAL HG21 H  N N 460 
VAL HG22 H  N N 461 
VAL HG23 H  N N 462 
VAL HXT  H  N N 463 
# 
loop_
_chem_comp_bond.comp_id 
_chem_comp_bond.atom_id_1 
_chem_comp_bond.atom_id_2 
_chem_comp_bond.value_order 
_chem_comp_bond.pdbx_aromatic_flag 
_chem_comp_bond.pdbx_stereo_config 
_chem_comp_bond.pdbx_ordinal 
ALA N   CA   sing N N 1   
ALA N   H    sing N N 2   
ALA N   H2   sing N N 3   
ALA CA  C    sing N N 4   
ALA CA  CB   sing N N 5   
ALA CA  HA   sing N N 6   
ALA C   O    doub N N 7   
ALA C   OXT  sing N N 8   
ALA CB  HB1  sing N N 9   
ALA CB  HB2  sing N N 10  
ALA CB  HB3  sing N N 11  
ALA OXT HXT  sing N N 12  
ARG N   CA   sing N N 13  
ARG N   H    sing N N 14  
ARG N   H2   sing N N 15  
ARG CA  C    sing N N 16  
ARG CA  CB   sing N N 17  
ARG CA  HA   sing N N 18  
ARG C   O    doub N N 19  
ARG C   OXT  sing N N 20  
ARG CB  CG   sing N N 21  
ARG CB  HB2  sing N N 22  
ARG CB  HB3  sing N N 23  
ARG CG  CD   sing N N 24  
ARG CG  HG2  sing N N 25  
ARG CG  HG3  sing N N 26  
ARG CD  NE   sing N N 27  
ARG CD  HD2  sing N N 28  
ARG CD  HD3  sing N N 29  
ARG NE  CZ   sing N N 30  
ARG NE  HE   sing N N 31  
ARG CZ  NH1  sing N N 32  
ARG CZ  NH2  doub N N 33  
ARG NH1 HH11 sing N N 34  
ARG NH1 HH12 sing N N 35  
ARG NH2 HH21 sing N N 36  
ARG NH2 HH22 sing N N 37  
ARG OXT HXT  sing N N 38  
ASN N   CA   sing N N 39  
ASN N   H    sing N N 40  
ASN N   H2   sing N N 41  
ASN CA  C    sing N N 42  
ASN CA  CB   sing N N 43  
ASN CA  HA   sing N N 44  
ASN C   O    doub N N 45  
ASN C   OXT  sing N N 46  
ASN CB  CG   sing N N 47  
ASN CB  HB2  sing N N 48  
ASN CB  HB3  sing N N 49  
ASN CG  OD1  doub N N 50  
ASN CG  ND2  sing N N 51  
ASN ND2 HD21 sing N N 52  
ASN ND2 HD22 sing N N 53  
ASN OXT HXT  sing N N 54  
ASP N   CA   sing N N 55  
ASP N   H    sing N N 56  
ASP N   H2   sing N N 57  
ASP CA  C    sing N N 58  
ASP CA  CB   sing N N 59  
ASP CA  HA   sing N N 60  
ASP C   O    doub N N 61  
ASP C   OXT  sing N N 62  
ASP CB  CG   sing N N 63  
ASP CB  HB2  sing N N 64  
ASP CB  HB3  sing N N 65  
ASP CG  OD1  doub N N 66  
ASP CG  OD2  sing N N 67  
ASP OD2 HD2  sing N N 68  
ASP OXT HXT  sing N N 69  
GLN N   CA   sing N N 70  
GLN N   H    sing N N 71  
GLN N   H2   sing N N 72  
GLN CA  C    sing N N 73  
GLN CA  CB   sing N N 74  
GLN CA  HA   sing N N 75  
GLN C   O    doub N N 76  
GLN C   OXT  sing N N 77  
GLN CB  CG   sing N N 78  
GLN CB  HB2  sing N N 79  
GLN CB  HB3  sing N N 80  
GLN CG  CD   sing N N 81  
GLN CG  HG2  sing N N 82  
GLN CG  HG3  sing N N 83  
GLN CD  OE1  doub N N 84  
GLN CD  NE2  sing N N 85  
GLN NE2 HE21 sing N N 86  
GLN NE2 HE22 sing N N 87  
GLN OXT HXT  sing N N 88  
GLU N   CA   sing N N 89  
GLU N   H    sing N N 90  
GLU N   H2   sing N N 91  
GLU CA  C    sing N N 92  
GLU CA  CB   sing N N 93  
GLU CA  HA   sing N N 94  
GLU C   O    doub N N 95  
GLU C   OXT  sing N N 96  
GLU CB  CG   sing N N 97  
GLU CB  HB2  sing N N 98  
GLU CB  HB3  sing N N 99  
GLU CG  CD   sing N N 100 
GLU CG  HG2  sing N N 101 
GLU CG  HG3  sing N N 102 
GLU CD  OE1  doub N N 103 
GLU CD  OE2  sing N N 104 
GLU OE2 HE2  sing N N 105 
GLU OXT HXT  sing N N 106 
GLY N   CA   sing N N 107 
GLY N   H    sing N N 108 
GLY N   H2   sing N N 109 
GLY CA  C    sing N N 110 
GLY CA  HA2  sing N N 111 
GLY CA  HA3  sing N N 112 
GLY C   O    doub N N 113 
GLY C   OXT  sing N N 114 
GLY OXT HXT  sing N N 115 
HIS N   CA   sing N N 116 
HIS N   H    sing N N 117 
HIS N   H2   sing N N 118 
HIS CA  C    sing N N 119 
HIS CA  CB   sing N N 120 
HIS CA  HA   sing N N 121 
HIS C   O    doub N N 122 
HIS C   OXT  sing N N 123 
HIS CB  CG   sing N N 124 
HIS CB  HB2  sing N N 125 
HIS CB  HB3  sing N N 126 
HIS CG  ND1  sing Y N 127 
HIS CG  CD2  doub Y N 128 
HIS ND1 CE1  doub Y N 129 
HIS ND1 HD1  sing N N 130 
HIS CD2 NE2  sing Y N 131 
HIS CD2 HD2  sing N N 132 
HIS CE1 NE2  sing Y N 133 
HIS CE1 HE1  sing N N 134 
HIS NE2 HE2  sing N N 135 
HIS OXT HXT  sing N N 136 
HOH O   H1   sing N N 137 
HOH O   H2   sing N N 138 
ILE N   CA   sing N N 139 
ILE N   H    sing N N 140 
ILE N   H2   sing N N 141 
ILE CA  C    sing N N 142 
ILE CA  CB   sing N N 143 
ILE CA  HA   sing N N 144 
ILE C   O    doub N N 145 
ILE C   OXT  sing N N 146 
ILE CB  CG1  sing N N 147 
ILE CB  CG2  sing N N 148 
ILE CB  HB   sing N N 149 
ILE CG1 CD1  sing N N 150 
ILE CG1 HG12 sing N N 151 
ILE CG1 HG13 sing N N 152 
ILE CG2 HG21 sing N N 153 
ILE CG2 HG22 sing N N 154 
ILE CG2 HG23 sing N N 155 
ILE CD1 HD11 sing N N 156 
ILE CD1 HD12 sing N N 157 
ILE CD1 HD13 sing N N 158 
ILE OXT HXT  sing N N 159 
LEU N   CA   sing N N 160 
LEU N   H    sing N N 161 
LEU N   H2   sing N N 162 
LEU CA  C    sing N N 163 
LEU CA  CB   sing N N 164 
LEU CA  HA   sing N N 165 
LEU C   O    doub N N 166 
LEU C   OXT  sing N N 167 
LEU CB  CG   sing N N 168 
LEU CB  HB2  sing N N 169 
LEU CB  HB3  sing N N 170 
LEU CG  CD1  sing N N 171 
LEU CG  CD2  sing N N 172 
LEU CG  HG   sing N N 173 
LEU CD1 HD11 sing N N 174 
LEU CD1 HD12 sing N N 175 
LEU CD1 HD13 sing N N 176 
LEU CD2 HD21 sing N N 177 
LEU CD2 HD22 sing N N 178 
LEU CD2 HD23 sing N N 179 
LEU OXT HXT  sing N N 180 
LYS N   CA   sing N N 181 
LYS N   H    sing N N 182 
LYS N   H2   sing N N 183 
LYS CA  C    sing N N 184 
LYS CA  CB   sing N N 185 
LYS CA  HA   sing N N 186 
LYS C   O    doub N N 187 
LYS C   OXT  sing N N 188 
LYS CB  CG   sing N N 189 
LYS CB  HB2  sing N N 190 
LYS CB  HB3  sing N N 191 
LYS CG  CD   sing N N 192 
LYS CG  HG2  sing N N 193 
LYS CG  HG3  sing N N 194 
LYS CD  CE   sing N N 195 
LYS CD  HD2  sing N N 196 
LYS CD  HD3  sing N N 197 
LYS CE  NZ   sing N N 198 
LYS CE  HE2  sing N N 199 
LYS CE  HE3  sing N N 200 
LYS NZ  HZ1  sing N N 201 
LYS NZ  HZ2  sing N N 202 
LYS NZ  HZ3  sing N N 203 
LYS OXT HXT  sing N N 204 
MET N   CA   sing N N 205 
MET N   H    sing N N 206 
MET N   H2   sing N N 207 
MET CA  C    sing N N 208 
MET CA  CB   sing N N 209 
MET CA  HA   sing N N 210 
MET C   O    doub N N 211 
MET C   OXT  sing N N 212 
MET CB  CG   sing N N 213 
MET CB  HB2  sing N N 214 
MET CB  HB3  sing N N 215 
MET CG  SD   sing N N 216 
MET CG  HG2  sing N N 217 
MET CG  HG3  sing N N 218 
MET SD  CE   sing N N 219 
MET CE  HE1  sing N N 220 
MET CE  HE2  sing N N 221 
MET CE  HE3  sing N N 222 
MET OXT HXT  sing N N 223 
OL4 O04 C13  doub N N 224 
OL4 C13 N03  sing N N 225 
OL4 C13 N02  sing N N 226 
OL4 N03 C11  sing N N 227 
OL4 C11 C10  sing N N 228 
OL4 C11 C12  sing N N 229 
OL4 C10 S01  sing N N 230 
OL4 S01 C09  sing N N 231 
OL4 N02 C12  sing N N 232 
OL4 C12 C09  sing N N 233 
OL4 C09 C08  sing N N 234 
OL4 C08 C07  sing N N 235 
OL4 C07 C06  sing N N 236 
OL4 C06 C05  sing N N 237 
OL4 C05 C01  sing N N 238 
OL4 C01 O01  doub N N 239 
OL4 C01 N01  sing N N 240 
OL4 N01 C02  sing N N 241 
OL4 C02 C37  sing N N 242 
OL4 C37 C04  sing N N 243 
OL4 C04 O14  sing N N 244 
OL4 C04 O03  sing N N 245 
OL4 O14 CO2  sing N N 246 
OL4 O03 CO4  sing N N 247 
OL4 CO4 O05  sing N N 248 
OL4 CO4 O07  sing N N 249 
OL4 CO4 O12  sing N N 250 
OL4 CO4 O15  sing N N 251 
OL4 O05 CO1  sing N N 252 
OL4 O05 CO2  sing N N 253 
OL4 O07 CO1  sing N N 254 
OL4 O07 CO3  sing N N 255 
OL4 CO1 O10  sing N N 256 
OL4 CO1 O06  sing N N 257 
OL4 N04 C22  doub Y N 258 
OL4 N04 C18  sing Y N 259 
OL4 C22 C21  sing Y N 260 
OL4 C21 C20  doub Y N 261 
OL4 C20 C19  sing Y N 262 
OL4 C19 C18  doub Y N 263 
OL4 O12 CO3  sing N N 264 
OL4 O12 CO2  sing N N 265 
OL4 CO3 N06  sing N N 266 
OL4 CO3 O16  sing N N 267 
OL4 CO3 O06  sing N N 268 
OL4 N06 C34  doub Y N 269 
OL4 N06 C28  sing Y N 270 
OL4 C34 C35  sing Y N 271 
OL4 C35 C30  doub Y N 272 
OL4 C30 C29  sing Y N 273 
OL4 C29 C28  doub Y N 274 
OL4 O06 CO2  sing N N 275 
OL4 CO2 O09  sing N N 276 
OL4 CO2 N05  sing N N 277 
OL4 N05 C32  doub Y N 278 
OL4 N05 C24  sing Y N 279 
OL4 C32 C33  sing Y N 280 
OL4 C33 C26  doub Y N 281 
OL4 C26 C25  sing Y N 282 
OL4 C25 C24  doub Y N 283 
OL4 CO1 N04  sing N N 284 
OL4 N03 H1   sing N N 285 
OL4 C11 H2   sing N N 286 
OL4 C10 H3   sing N N 287 
OL4 C10 H4   sing N N 288 
OL4 N02 H5   sing N N 289 
OL4 C12 H6   sing N N 290 
OL4 C09 H7   sing N N 291 
OL4 C08 H8   sing N N 292 
OL4 C08 H9   sing N N 293 
OL4 C07 H10  sing N N 294 
OL4 C07 H11  sing N N 295 
OL4 C06 H12  sing N N 296 
OL4 C06 H13  sing N N 297 
OL4 C05 H14  sing N N 298 
OL4 C05 H15  sing N N 299 
OL4 N01 H16  sing N N 300 
OL4 C02 H17  sing N N 301 
OL4 C02 H18  sing N N 302 
OL4 C37 H19  sing N N 303 
OL4 C37 H20  sing N N 304 
OL4 C04 H21  sing N N 305 
OL4 C22 H22  sing N N 306 
OL4 C21 H23  sing N N 307 
OL4 C20 H24  sing N N 308 
OL4 C19 H25  sing N N 309 
OL4 C18 H26  sing N N 310 
OL4 C34 H27  sing N N 311 
OL4 C35 H28  sing N N 312 
OL4 C30 H29  sing N N 313 
OL4 C29 H30  sing N N 314 
OL4 C28 H31  sing N N 315 
OL4 C32 H36  sing N N 316 
OL4 C33 H37  sing N N 317 
OL4 C26 H38  sing N N 318 
OL4 C25 H39  sing N N 319 
OL4 C24 H40  sing N N 320 
PHE N   CA   sing N N 321 
PHE N   H    sing N N 322 
PHE N   H2   sing N N 323 
PHE CA  C    sing N N 324 
PHE CA  CB   sing N N 325 
PHE CA  HA   sing N N 326 
PHE C   O    doub N N 327 
PHE C   OXT  sing N N 328 
PHE CB  CG   sing N N 329 
PHE CB  HB2  sing N N 330 
PHE CB  HB3  sing N N 331 
PHE CG  CD1  doub Y N 332 
PHE CG  CD2  sing Y N 333 
PHE CD1 CE1  sing Y N 334 
PHE CD1 HD1  sing N N 335 
PHE CD2 CE2  doub Y N 336 
PHE CD2 HD2  sing N N 337 
PHE CE1 CZ   doub Y N 338 
PHE CE1 HE1  sing N N 339 
PHE CE2 CZ   sing Y N 340 
PHE CE2 HE2  sing N N 341 
PHE CZ  HZ   sing N N 342 
PHE OXT HXT  sing N N 343 
PRO N   CA   sing N N 344 
PRO N   CD   sing N N 345 
PRO N   H    sing N N 346 
PRO CA  C    sing N N 347 
PRO CA  CB   sing N N 348 
PRO CA  HA   sing N N 349 
PRO C   O    doub N N 350 
PRO C   OXT  sing N N 351 
PRO CB  CG   sing N N 352 
PRO CB  HB2  sing N N 353 
PRO CB  HB3  sing N N 354 
PRO CG  CD   sing N N 355 
PRO CG  HG2  sing N N 356 
PRO CG  HG3  sing N N 357 
PRO CD  HD2  sing N N 358 
PRO CD  HD3  sing N N 359 
PRO OXT HXT  sing N N 360 
SER N   CA   sing N N 361 
SER N   H    sing N N 362 
SER N   H2   sing N N 363 
SER CA  C    sing N N 364 
SER CA  CB   sing N N 365 
SER CA  HA   sing N N 366 
SER C   O    doub N N 367 
SER C   OXT  sing N N 368 
SER CB  OG   sing N N 369 
SER CB  HB2  sing N N 370 
SER CB  HB3  sing N N 371 
SER OG  HG   sing N N 372 
SER OXT HXT  sing N N 373 
THR N   CA   sing N N 374 
THR N   H    sing N N 375 
THR N   H2   sing N N 376 
THR CA  C    sing N N 377 
THR CA  CB   sing N N 378 
THR CA  HA   sing N N 379 
THR C   O    doub N N 380 
THR C   OXT  sing N N 381 
THR CB  OG1  sing N N 382 
THR CB  CG2  sing N N 383 
THR CB  HB   sing N N 384 
THR OG1 HG1  sing N N 385 
THR CG2 HG21 sing N N 386 
THR CG2 HG22 sing N N 387 
THR CG2 HG23 sing N N 388 
THR OXT HXT  sing N N 389 
TRP N   CA   sing N N 390 
TRP N   H    sing N N 391 
TRP N   H2   sing N N 392 
TRP CA  C    sing N N 393 
TRP CA  CB   sing N N 394 
TRP CA  HA   sing N N 395 
TRP C   O    doub N N 396 
TRP C   OXT  sing N N 397 
TRP CB  CG   sing N N 398 
TRP CB  HB2  sing N N 399 
TRP CB  HB3  sing N N 400 
TRP CG  CD1  doub Y N 401 
TRP CG  CD2  sing Y N 402 
TRP CD1 NE1  sing Y N 403 
TRP CD1 HD1  sing N N 404 
TRP CD2 CE2  doub Y N 405 
TRP CD2 CE3  sing Y N 406 
TRP NE1 CE2  sing Y N 407 
TRP NE1 HE1  sing N N 408 
TRP CE2 CZ2  sing Y N 409 
TRP CE3 CZ3  doub Y N 410 
TRP CE3 HE3  sing N N 411 
TRP CZ2 CH2  doub Y N 412 
TRP CZ2 HZ2  sing N N 413 
TRP CZ3 CH2  sing Y N 414 
TRP CZ3 HZ3  sing N N 415 
TRP CH2 HH2  sing N N 416 
TRP OXT HXT  sing N N 417 
TYR N   CA   sing N N 418 
TYR N   H    sing N N 419 
TYR N   H2   sing N N 420 
TYR CA  C    sing N N 421 
TYR CA  CB   sing N N 422 
TYR CA  HA   sing N N 423 
TYR C   O    doub N N 424 
TYR C   OXT  sing N N 425 
TYR CB  CG   sing N N 426 
TYR CB  HB2  sing N N 427 
TYR CB  HB3  sing N N 428 
TYR CG  CD1  doub Y N 429 
TYR CG  CD2  sing Y N 430 
TYR CD1 CE1  sing Y N 431 
TYR CD1 HD1  sing N N 432 
TYR CD2 CE2  doub Y N 433 
TYR CD2 HD2  sing N N 434 
TYR CE1 CZ   doub Y N 435 
TYR CE1 HE1  sing N N 436 
TYR CE2 CZ   sing Y N 437 
TYR CE2 HE2  sing N N 438 
TYR CZ  OH   sing N N 439 
TYR OH  HH   sing N N 440 
TYR OXT HXT  sing N N 441 
VAL N   CA   sing N N 442 
VAL N   H    sing N N 443 
VAL N   H2   sing N N 444 
VAL CA  C    sing N N 445 
VAL CA  CB   sing N N 446 
VAL CA  HA   sing N N 447 
VAL C   O    doub N N 448 
VAL C   OXT  sing N N 449 
VAL CB  CG1  sing N N 450 
VAL CB  CG2  sing N N 451 
VAL CB  HB   sing N N 452 
VAL CG1 HG11 sing N N 453 
VAL CG1 HG12 sing N N 454 
VAL CG1 HG13 sing N N 455 
VAL CG2 HG21 sing N N 456 
VAL CG2 HG22 sing N N 457 
VAL CG2 HG23 sing N N 458 
VAL OXT HXT  sing N N 459 
# 
_pdbx_audit_support.funding_organization   
'National Institutes of Health/National Institute of General Medical Sciences (NIH/NIGMS)' 
_pdbx_audit_support.country                'United States' 
_pdbx_audit_support.grant_number           GM120349 
_pdbx_audit_support.ordinal                1 
# 
loop_
_pdbx_entity_nonpoly.entity_id 
_pdbx_entity_nonpoly.name 
_pdbx_entity_nonpoly.comp_id 
2 'N-biotin-C-Co4(mu3-O)4(Py)3(H2O)4-beta-alanine' OL4 
3 water                                            HOH 
# 
_pdbx_initial_refinement_model.id               1 
_pdbx_initial_refinement_model.entity_id_list   ? 
_pdbx_initial_refinement_model.type             'experimental model' 
_pdbx_initial_refinement_model.source_name      PDB 
_pdbx_initial_refinement_model.accession_code   2QCB 
_pdbx_initial_refinement_model.details          ? 
# 
_pdbx_struct_assembly_auth_evidence.id                     1 
_pdbx_struct_assembly_auth_evidence.assembly_id            1 
_pdbx_struct_assembly_auth_evidence.experimental_support   'gel filtration' 
_pdbx_struct_assembly_auth_evidence.details                ? 
# 
